data_1O9I
#
_entry.id   1O9I
#
_cell.length_a   73.490
_cell.length_b   95.270
_cell.length_c   105.000
_cell.angle_alpha   90.00
_cell.angle_beta   106.55
_cell.angle_gamma   90.00
#
_symmetry.space_group_name_H-M   'P 1 21 1'
#
loop_
_entity.id
_entity.type
_entity.pdbx_description
1 polymer 'Manganese catalase'
2 non-polymer 'MANGANESE (III) ION'
3 non-polymer 'CALCIUM ION'
4 non-polymer 'OXYGEN ATOM'
5 non-polymer '2-(N-MORPHOLINO)-ETHANESULFONIC ACID'
6 non-polymer 'SODIUM ION'
7 water water
#
_entity_poly.entity_id   1
_entity_poly.type   'polypeptide(L)'
_entity_poly.pdbx_seq_one_letter_code
;MFKHTRKLQYNAKPDRSDPIMARRLQESLGGQWGETTGMMSFLSQGWASTGAEKYKDLLLDTGTEEMAHVEMISTMIGYL
LEDAPFGPEDLKRDPSLATTMAGMDPEHSLVHGLNASLNNPNGAAWNAGYVTSSGNLVADMRFNVVRESEARLQVSRLYS
MTEDEGVRDMLKFLLARETQHQLQFMKAQEELEEKYGIIVPGDMKEIEHSEFSHVLMNFSDGDGSKAFEGQVAKDGEKFT
YQENPEAMGGIPHIKPGDPRLHNHQG
;
_entity_poly.pdbx_strand_id   A,B,C,D,E,F
#
loop_
_chem_comp.id
_chem_comp.type
_chem_comp.name
_chem_comp.formula
CA non-polymer 'CALCIUM ION' 'Ca 2'
MES non-polymer '2-(N-MORPHOLINO)-ETHANESULFONIC ACID' 'C6 H13 N O4 S'
MN3 non-polymer 'MANGANESE (III) ION' 'Mn 3'
NA non-polymer 'SODIUM ION' 'Na 1'
O non-polymer 'OXYGEN ATOM' O
#
# COMPACT_ATOMS: atom_id res chain seq x y z
N MET A 1 15.58 -26.11 5.69
CA MET A 1 16.72 -25.22 5.21
C MET A 1 16.82 -25.36 3.69
N PHE A 2 17.44 -24.39 3.03
CA PHE A 2 17.61 -24.43 1.59
C PHE A 2 19.08 -24.39 1.20
N LYS A 3 19.34 -24.86 -0.01
CA LYS A 3 20.63 -24.74 -0.66
C LYS A 3 20.39 -24.27 -2.08
N HIS A 4 21.40 -23.62 -2.64
CA HIS A 4 21.30 -23.00 -3.95
C HIS A 4 22.42 -23.47 -4.87
N THR A 5 22.04 -23.71 -6.13
CA THR A 5 23.02 -23.88 -7.20
C THR A 5 22.89 -22.74 -8.19
N ARG A 6 24.01 -22.30 -8.72
CA ARG A 6 23.99 -21.20 -9.68
C ARG A 6 23.28 -21.60 -10.99
N LYS A 7 23.20 -22.90 -11.26
CA LYS A 7 22.56 -23.35 -12.48
C LYS A 7 21.05 -23.10 -12.42
N LEU A 8 20.53 -22.50 -13.45
CA LEU A 8 19.08 -22.28 -13.53
C LEU A 8 18.30 -23.60 -13.74
N GLN A 9 17.05 -23.65 -13.29
CA GLN A 9 16.26 -24.84 -13.54
C GLN A 9 16.15 -25.09 -15.04
N TYR A 10 15.89 -24.02 -15.79
CA TYR A 10 15.75 -24.11 -17.24
C TYR A 10 16.24 -22.81 -17.86
N ASN A 11 16.57 -22.85 -19.14
CA ASN A 11 17.00 -21.68 -19.90
C ASN A 11 16.18 -20.43 -19.59
N ALA A 12 16.87 -19.32 -19.35
CA ALA A 12 16.21 -18.04 -19.10
C ALA A 12 16.98 -16.93 -19.80
N LYS A 13 17.34 -17.17 -21.05
CA LYS A 13 18.13 -16.21 -21.79
C LYS A 13 17.46 -15.90 -23.12
N PRO A 14 17.27 -14.63 -23.43
CA PRO A 14 16.64 -14.24 -24.69
C PRO A 14 17.66 -14.21 -25.81
N ASP A 15 17.20 -14.28 -27.03
CA ASP A 15 18.11 -14.12 -28.16
C ASP A 15 18.61 -12.67 -28.27
N ARG A 16 17.76 -11.72 -27.90
CA ARG A 16 18.13 -10.33 -27.97
C ARG A 16 17.47 -9.53 -26.86
N SER A 17 17.99 -8.32 -26.65
CA SER A 17 17.43 -7.47 -25.64
C SER A 17 16.04 -6.93 -26.08
N ASP A 18 15.24 -6.56 -25.09
CA ASP A 18 13.91 -5.98 -25.34
C ASP A 18 13.41 -5.44 -24.00
N PRO A 19 13.63 -4.16 -23.74
CA PRO A 19 13.28 -3.61 -22.42
C PRO A 19 11.79 -3.46 -22.20
N ILE A 20 11.02 -3.49 -23.27
CA ILE A 20 9.58 -3.48 -23.15
C ILE A 20 9.08 -4.82 -22.65
N MET A 21 9.61 -5.90 -23.21
CA MET A 21 9.30 -7.22 -22.71
C MET A 21 9.80 -7.37 -21.28
N ALA A 22 10.95 -6.80 -20.94
CA ALA A 22 11.43 -6.83 -19.56
C ALA A 22 10.37 -6.28 -18.62
N ARG A 23 9.78 -5.15 -19.02
CA ARG A 23 8.73 -4.54 -18.23
C ARG A 23 7.52 -5.46 -18.11
N ARG A 24 7.11 -6.08 -19.22
CA ARG A 24 5.99 -7.02 -19.13
C ARG A 24 6.25 -8.16 -18.17
N LEU A 25 7.46 -8.72 -18.22
CA LEU A 25 7.79 -9.87 -17.38
C LEU A 25 7.87 -9.51 -15.91
N GLN A 26 7.89 -8.22 -15.58
CA GLN A 26 7.79 -7.84 -14.17
C GLN A 26 6.48 -8.37 -13.59
N GLU A 27 5.46 -8.57 -14.42
CA GLU A 27 4.21 -9.16 -13.93
C GLU A 27 4.47 -10.55 -13.35
N SER A 28 5.29 -11.34 -14.03
CA SER A 28 5.61 -12.68 -13.58
C SER A 28 6.54 -12.73 -12.40
N LEU A 29 7.25 -11.66 -12.13
CA LEU A 29 8.15 -11.59 -11.00
C LEU A 29 7.45 -10.98 -9.79
N GLY A 30 6.98 -9.75 -9.94
CA GLY A 30 6.43 -9.02 -8.81
C GLY A 30 4.92 -8.81 -8.81
N GLY A 31 4.21 -9.42 -9.77
CA GLY A 31 2.78 -9.25 -9.90
C GLY A 31 1.95 -10.11 -8.98
N GLN A 32 0.68 -9.76 -8.94
CA GLN A 32 -0.34 -10.41 -8.16
C GLN A 32 -0.28 -11.93 -8.24
N TRP A 33 -0.24 -12.47 -9.45
CA TRP A 33 -0.25 -13.90 -9.65
C TRP A 33 1.08 -14.48 -10.09
N GLY A 34 2.16 -13.74 -9.90
CA GLY A 34 3.48 -14.12 -10.36
C GLY A 34 4.17 -15.12 -9.45
N GLU A 35 5.42 -15.38 -9.81
CA GLU A 35 6.18 -16.46 -9.21
C GLU A 35 6.46 -16.22 -7.74
N THR A 36 6.58 -14.96 -7.34
CA THR A 36 6.82 -14.67 -5.93
C THR A 36 5.58 -14.99 -5.14
N THR A 37 4.39 -14.75 -5.69
CA THR A 37 3.17 -15.16 -5.03
C THR A 37 3.11 -16.66 -4.87
N GLY A 38 3.51 -17.39 -5.91
CA GLY A 38 3.48 -18.84 -5.80
C GLY A 38 4.43 -19.33 -4.72
N MET A 39 5.64 -18.82 -4.79
CA MET A 39 6.71 -19.20 -3.88
C MET A 39 6.25 -18.98 -2.44
N MET A 40 5.79 -17.78 -2.14
CA MET A 40 5.45 -17.46 -0.76
C MET A 40 4.19 -18.14 -0.29
N SER A 41 3.23 -18.34 -1.21
CA SER A 41 1.99 -19.03 -0.84
C SER A 41 2.27 -20.52 -0.54
N PHE A 42 2.98 -21.18 -1.45
CA PHE A 42 3.16 -22.61 -1.28
C PHE A 42 4.08 -22.91 -0.09
N LEU A 43 5.14 -22.15 0.08
CA LEU A 43 6.02 -22.30 1.24
C LEU A 43 5.28 -22.04 2.53
N SER A 44 4.57 -20.93 2.61
CA SER A 44 3.86 -20.62 3.85
C SER A 44 2.80 -21.68 4.19
N GLN A 45 2.03 -22.11 3.19
CA GLN A 45 1.06 -23.19 3.39
C GLN A 45 1.78 -24.46 3.83
N GLY A 46 2.89 -24.76 3.16
CA GLY A 46 3.62 -25.96 3.49
C GLY A 46 4.15 -25.97 4.91
N TRP A 47 4.71 -24.86 5.34
CA TRP A 47 5.25 -24.73 6.69
C TRP A 47 4.12 -24.80 7.70
N ALA A 48 2.93 -24.33 7.35
CA ALA A 48 1.79 -24.30 8.26
C ALA A 48 1.08 -25.65 8.35
N SER A 49 1.29 -26.57 7.42
CA SER A 49 0.51 -27.78 7.47
C SER A 49 0.96 -28.74 8.57
N THR A 50 -0.02 -29.28 9.29
CA THR A 50 0.19 -30.32 10.30
C THR A 50 -0.44 -31.64 9.87
N GLY A 51 -0.88 -31.71 8.63
CA GLY A 51 -1.63 -32.84 8.15
C GLY A 51 -0.86 -33.77 7.26
N ALA A 52 -1.57 -34.32 6.29
CA ALA A 52 -1.02 -35.37 5.46
C ALA A 52 0.30 -34.93 4.79
N GLU A 53 1.33 -35.77 4.90
CA GLU A 53 2.60 -35.49 4.29
C GLU A 53 2.50 -35.42 2.78
N LYS A 54 1.57 -36.15 2.16
CA LYS A 54 1.41 -36.04 0.73
C LYS A 54 1.26 -34.59 0.28
N TYR A 55 0.43 -33.85 0.99
CA TYR A 55 0.18 -32.47 0.61
C TYR A 55 1.20 -31.50 1.19
N LYS A 56 1.70 -31.71 2.41
CA LYS A 56 2.69 -30.83 3.00
C LYS A 56 3.95 -30.88 2.11
N ASP A 57 4.35 -32.08 1.72
CA ASP A 57 5.53 -32.22 0.90
C ASP A 57 5.27 -31.66 -0.52
N LEU A 58 4.10 -31.87 -1.07
CA LEU A 58 3.80 -31.28 -2.37
C LEU A 58 3.99 -29.77 -2.32
N LEU A 59 3.48 -29.15 -1.26
CA LEU A 59 3.59 -27.70 -1.14
C LEU A 59 5.02 -27.21 -1.04
N LEU A 60 5.85 -27.88 -0.24
CA LEU A 60 7.22 -27.49 -0.07
C LEU A 60 8.01 -27.80 -1.34
N ASP A 61 7.67 -28.89 -2.01
CA ASP A 61 8.31 -29.20 -3.29
C ASP A 61 8.05 -28.02 -4.23
N THR A 62 6.78 -27.63 -4.34
CA THR A 62 6.40 -26.65 -5.34
C THR A 62 6.82 -25.25 -5.00
N GLY A 63 6.73 -24.88 -3.73
CA GLY A 63 7.22 -23.58 -3.32
C GLY A 63 8.72 -23.41 -3.59
N THR A 64 9.46 -24.50 -3.39
CA THR A 64 10.90 -24.48 -3.67
C THR A 64 11.14 -24.37 -5.17
N GLU A 65 10.36 -25.08 -5.97
CA GLU A 65 10.45 -24.89 -7.40
C GLU A 65 10.15 -23.47 -7.82
N GLU A 66 9.15 -22.85 -7.21
CA GLU A 66 8.80 -21.50 -7.62
C GLU A 66 9.96 -20.54 -7.36
N MET A 67 10.79 -20.81 -6.35
CA MET A 67 11.96 -19.98 -6.13
C MET A 67 12.90 -20.04 -7.35
N ALA A 68 12.99 -21.21 -7.96
CA ALA A 68 13.78 -21.33 -9.20
C ALA A 68 13.19 -20.47 -10.29
N HIS A 69 11.87 -20.37 -10.33
CA HIS A 69 11.22 -19.56 -11.34
C HIS A 69 11.40 -18.08 -11.07
N VAL A 70 11.36 -17.67 -9.80
CA VAL A 70 11.67 -16.30 -9.46
C VAL A 70 13.06 -15.95 -9.99
N GLU A 71 14.02 -16.84 -9.75
CA GLU A 71 15.39 -16.67 -10.25
C GLU A 71 15.43 -16.56 -11.77
N MET A 72 14.70 -17.45 -12.44
CA MET A 72 14.61 -17.40 -13.90
C MET A 72 14.06 -16.10 -14.44
N ILE A 73 12.94 -15.64 -13.88
CA ILE A 73 12.37 -14.40 -14.40
C ILE A 73 13.29 -13.22 -14.10
N SER A 74 13.89 -13.19 -12.91
CA SER A 74 14.81 -12.11 -12.58
C SER A 74 15.98 -12.06 -13.55
N THR A 75 16.46 -13.24 -13.91
CA THR A 75 17.57 -13.36 -14.82
C THR A 75 17.19 -12.93 -16.25
N MET A 76 16.04 -13.40 -16.71
CA MET A 76 15.56 -13.03 -18.04
C MET A 76 15.40 -11.53 -18.16
N ILE A 77 14.81 -10.91 -17.15
CA ILE A 77 14.66 -9.47 -17.14
C ILE A 77 16.02 -8.78 -17.25
N GLY A 78 17.01 -9.24 -16.49
CA GLY A 78 18.33 -8.67 -16.59
C GLY A 78 18.92 -8.77 -17.99
N TYR A 79 18.79 -9.93 -18.61
CA TYR A 79 19.26 -10.05 -19.98
C TYR A 79 18.51 -9.10 -20.91
N LEU A 80 17.20 -9.03 -20.73
CA LEU A 80 16.37 -8.22 -21.62
C LEU A 80 16.64 -6.73 -21.50
N LEU A 81 17.19 -6.31 -20.36
CA LEU A 81 17.53 -4.90 -20.14
C LEU A 81 18.92 -4.53 -20.63
N GLU A 82 19.66 -5.48 -21.18
CA GLU A 82 20.98 -5.17 -21.69
C GLU A 82 20.86 -4.06 -22.74
N ASP A 83 21.75 -3.07 -22.64
CA ASP A 83 21.82 -1.98 -23.60
C ASP A 83 20.56 -1.14 -23.74
N ALA A 84 19.65 -1.19 -22.77
CA ALA A 84 18.41 -0.43 -22.90
C ALA A 84 18.71 1.07 -22.90
N PRO A 85 17.92 1.84 -23.63
CA PRO A 85 18.16 3.28 -23.69
C PRO A 85 17.64 3.98 -22.42
N PHE A 86 18.38 4.98 -21.96
CA PHE A 86 17.96 5.75 -20.81
C PHE A 86 18.36 7.19 -20.77
N GLY A 87 19.09 7.70 -21.77
CA GLY A 87 19.43 9.10 -21.74
C GLY A 87 19.84 9.66 -23.10
N PRO A 88 20.21 10.93 -23.11
CA PRO A 88 20.58 11.60 -24.35
C PRO A 88 21.60 10.87 -25.21
N GLU A 89 22.62 10.25 -24.63
CA GLU A 89 23.61 9.54 -25.46
C GLU A 89 22.94 8.48 -26.33
N ASP A 90 21.93 7.82 -25.79
CA ASP A 90 21.23 6.80 -26.54
C ASP A 90 20.42 7.43 -27.66
N LEU A 91 19.75 8.54 -27.36
CA LEU A 91 18.93 9.23 -28.35
C LEU A 91 19.76 9.79 -29.49
N LYS A 92 20.97 10.23 -29.19
CA LYS A 92 21.85 10.75 -30.22
C LYS A 92 22.25 9.65 -31.18
N ARG A 93 22.48 8.46 -30.65
CA ARG A 93 22.83 7.30 -31.44
C ARG A 93 21.65 6.90 -32.33
N ASP A 94 20.44 6.93 -31.77
CA ASP A 94 19.25 6.54 -32.51
C ASP A 94 18.02 7.20 -31.94
N PRO A 95 17.59 8.30 -32.54
CA PRO A 95 16.45 9.04 -32.00
C PRO A 95 15.15 8.27 -31.88
N SER A 96 15.01 7.18 -32.60
CA SER A 96 13.79 6.40 -32.55
C SER A 96 13.70 5.66 -31.23
N LEU A 97 14.80 5.60 -30.49
CA LEU A 97 14.78 4.94 -29.17
C LEU A 97 13.91 5.69 -28.20
N ALA A 98 13.46 6.92 -28.51
CA ALA A 98 12.53 7.63 -27.66
C ALA A 98 11.27 6.82 -27.42
N THR A 99 10.83 6.08 -28.45
CA THR A 99 9.62 5.28 -28.30
C THR A 99 9.85 4.18 -27.27
N THR A 100 11.00 3.53 -27.39
CA THR A 100 11.33 2.47 -26.46
C THR A 100 11.41 3.06 -25.04
N MET A 101 12.11 4.18 -24.91
CA MET A 101 12.24 4.83 -23.60
C MET A 101 10.88 5.13 -23.00
N ALA A 102 9.96 5.64 -23.81
CA ALA A 102 8.65 5.98 -23.32
C ALA A 102 7.88 4.80 -22.77
N GLY A 103 8.08 3.63 -23.38
CA GLY A 103 7.40 2.43 -22.93
C GLY A 103 8.10 1.69 -21.80
N MET A 104 9.31 2.09 -21.45
CA MET A 104 10.04 1.40 -20.37
C MET A 104 9.54 1.81 -18.98
N ASP A 105 9.96 1.03 -18.00
CA ASP A 105 9.83 1.41 -16.60
C ASP A 105 10.96 2.35 -16.27
N PRO A 106 10.68 3.61 -15.97
CA PRO A 106 11.73 4.58 -15.64
C PRO A 106 12.64 4.11 -14.53
N GLU A 107 12.13 3.27 -13.64
CA GLU A 107 12.93 2.85 -12.51
C GLU A 107 13.90 1.70 -12.85
N HIS A 108 13.68 1.01 -13.94
CA HIS A 108 14.62 -0.02 -14.32
C HIS A 108 16.00 0.54 -14.41
N SER A 109 16.16 1.66 -15.09
CA SER A 109 17.45 2.33 -15.16
C SER A 109 17.81 3.11 -13.90
N LEU A 110 16.90 3.99 -13.48
CA LEU A 110 17.23 4.96 -12.45
C LEU A 110 17.45 4.32 -11.09
N VAL A 111 16.55 3.44 -10.70
CA VAL A 111 16.63 2.80 -9.39
C VAL A 111 17.55 1.56 -9.38
N HIS A 112 17.38 0.73 -10.39
CA HIS A 112 18.03 -0.59 -10.40
C HIS A 112 19.26 -0.78 -11.29
N GLY A 113 19.66 0.25 -12.04
CA GLY A 113 20.84 0.11 -12.89
C GLY A 113 20.64 -0.89 -14.01
N LEU A 114 19.46 -0.86 -14.58
CA LEU A 114 18.99 -1.79 -15.63
C LEU A 114 19.02 -3.23 -15.17
N ASN A 115 18.32 -3.45 -14.06
CA ASN A 115 18.13 -4.76 -13.48
C ASN A 115 16.65 -4.84 -13.04
N ALA A 116 16.23 -6.04 -12.75
CA ALA A 116 14.88 -6.30 -12.34
C ALA A 116 14.51 -5.62 -11.04
N SER A 117 13.23 -5.25 -10.95
CA SER A 117 12.60 -4.82 -9.71
C SER A 117 11.81 -5.97 -9.14
N LEU A 118 11.23 -5.74 -7.96
CA LEU A 118 10.31 -6.68 -7.35
C LEU A 118 8.91 -6.08 -7.40
N ASN A 119 8.67 -5.25 -8.43
CA ASN A 119 7.37 -4.65 -8.68
C ASN A 119 6.72 -5.29 -9.92
N ASN A 120 5.47 -4.96 -10.16
CA ASN A 120 4.80 -5.36 -11.37
C ASN A 120 5.19 -4.33 -12.46
N PRO A 121 4.61 -4.45 -13.66
CA PRO A 121 4.98 -3.54 -14.76
C PRO A 121 4.69 -2.10 -14.50
N ASN A 122 3.84 -1.82 -13.53
CA ASN A 122 3.45 -0.45 -13.20
C ASN A 122 4.14 0.03 -11.98
N GLY A 123 5.14 -0.70 -11.53
CA GLY A 123 5.86 -0.23 -10.38
C GLY A 123 5.19 -0.46 -9.05
N ALA A 124 4.09 -1.21 -9.03
CA ALA A 124 3.44 -1.52 -7.77
C ALA A 124 4.20 -2.65 -7.09
N ALA A 125 4.68 -2.40 -5.87
CA ALA A 125 5.46 -3.40 -5.15
C ALA A 125 4.71 -4.69 -4.92
N TRP A 126 5.40 -5.83 -5.09
CA TRP A 126 4.82 -7.08 -4.66
C TRP A 126 4.50 -6.94 -3.18
N ASN A 127 3.39 -7.50 -2.73
CA ASN A 127 3.09 -7.46 -1.33
C ASN A 127 2.42 -8.74 -0.88
N ALA A 128 2.49 -9.00 0.42
CA ALA A 128 1.96 -10.24 0.99
C ALA A 128 0.45 -10.35 0.92
N GLY A 129 -0.25 -9.25 0.64
CA GLY A 129 -1.67 -9.35 0.43
C GLY A 129 -2.05 -10.26 -0.74
N TYR A 130 -1.09 -10.54 -1.62
CA TYR A 130 -1.31 -11.47 -2.72
C TYR A 130 -1.29 -12.93 -2.27
N VAL A 131 -0.81 -13.19 -1.07
CA VAL A 131 -0.63 -14.55 -0.59
C VAL A 131 -1.81 -15.04 0.25
N THR A 132 -2.16 -16.31 0.04
CA THR A 132 -3.12 -16.98 0.90
C THR A 132 -2.52 -18.23 1.55
N SER A 133 -2.69 -18.29 2.86
CA SER A 133 -2.40 -19.50 3.66
C SER A 133 -3.41 -19.47 4.79
N SER A 134 -4.47 -20.24 4.67
CA SER A 134 -5.60 -20.14 5.59
C SER A 134 -5.63 -21.16 6.71
N GLY A 135 -4.85 -22.23 6.59
CA GLY A 135 -4.95 -23.37 7.47
C GLY A 135 -5.84 -24.50 6.94
N ASN A 136 -6.70 -24.24 5.96
CA ASN A 136 -7.61 -25.23 5.37
C ASN A 136 -7.13 -25.50 3.95
N LEU A 137 -6.66 -26.73 3.71
CA LEU A 137 -6.10 -27.04 2.41
C LEU A 137 -7.11 -27.39 1.33
N VAL A 138 -8.37 -27.65 1.71
CA VAL A 138 -9.40 -27.76 0.67
C VAL A 138 -9.51 -26.39 -0.02
N ALA A 139 -9.63 -25.34 0.79
CA ALA A 139 -9.65 -23.99 0.29
C ALA A 139 -8.33 -23.66 -0.38
N ASP A 140 -7.21 -23.95 0.28
CA ASP A 140 -5.96 -23.45 -0.26
C ASP A 140 -5.50 -24.21 -1.51
N MET A 141 -5.84 -25.47 -1.64
CA MET A 141 -5.56 -26.15 -2.89
C MET A 141 -6.35 -25.55 -4.05
N ARG A 142 -7.56 -25.11 -3.78
CA ARG A 142 -8.34 -24.39 -4.77
C ARG A 142 -7.60 -23.11 -5.15
N PHE A 143 -7.08 -22.42 -4.12
CA PHE A 143 -6.33 -21.20 -4.38
C PHE A 143 -5.09 -21.51 -5.21
N ASN A 144 -4.43 -22.62 -4.92
CA ASN A 144 -3.22 -22.94 -5.63
C ASN A 144 -3.51 -23.23 -7.11
N VAL A 145 -4.62 -23.92 -7.39
CA VAL A 145 -5.03 -24.10 -8.76
C VAL A 145 -5.24 -22.75 -9.43
N VAL A 146 -5.93 -21.84 -8.76
CA VAL A 146 -6.13 -20.50 -9.29
C VAL A 146 -4.82 -19.78 -9.58
N ARG A 147 -3.88 -19.84 -8.64
CA ARG A 147 -2.61 -19.18 -8.84
C ARG A 147 -1.96 -19.69 -10.13
N GLU A 148 -1.95 -21.00 -10.31
CA GLU A 148 -1.31 -21.58 -11.47
C GLU A 148 -2.10 -21.33 -12.74
N SER A 149 -3.41 -21.15 -12.62
CA SER A 149 -4.26 -20.87 -13.78
C SER A 149 -4.08 -19.43 -14.24
N GLU A 150 -4.11 -18.49 -13.30
CA GLU A 150 -3.93 -17.09 -13.67
C GLU A 150 -2.52 -16.89 -14.17
N ALA A 151 -1.55 -17.56 -13.54
CA ALA A 151 -0.19 -17.45 -14.01
C ALA A 151 -0.03 -17.99 -15.42
N ARG A 152 -0.57 -19.18 -15.69
CA ARG A 152 -0.42 -19.77 -17.01
C ARG A 152 -1.14 -18.94 -18.06
N LEU A 153 -2.25 -18.32 -17.68
CA LEU A 153 -2.94 -17.41 -18.61
C LEU A 153 -1.98 -16.27 -18.97
N GLN A 154 -1.32 -15.69 -17.97
CA GLN A 154 -0.41 -14.59 -18.24
C GLN A 154 0.79 -15.01 -19.07
N VAL A 155 1.35 -16.19 -18.78
CA VAL A 155 2.46 -16.70 -19.55
C VAL A 155 2.04 -16.94 -20.99
N SER A 156 0.84 -17.44 -21.19
CA SER A 156 0.31 -17.65 -22.53
C SER A 156 0.17 -16.32 -23.26
N ARG A 157 -0.28 -15.26 -22.58
CA ARG A 157 -0.30 -13.97 -23.20
C ARG A 157 1.10 -13.48 -23.54
N LEU A 158 2.04 -13.63 -22.60
CA LEU A 158 3.40 -13.20 -22.84
C LEU A 158 3.97 -13.86 -24.08
N TYR A 159 3.59 -15.11 -24.32
CA TYR A 159 4.08 -15.83 -25.49
C TYR A 159 3.74 -15.11 -26.79
N SER A 160 2.55 -14.48 -26.80
CA SER A 160 2.08 -13.69 -27.93
C SER A 160 2.50 -12.23 -27.85
N MET A 161 3.39 -11.89 -26.92
CA MET A 161 3.90 -10.54 -26.76
C MET A 161 5.37 -10.41 -27.13
N THR A 162 5.91 -11.49 -27.66
CA THR A 162 7.28 -11.53 -28.15
C THR A 162 7.39 -12.55 -29.26
N GLU A 163 8.35 -12.34 -30.13
CA GLU A 163 8.73 -13.36 -31.12
C GLU A 163 10.13 -13.93 -30.83
N ASP A 164 10.73 -13.55 -29.70
CA ASP A 164 12.08 -13.96 -29.35
C ASP A 164 12.04 -15.44 -28.98
N GLU A 165 12.77 -16.27 -29.71
CA GLU A 165 12.69 -17.70 -29.49
C GLU A 165 13.32 -18.13 -28.19
N GLY A 166 14.28 -17.36 -27.68
CA GLY A 166 14.86 -17.63 -26.38
C GLY A 166 13.87 -17.33 -25.27
N VAL A 167 13.19 -16.21 -25.38
CA VAL A 167 12.13 -15.89 -24.40
C VAL A 167 11.06 -16.96 -24.50
N ARG A 168 10.65 -17.32 -25.72
CA ARG A 168 9.62 -18.32 -25.87
C ARG A 168 9.99 -19.67 -25.34
N ASP A 169 11.26 -20.05 -25.44
CA ASP A 169 11.69 -21.32 -24.93
C ASP A 169 11.42 -21.35 -23.41
N MET A 170 11.82 -20.27 -22.71
CA MET A 170 11.57 -20.20 -21.28
C MET A 170 10.06 -20.25 -21.00
N LEU A 171 9.27 -19.49 -21.75
CA LEU A 171 7.83 -19.49 -21.52
C LEU A 171 7.23 -20.86 -21.75
N LYS A 172 7.71 -21.58 -22.75
CA LYS A 172 7.17 -22.92 -23.07
C LYS A 172 7.45 -23.88 -21.93
N PHE A 173 8.57 -23.71 -21.25
CA PHE A 173 8.86 -24.52 -20.08
C PHE A 173 7.93 -24.21 -18.94
N LEU A 174 7.74 -22.92 -18.72
CA LEU A 174 6.85 -22.49 -17.64
C LEU A 174 5.41 -22.90 -17.90
N LEU A 175 4.97 -22.86 -19.16
CA LEU A 175 3.63 -23.33 -19.47
C LEU A 175 3.47 -24.79 -19.04
N ALA A 176 4.50 -25.57 -19.29
CA ALA A 176 4.44 -27.00 -18.98
C ALA A 176 4.45 -27.23 -17.47
N ARG A 177 5.32 -26.51 -16.77
CA ARG A 177 5.35 -26.64 -15.30
C ARG A 177 4.04 -26.17 -14.67
N GLU A 178 3.42 -25.13 -15.23
CA GLU A 178 2.13 -24.65 -14.74
C GLU A 178 0.99 -25.66 -15.03
N THR A 179 1.10 -26.40 -16.13
CA THR A 179 0.19 -27.52 -16.36
C THR A 179 0.33 -28.56 -15.25
N GLN A 180 1.56 -28.94 -14.95
CA GLN A 180 1.81 -29.93 -13.91
C GLN A 180 1.27 -29.42 -12.60
N HIS A 181 1.56 -28.17 -12.29
CA HIS A 181 1.14 -27.65 -11.01
C HIS A 181 -0.38 -27.53 -10.91
N GLN A 182 -1.03 -27.07 -11.97
CA GLN A 182 -2.49 -27.07 -12.01
C GLN A 182 -3.02 -28.47 -11.71
N LEU A 183 -2.47 -29.46 -12.41
CA LEU A 183 -2.95 -30.81 -12.27
C LEU A 183 -2.70 -31.40 -10.91
N GLN A 184 -1.51 -31.23 -10.35
CA GLN A 184 -1.22 -31.83 -9.05
C GLN A 184 -2.09 -31.19 -7.97
N PHE A 185 -2.34 -29.90 -8.07
CA PHE A 185 -3.15 -29.24 -7.07
C PHE A 185 -4.60 -29.64 -7.24
N MET A 186 -5.04 -29.88 -8.48
CA MET A 186 -6.41 -30.34 -8.69
C MET A 186 -6.59 -31.74 -8.07
N LYS A 187 -5.59 -32.61 -8.21
CA LYS A 187 -5.68 -33.95 -7.65
C LYS A 187 -5.75 -33.84 -6.13
N ALA A 188 -4.90 -33.01 -5.54
CA ALA A 188 -4.93 -32.83 -4.10
C ALA A 188 -6.29 -32.28 -3.66
N GLN A 189 -6.77 -31.27 -4.37
CA GLN A 189 -8.05 -30.67 -4.07
C GLN A 189 -9.16 -31.72 -4.08
N GLU A 190 -9.18 -32.54 -5.12
CA GLU A 190 -10.22 -33.55 -5.24
C GLU A 190 -10.16 -34.58 -4.12
N GLU A 191 -8.95 -35.01 -3.74
CA GLU A 191 -8.81 -35.96 -2.63
C GLU A 191 -9.30 -35.33 -1.34
N LEU A 192 -8.96 -34.06 -1.14
CA LEU A 192 -9.37 -33.36 0.06
C LEU A 192 -10.88 -33.14 0.10
N GLU A 193 -11.50 -32.84 -1.05
CA GLU A 193 -12.95 -32.73 -1.15
C GLU A 193 -13.63 -34.05 -0.84
N GLU A 194 -13.04 -35.15 -1.31
CA GLU A 194 -13.60 -36.46 -1.02
C GLU A 194 -13.55 -36.75 0.48
N LYS A 195 -12.51 -36.26 1.16
CA LYS A 195 -12.37 -36.51 2.59
C LYS A 195 -13.23 -35.60 3.47
N TYR A 196 -13.27 -34.32 3.15
CA TYR A 196 -13.91 -33.34 3.99
C TYR A 196 -15.24 -32.82 3.48
N GLY A 197 -15.46 -32.89 2.18
CA GLY A 197 -16.68 -32.40 1.56
C GLY A 197 -16.40 -31.41 0.44
N ILE A 198 -17.39 -31.27 -0.44
CA ILE A 198 -17.27 -30.40 -1.58
C ILE A 198 -17.49 -28.94 -1.21
N ILE A 199 -18.19 -28.69 -0.11
CA ILE A 199 -18.34 -27.33 0.35
C ILE A 199 -17.28 -27.05 1.41
N VAL A 200 -16.65 -25.89 1.32
CA VAL A 200 -15.63 -25.53 2.30
C VAL A 200 -16.17 -24.54 3.33
N PRO A 201 -16.01 -24.80 4.64
CA PRO A 201 -15.49 -26.06 5.22
C PRO A 201 -16.60 -27.06 5.17
N GLY A 202 -16.24 -28.32 5.25
CA GLY A 202 -17.20 -29.38 5.02
C GLY A 202 -18.09 -29.76 6.18
N ASP A 203 -17.82 -29.18 7.35
CA ASP A 203 -18.49 -29.59 8.58
C ASP A 203 -19.39 -28.50 9.18
N MET A 204 -20.15 -27.82 8.32
CA MET A 204 -21.08 -26.77 8.74
C MET A 204 -22.49 -26.91 8.10
N LYS A 205 -22.78 -28.04 7.49
CA LYS A 205 -24.07 -28.17 6.80
C LYS A 205 -25.26 -28.04 7.75
N GLU A 206 -25.11 -28.52 8.98
CA GLU A 206 -26.17 -28.48 9.98
C GLU A 206 -26.36 -27.11 10.63
N ILE A 207 -25.39 -26.22 10.43
CA ILE A 207 -25.40 -24.89 11.03
C ILE A 207 -26.02 -23.85 10.09
N GLU A 208 -25.72 -23.95 8.80
CA GLU A 208 -26.18 -22.94 7.85
C GLU A 208 -27.70 -23.00 7.69
N HIS A 209 -28.31 -21.88 7.26
CA HIS A 209 -29.76 -21.85 6.99
C HIS A 209 -29.98 -22.50 5.62
N SER A 210 -30.21 -23.81 5.65
CA SER A 210 -30.31 -24.65 4.45
C SER A 210 -31.27 -24.21 3.38
N GLU A 211 -32.34 -23.56 3.78
CA GLU A 211 -33.34 -23.15 2.80
C GLU A 211 -32.75 -22.25 1.69
N PHE A 212 -31.67 -21.54 2.00
CA PHE A 212 -31.05 -20.64 1.03
C PHE A 212 -29.79 -21.16 0.36
N SER A 213 -29.43 -22.41 0.62
CA SER A 213 -28.14 -22.93 0.16
C SER A 213 -28.05 -23.37 -1.29
N HIS A 214 -29.20 -23.53 -1.93
CA HIS A 214 -29.24 -24.02 -3.31
C HIS A 214 -30.11 -23.16 -4.21
N VAL A 215 -30.40 -21.93 -3.79
CA VAL A 215 -31.24 -21.02 -4.54
C VAL A 215 -30.40 -20.00 -5.30
N LEU A 216 -30.54 -19.97 -6.61
CA LEU A 216 -29.86 -18.98 -7.42
C LEU A 216 -30.75 -17.75 -7.37
N MET A 217 -30.21 -16.64 -6.85
CA MET A 217 -30.99 -15.41 -6.68
C MET A 217 -30.68 -14.43 -7.78
N ASN A 218 -31.73 -14.10 -8.54
CA ASN A 218 -31.67 -13.24 -9.71
C ASN A 218 -31.64 -11.75 -9.40
N PHE A 219 -30.49 -11.25 -9.02
CA PHE A 219 -30.34 -9.84 -8.65
C PHE A 219 -30.13 -8.88 -9.79
N SER A 220 -29.75 -9.40 -10.95
CA SER A 220 -29.58 -8.61 -12.19
C SER A 220 -30.62 -9.07 -13.20
N ASP A 221 -31.14 -8.15 -13.98
CA ASP A 221 -32.29 -8.45 -14.80
C ASP A 221 -32.08 -9.26 -16.07
N GLY A 222 -30.83 -9.58 -16.37
CA GLY A 222 -30.63 -10.56 -17.42
C GLY A 222 -31.22 -11.89 -16.98
N ASP A 223 -31.50 -12.79 -17.91
CA ASP A 223 -32.03 -14.08 -17.51
C ASP A 223 -31.12 -15.25 -17.88
N GLY A 224 -29.87 -14.95 -18.26
CA GLY A 224 -28.93 -16.00 -18.58
C GLY A 224 -28.82 -17.04 -17.49
N SER A 225 -28.82 -16.58 -16.23
CA SER A 225 -28.60 -17.49 -15.12
C SER A 225 -29.76 -18.44 -14.84
N LYS A 226 -30.92 -18.18 -15.44
CA LYS A 226 -32.03 -19.11 -15.28
C LYS A 226 -31.68 -20.49 -15.85
N ALA A 227 -30.69 -20.54 -16.73
CA ALA A 227 -30.24 -21.83 -17.29
C ALA A 227 -29.70 -22.79 -16.23
N PHE A 228 -29.29 -22.27 -15.06
CA PHE A 228 -28.86 -23.13 -13.99
C PHE A 228 -30.02 -23.83 -13.29
N GLU A 229 -31.23 -23.27 -13.40
CA GLU A 229 -32.38 -23.82 -12.70
C GLU A 229 -32.57 -25.28 -13.09
N GLY A 230 -32.70 -26.14 -12.09
CA GLY A 230 -32.88 -27.58 -12.32
C GLY A 230 -31.61 -28.38 -12.56
N GLN A 231 -30.48 -27.71 -12.78
CA GLN A 231 -29.23 -28.44 -12.96
C GLN A 231 -28.80 -28.98 -11.61
N VAL A 232 -28.14 -30.13 -11.64
CA VAL A 232 -27.65 -30.78 -10.43
C VAL A 232 -26.29 -30.20 -10.00
N ALA A 233 -26.28 -29.64 -8.80
CA ALA A 233 -25.06 -29.07 -8.24
C ALA A 233 -24.10 -30.18 -7.82
N LYS A 234 -22.87 -29.81 -7.56
CA LYS A 234 -21.83 -30.80 -7.32
C LYS A 234 -22.08 -31.66 -6.08
N ASP A 235 -22.92 -31.17 -5.16
CA ASP A 235 -23.27 -31.94 -3.97
C ASP A 235 -24.48 -32.87 -4.19
N GLY A 236 -24.99 -32.92 -5.41
CA GLY A 236 -26.08 -33.82 -5.75
C GLY A 236 -27.48 -33.24 -5.66
N GLU A 237 -27.60 -32.01 -5.18
CA GLU A 237 -28.88 -31.35 -5.04
C GLU A 237 -29.06 -30.37 -6.19
N LYS A 238 -30.29 -30.22 -6.69
CA LYS A 238 -30.53 -29.32 -7.80
C LYS A 238 -30.59 -27.87 -7.35
N PHE A 239 -30.20 -27.00 -8.26
CA PHE A 239 -30.43 -25.58 -8.05
C PHE A 239 -31.89 -25.22 -8.26
N THR A 240 -32.42 -24.38 -7.37
CA THR A 240 -33.68 -23.72 -7.63
C THR A 240 -33.34 -22.29 -8.04
N TYR A 241 -34.36 -21.56 -8.45
CA TYR A 241 -34.16 -20.23 -9.00
C TYR A 241 -35.21 -19.28 -8.49
N GLN A 242 -34.78 -18.12 -8.00
CA GLN A 242 -35.66 -17.08 -7.50
C GLN A 242 -35.54 -15.86 -8.37
N GLU A 243 -36.59 -15.63 -9.15
CA GLU A 243 -36.68 -14.52 -10.08
C GLU A 243 -36.58 -13.16 -9.41
N ASN A 244 -37.24 -13.04 -8.27
CA ASN A 244 -37.26 -11.80 -7.51
C ASN A 244 -36.85 -11.98 -6.07
N PRO A 245 -35.54 -11.86 -5.80
CA PRO A 245 -35.04 -12.02 -4.44
C PRO A 245 -35.70 -11.02 -3.51
N GLU A 246 -35.90 -11.43 -2.26
CA GLU A 246 -36.57 -10.58 -1.30
C GLU A 246 -35.67 -10.05 -0.25
N ALA A 247 -35.95 -8.82 0.18
CA ALA A 247 -35.25 -8.23 1.29
C ALA A 247 -35.98 -8.65 2.56
N MET A 248 -35.31 -9.47 3.35
CA MET A 248 -35.91 -10.12 4.52
C MET A 248 -35.48 -9.58 5.87
N GLY A 249 -34.51 -8.65 5.90
CA GLY A 249 -33.88 -8.24 7.15
C GLY A 249 -34.30 -6.95 7.83
N GLY A 250 -35.29 -6.30 7.26
CA GLY A 250 -35.80 -5.06 7.84
C GLY A 250 -34.88 -3.87 7.60
N ILE A 251 -35.36 -2.70 8.00
CA ILE A 251 -34.60 -1.47 7.89
C ILE A 251 -33.84 -1.25 9.19
N PRO A 252 -32.52 -1.14 9.10
CA PRO A 252 -31.71 -1.00 10.32
C PRO A 252 -31.88 0.33 11.01
N HIS A 253 -31.66 0.34 12.30
CA HIS A 253 -31.81 1.50 13.14
C HIS A 253 -30.74 1.41 14.20
N ILE A 254 -29.54 1.85 13.88
CA ILE A 254 -28.44 1.83 14.84
C ILE A 254 -28.56 3.00 15.78
N LYS A 255 -28.13 2.81 17.00
CA LYS A 255 -28.22 3.85 18.02
C LYS A 255 -27.21 4.96 17.85
N PRO A 256 -27.63 6.21 17.91
CA PRO A 256 -26.70 7.34 17.97
C PRO A 256 -25.67 7.14 19.04
N GLY A 257 -24.44 7.49 18.71
CA GLY A 257 -23.34 7.35 19.63
C GLY A 257 -23.24 8.39 20.71
N ASP A 258 -22.29 8.16 21.59
CA ASP A 258 -22.04 9.06 22.72
C ASP A 258 -21.70 10.46 22.23
N PRO A 259 -22.26 11.50 22.88
CA PRO A 259 -21.90 12.88 22.51
C PRO A 259 -20.42 13.21 22.44
N ARG A 260 -19.59 12.55 23.23
CA ARG A 260 -18.14 12.76 23.20
C ARG A 260 -17.52 12.44 21.82
N LEU A 261 -18.27 11.76 20.96
CA LEU A 261 -17.80 11.46 19.61
C LEU A 261 -18.12 12.57 18.62
N HIS A 262 -19.01 13.48 19.01
CA HIS A 262 -19.37 14.58 18.11
C HIS A 262 -19.92 14.10 16.77
N ASN A 263 -20.77 13.08 16.81
CA ASN A 263 -21.36 12.51 15.62
C ASN A 263 -22.59 13.32 15.19
N HIS A 264 -22.33 14.50 14.65
CA HIS A 264 -23.40 15.39 14.28
C HIS A 264 -23.91 15.01 12.91
N GLN A 265 -25.07 14.37 12.88
CA GLN A 265 -25.58 13.76 11.66
C GLN A 265 -26.95 14.32 11.23
N GLY A 266 -27.34 15.43 11.84
CA GLY A 266 -28.64 16.05 11.60
C GLY A 266 -29.73 15.59 12.54
N MET B 1 19.07 -22.55 -9.16
CA MET B 1 17.95 -23.39 -8.65
C MET B 1 18.17 -23.66 -7.15
N PHE B 2 17.10 -23.93 -6.42
CA PHE B 2 17.19 -24.29 -5.01
C PHE B 2 16.69 -25.69 -4.72
N LYS B 3 17.19 -26.23 -3.63
CA LYS B 3 16.64 -27.45 -3.06
C LYS B 3 16.37 -27.20 -1.58
N HIS B 4 15.50 -28.02 -1.00
CA HIS B 4 15.03 -27.85 0.35
C HIS B 4 15.15 -29.13 1.15
N THR B 5 15.53 -28.99 2.41
CA THR B 5 15.42 -30.06 3.40
C THR B 5 14.47 -29.63 4.49
N ARG B 6 13.73 -30.59 4.99
CA ARG B 6 12.76 -30.34 6.02
C ARG B 6 13.44 -29.93 7.32
N LYS B 7 14.69 -30.30 7.49
CA LYS B 7 15.39 -29.93 8.70
C LYS B 7 15.65 -28.42 8.75
N LEU B 8 15.36 -27.80 9.88
CA LEU B 8 15.63 -26.38 10.07
C LEU B 8 17.11 -26.12 10.18
N GLN B 9 17.55 -24.92 9.81
CA GLN B 9 18.96 -24.58 9.99
C GLN B 9 19.34 -24.68 11.47
N TYR B 10 18.49 -24.19 12.35
CA TYR B 10 18.77 -24.24 13.79
C TYR B 10 17.42 -24.31 14.49
N ASN B 11 17.45 -24.69 15.77
CA ASN B 11 16.25 -24.88 16.54
C ASN B 11 15.35 -23.65 16.47
N ALA B 12 14.04 -23.90 16.32
CA ALA B 12 13.04 -22.83 16.23
C ALA B 12 11.79 -23.29 17.00
N LYS B 13 11.96 -23.80 18.21
CA LYS B 13 10.84 -24.33 19.00
C LYS B 13 10.84 -23.70 20.39
N PRO B 14 9.73 -23.13 20.80
CA PRO B 14 9.67 -22.52 22.12
C PRO B 14 9.39 -23.57 23.17
N ASP B 15 9.74 -23.27 24.41
CA ASP B 15 9.36 -24.15 25.52
C ASP B 15 7.88 -24.14 25.83
N ARG B 16 7.24 -23.02 25.57
CA ARG B 16 5.83 -22.84 25.88
C ARG B 16 5.17 -22.00 24.82
N SER B 17 3.87 -22.15 24.64
CA SER B 17 3.12 -21.32 23.70
C SER B 17 3.04 -19.87 24.26
N ASP B 18 2.89 -18.88 23.37
CA ASP B 18 2.76 -17.50 23.76
C ASP B 18 2.37 -16.73 22.50
N PRO B 19 1.09 -16.45 22.34
CA PRO B 19 0.65 -15.82 21.10
C PRO B 19 0.95 -14.33 21.01
N ILE B 20 1.34 -13.74 22.12
CA ILE B 20 1.74 -12.35 22.14
C ILE B 20 3.17 -12.26 21.57
N MET B 21 4.04 -13.18 21.99
CA MET B 21 5.35 -13.24 21.42
C MET B 21 5.24 -13.64 19.94
N ALA B 22 4.31 -14.53 19.58
CA ALA B 22 4.09 -14.85 18.16
C ALA B 22 3.87 -13.57 17.35
N ARG B 23 3.01 -12.70 17.87
CA ARG B 23 2.74 -11.44 17.21
C ARG B 23 3.97 -10.57 17.10
N ARG B 24 4.78 -10.47 18.17
CA ARG B 24 6.02 -9.71 18.06
C ARG B 24 6.93 -10.25 16.98
N LEU B 25 7.04 -11.58 16.90
CA LEU B 25 7.97 -12.19 15.96
C LEU B 25 7.53 -11.99 14.52
N GLN B 26 6.29 -11.55 14.31
CA GLN B 26 5.88 -11.21 12.95
C GLN B 26 6.75 -10.11 12.41
N GLU B 27 7.32 -9.29 13.29
CA GLU B 27 8.23 -8.25 12.80
C GLU B 27 9.42 -8.88 12.05
N SER B 28 9.97 -9.97 12.60
CA SER B 28 11.10 -10.66 12.00
C SER B 28 10.74 -11.41 10.73
N LEU B 29 9.48 -11.71 10.54
CA LEU B 29 9.04 -12.43 9.36
C LEU B 29 8.59 -11.48 8.27
N GLY B 30 7.57 -10.68 8.57
CA GLY B 30 6.99 -9.75 7.61
C GLY B 30 7.30 -8.28 7.74
N GLY B 31 8.17 -7.89 8.66
CA GLY B 31 8.48 -6.50 8.89
C GLY B 31 9.52 -5.92 7.94
N GLN B 32 9.60 -4.59 8.02
CA GLN B 32 10.49 -3.77 7.23
C GLN B 32 11.90 -4.32 7.17
N TRP B 33 12.48 -4.63 8.31
CA TRP B 33 13.85 -5.09 8.34
C TRP B 33 13.99 -6.56 8.66
N GLY B 34 12.94 -7.33 8.46
CA GLY B 34 12.89 -8.75 8.76
C GLY B 34 13.56 -9.66 7.77
N GLU B 35 13.42 -10.96 8.01
CA GLU B 35 14.15 -11.98 7.26
C GLU B 35 13.72 -12.03 5.80
N THR B 36 12.48 -11.68 5.53
CA THR B 36 12.03 -11.65 4.13
C THR B 36 12.69 -10.51 3.38
N THR B 37 12.86 -9.38 4.05
CA THR B 37 13.61 -8.30 3.44
C THR B 37 15.04 -8.71 3.13
N GLY B 38 15.68 -9.38 4.07
CA GLY B 38 17.02 -9.88 3.82
C GLY B 38 17.06 -10.83 2.64
N MET B 39 16.20 -11.85 2.71
CA MET B 39 16.14 -12.85 1.65
C MET B 39 15.98 -12.22 0.27
N MET B 40 14.99 -11.36 0.12
CA MET B 40 14.71 -10.80 -1.18
C MET B 40 15.75 -9.78 -1.62
N SER B 41 16.31 -9.03 -0.68
CA SER B 41 17.35 -8.05 -1.03
C SER B 41 18.63 -8.75 -1.48
N PHE B 42 19.07 -9.73 -0.72
CA PHE B 42 20.34 -10.33 -1.03
C PHE B 42 20.23 -11.17 -2.29
N LEU B 43 19.13 -11.92 -2.45
CA LEU B 43 18.95 -12.70 -3.67
C LEU B 43 18.83 -11.80 -4.89
N SER B 44 18.04 -10.74 -4.81
CA SER B 44 17.88 -9.89 -5.97
C SER B 44 19.19 -9.19 -6.35
N GLN B 45 19.92 -8.70 -5.35
CA GLN B 45 21.25 -8.12 -5.62
C GLN B 45 22.17 -9.17 -6.21
N GLY B 46 22.13 -10.38 -5.66
CA GLY B 46 22.99 -11.45 -6.13
C GLY B 46 22.73 -11.83 -7.57
N TRP B 47 21.46 -11.94 -7.92
CA TRP B 47 21.09 -12.26 -9.28
C TRP B 47 21.48 -11.15 -10.25
N ALA B 48 21.40 -9.91 -9.77
CA ALA B 48 21.69 -8.73 -10.59
C ALA B 48 23.17 -8.41 -10.73
N SER B 49 24.03 -8.98 -9.91
CA SER B 49 25.43 -8.64 -10.03
C SER B 49 26.11 -9.31 -11.20
N THR B 50 26.86 -8.50 -11.93
CA THR B 50 27.73 -8.97 -13.02
C THR B 50 29.20 -8.82 -12.62
N GLY B 51 29.46 -8.49 -11.35
CA GLY B 51 30.79 -8.15 -10.90
C GLY B 51 31.60 -9.29 -10.31
N ALA B 52 32.42 -8.96 -9.34
CA ALA B 52 33.30 -9.96 -8.75
C ALA B 52 32.50 -11.09 -8.11
N GLU B 53 32.93 -12.31 -8.35
CA GLU B 53 32.30 -13.45 -7.76
C GLU B 53 32.35 -13.44 -6.25
N LYS B 54 33.37 -12.82 -5.65
CA LYS B 54 33.48 -12.81 -4.21
C LYS B 54 32.19 -12.24 -3.61
N TYR B 55 31.67 -11.18 -4.22
CA TYR B 55 30.49 -10.52 -3.70
C TYR B 55 29.19 -11.09 -4.23
N LYS B 56 29.15 -11.51 -5.48
CA LYS B 56 27.95 -12.11 -6.03
C LYS B 56 27.62 -13.39 -5.24
N ASP B 57 28.63 -14.21 -5.04
CA ASP B 57 28.43 -15.43 -4.29
C ASP B 57 28.08 -15.12 -2.84
N LEU B 58 28.73 -14.13 -2.23
CA LEU B 58 28.38 -13.79 -0.86
C LEU B 58 26.90 -13.48 -0.76
N LEU B 59 26.40 -12.70 -1.72
CA LEU B 59 25.01 -12.31 -1.68
C LEU B 59 24.09 -13.51 -1.83
N LEU B 60 24.42 -14.42 -2.75
CA LEU B 60 23.58 -15.58 -2.97
C LEU B 60 23.66 -16.55 -1.80
N ASP B 61 24.84 -16.67 -1.22
CA ASP B 61 25.00 -17.52 -0.03
C ASP B 61 24.06 -16.96 1.05
N THR B 62 24.13 -15.65 1.30
CA THR B 62 23.40 -15.07 2.41
C THR B 62 21.90 -15.02 2.16
N GLY B 63 21.51 -14.65 0.95
CA GLY B 63 20.08 -14.66 0.65
C GLY B 63 19.47 -16.04 0.84
N THR B 64 20.21 -17.06 0.44
CA THR B 64 19.75 -18.43 0.63
C THR B 64 19.65 -18.77 2.13
N GLU B 65 20.65 -18.36 2.91
CA GLU B 65 20.56 -18.57 4.34
C GLU B 65 19.33 -17.86 4.90
N GLU B 66 19.07 -16.65 4.45
CA GLU B 66 17.92 -15.94 5.00
C GLU B 66 16.60 -16.67 4.74
N MET B 67 16.48 -17.43 3.64
CA MET B 67 15.29 -18.25 3.43
C MET B 67 15.12 -19.25 4.57
N ALA B 68 16.23 -19.78 5.07
CA ALA B 68 16.17 -20.68 6.23
C ALA B 68 15.67 -19.95 7.44
N HIS B 69 16.02 -18.67 7.56
CA HIS B 69 15.55 -17.92 8.71
C HIS B 69 14.07 -17.59 8.57
N VAL B 70 13.60 -17.31 7.35
CA VAL B 70 12.17 -17.11 7.12
C VAL B 70 11.42 -18.35 7.59
N GLU B 71 11.96 -19.51 7.22
CA GLU B 71 11.37 -20.79 7.63
C GLU B 71 11.34 -20.97 9.13
N MET B 72 12.45 -20.63 9.78
CA MET B 72 12.52 -20.73 11.24
C MET B 72 11.54 -19.82 11.93
N ILE B 73 11.46 -18.55 11.50
CA ILE B 73 10.53 -17.64 12.18
C ILE B 73 9.10 -18.09 11.95
N SER B 74 8.77 -18.52 10.73
CA SER B 74 7.43 -19.00 10.44
C SER B 74 7.08 -20.16 11.34
N THR B 75 8.06 -21.05 11.55
CA THR B 75 7.83 -22.23 12.36
C THR B 75 7.66 -21.86 13.82
N MET B 76 8.54 -21.00 14.30
CA MET B 76 8.49 -20.54 15.68
C MET B 76 7.12 -19.93 15.98
N ILE B 77 6.62 -19.11 15.08
CA ILE B 77 5.32 -18.46 15.26
C ILE B 77 4.23 -19.53 15.34
N GLY B 78 4.29 -20.53 14.43
CA GLY B 78 3.32 -21.61 14.49
C GLY B 78 3.28 -22.33 15.83
N TYR B 79 4.46 -22.61 16.37
CA TYR B 79 4.51 -23.27 17.65
C TYR B 79 3.94 -22.33 18.73
N LEU B 80 4.30 -21.06 18.64
CA LEU B 80 3.88 -20.09 19.67
C LEU B 80 2.40 -19.84 19.71
N LEU B 81 1.75 -20.09 18.57
CA LEU B 81 0.31 -19.93 18.45
C LEU B 81 -0.50 -21.16 18.88
N GLU B 82 0.18 -22.23 19.25
CA GLU B 82 -0.55 -23.44 19.67
C GLU B 82 -1.46 -23.12 20.86
N ASP B 83 -2.69 -23.63 20.76
CA ASP B 83 -3.67 -23.50 21.82
C ASP B 83 -4.02 -22.05 22.18
N ALA B 84 -3.76 -21.11 21.29
CA ALA B 84 -4.06 -19.72 21.62
C ALA B 84 -5.56 -19.51 21.71
N PRO B 85 -6.01 -18.63 22.61
CA PRO B 85 -7.45 -18.41 22.77
C PRO B 85 -8.01 -17.58 21.63
N PHE B 86 -9.22 -17.93 21.19
CA PHE B 86 -9.85 -17.17 20.11
C PHE B 86 -11.36 -17.07 20.13
N GLY B 87 -12.03 -17.67 21.12
CA GLY B 87 -13.47 -17.56 21.17
C GLY B 87 -14.02 -17.77 22.57
N PRO B 88 -15.32 -17.63 22.69
CA PRO B 88 -15.98 -17.72 23.97
C PRO B 88 -15.70 -18.96 24.76
N GLU B 89 -15.50 -20.08 24.11
CA GLU B 89 -15.26 -21.30 24.90
C GLU B 89 -13.91 -21.25 25.64
N ASP B 90 -12.96 -20.50 25.09
CA ASP B 90 -11.68 -20.33 25.77
C ASP B 90 -11.88 -19.47 27.01
N LEU B 91 -12.73 -18.46 26.90
CA LEU B 91 -13.03 -17.60 28.05
C LEU B 91 -13.84 -18.32 29.12
N LYS B 92 -14.62 -19.29 28.70
CA LYS B 92 -15.37 -20.08 29.67
C LYS B 92 -14.42 -20.92 30.52
N ARG B 93 -13.40 -21.44 29.87
CA ARG B 93 -12.36 -22.23 30.53
C ARG B 93 -11.54 -21.34 31.49
N ASP B 94 -11.21 -20.14 31.04
CA ASP B 94 -10.40 -19.22 31.82
C ASP B 94 -10.66 -17.78 31.39
N PRO B 95 -11.54 -17.08 32.12
CA PRO B 95 -11.88 -15.70 31.76
C PRO B 95 -10.71 -14.77 31.70
N SER B 96 -9.62 -15.11 32.36
CA SER B 96 -8.44 -14.24 32.33
C SER B 96 -7.77 -14.20 30.96
N LEU B 97 -8.10 -15.17 30.11
CA LEU B 97 -7.56 -15.17 28.78
C LEU B 97 -8.03 -14.00 27.93
N ALA B 98 -9.02 -13.23 28.40
CA ALA B 98 -9.40 -12.05 27.66
C ALA B 98 -8.23 -11.08 27.43
N THR B 99 -7.30 -11.00 28.38
CA THR B 99 -6.14 -10.14 28.23
C THR B 99 -5.26 -10.59 27.08
N THR B 100 -5.01 -11.89 27.04
CA THR B 100 -4.23 -12.46 25.96
C THR B 100 -4.92 -12.24 24.60
N MET B 101 -6.22 -12.50 24.53
CA MET B 101 -6.94 -12.33 23.30
C MET B 101 -6.85 -10.87 22.85
N ALA B 102 -6.96 -9.92 23.79
CA ALA B 102 -6.89 -8.52 23.41
C ALA B 102 -5.59 -8.15 22.75
N GLY B 103 -4.51 -8.80 23.14
CA GLY B 103 -3.20 -8.50 22.61
C GLY B 103 -2.81 -9.24 21.34
N MET B 104 -3.60 -10.23 20.95
CA MET B 104 -3.30 -11.03 19.79
C MET B 104 -3.64 -10.33 18.51
N ASP B 105 -3.06 -10.81 17.42
CA ASP B 105 -3.47 -10.39 16.09
C ASP B 105 -4.74 -11.16 15.73
N PRO B 106 -5.90 -10.50 15.57
CA PRO B 106 -7.12 -11.21 15.25
C PRO B 106 -7.01 -12.11 14.03
N GLU B 107 -6.13 -11.76 13.09
CA GLU B 107 -6.05 -12.54 11.87
C GLU B 107 -5.26 -13.83 12.05
N HIS B 108 -4.44 -13.93 13.12
CA HIS B 108 -3.76 -15.20 13.34
C HIS B 108 -4.73 -16.36 13.37
N SER B 109 -5.83 -16.20 14.11
CA SER B 109 -6.85 -17.23 14.12
C SER B 109 -7.77 -17.18 12.92
N LEU B 110 -8.34 -16.01 12.68
CA LEU B 110 -9.43 -15.91 11.73
C LEU B 110 -8.98 -16.17 10.29
N VAL B 111 -7.84 -15.60 9.92
CA VAL B 111 -7.36 -15.71 8.56
C VAL B 111 -6.48 -16.95 8.36
N HIS B 112 -5.56 -17.18 9.28
CA HIS B 112 -4.53 -18.21 9.11
C HIS B 112 -4.71 -19.49 9.89
N GLY B 113 -5.75 -19.61 10.72
CA GLY B 113 -5.94 -20.87 11.44
C GLY B 113 -4.87 -21.12 12.48
N LEU B 114 -4.45 -20.03 13.15
CA LEU B 114 -3.39 -20.03 14.14
C LEU B 114 -2.07 -20.47 13.54
N ASN B 115 -1.71 -19.79 12.45
CA ASN B 115 -0.43 -19.93 11.81
C ASN B 115 0.08 -18.54 11.48
N ALA B 116 1.36 -18.48 11.12
CA ALA B 116 2.00 -17.23 10.77
C ALA B 116 1.37 -16.55 9.54
N SER B 117 1.42 -15.23 9.57
CA SER B 117 1.12 -14.40 8.40
C SER B 117 2.44 -13.95 7.79
N LEU B 118 2.33 -13.22 6.67
CA LEU B 118 3.49 -12.57 6.09
C LEU B 118 3.38 -11.07 6.31
N ASN B 119 2.75 -10.69 7.43
CA ASN B 119 2.61 -9.30 7.82
C ASN B 119 3.51 -9.01 9.02
N ASN B 120 3.59 -7.74 9.36
CA ASN B 120 4.28 -7.34 10.58
C ASN B 120 3.30 -7.49 11.76
N PRO B 121 3.69 -7.13 12.97
CA PRO B 121 2.79 -7.30 14.12
C PRO B 121 1.49 -6.54 14.03
N ASN B 122 1.47 -5.49 13.21
CA ASN B 122 0.28 -4.70 13.00
C ASN B 122 -0.55 -5.08 11.82
N GLY B 123 -0.23 -6.18 11.19
CA GLY B 123 -1.00 -6.65 10.05
C GLY B 123 -0.66 -5.95 8.76
N ALA B 124 0.41 -5.15 8.74
CA ALA B 124 0.82 -4.50 7.50
C ALA B 124 1.60 -5.51 6.68
N ALA B 125 1.16 -5.73 5.45
CA ALA B 125 1.76 -6.73 4.59
C ALA B 125 3.21 -6.42 4.27
N TRP B 126 4.05 -7.43 4.27
CA TRP B 126 5.40 -7.23 3.77
C TRP B 126 5.28 -6.76 2.34
N ASN B 127 6.15 -5.86 1.92
CA ASN B 127 6.12 -5.42 0.54
C ASN B 127 7.52 -5.12 0.01
N ALA B 128 7.65 -5.14 -1.30
CA ALA B 128 8.94 -4.98 -1.93
C ALA B 128 9.53 -3.60 -1.81
N GLY B 129 8.76 -2.61 -1.37
CA GLY B 129 9.31 -1.31 -1.09
C GLY B 129 10.38 -1.37 0.02
N TYR B 130 10.41 -2.45 0.79
CA TYR B 130 11.43 -2.66 1.80
C TYR B 130 12.77 -3.08 1.22
N VAL B 131 12.77 -3.50 -0.04
CA VAL B 131 13.96 -4.09 -0.68
C VAL B 131 14.74 -3.09 -1.51
N THR B 132 16.06 -3.15 -1.42
CA THR B 132 16.93 -2.37 -2.29
C THR B 132 17.84 -3.29 -3.09
N SER B 133 17.89 -3.03 -4.38
CA SER B 133 18.88 -3.61 -5.29
C SER B 133 19.13 -2.55 -6.34
N SER B 134 20.20 -1.79 -6.19
CA SER B 134 20.42 -0.62 -7.02
C SER B 134 21.31 -0.79 -8.22
N GLY B 135 22.10 -1.87 -8.25
CA GLY B 135 23.12 -2.05 -9.24
C GLY B 135 24.50 -1.63 -8.78
N ASN B 136 24.59 -0.86 -7.71
CA ASN B 136 25.87 -0.39 -7.17
C ASN B 136 26.07 -1.07 -5.84
N LEU B 137 27.13 -1.89 -5.74
CA LEU B 137 27.34 -2.67 -4.51
C LEU B 137 28.08 -1.92 -3.43
N VAL B 138 28.66 -0.78 -3.74
CA VAL B 138 29.19 0.03 -2.66
C VAL B 138 27.96 0.52 -1.82
N ALA B 139 26.98 1.08 -2.51
CA ALA B 139 25.77 1.46 -1.85
C ALA B 139 25.04 0.27 -1.28
N ASP B 140 24.90 -0.80 -2.04
CA ASP B 140 24.08 -1.89 -1.54
C ASP B 140 24.73 -2.68 -0.42
N MET B 141 26.05 -2.81 -0.38
CA MET B 141 26.66 -3.45 0.78
C MET B 141 26.43 -2.60 2.04
N ARG B 142 26.42 -1.30 1.90
CA ARG B 142 26.07 -0.43 3.01
C ARG B 142 24.63 -0.74 3.44
N PHE B 143 23.72 -0.86 2.47
CA PHE B 143 22.34 -1.23 2.78
C PHE B 143 22.28 -2.56 3.53
N ASN B 144 23.04 -3.54 3.07
CA ASN B 144 23.03 -4.87 3.65
C ASN B 144 23.53 -4.82 5.11
N VAL B 145 24.54 -4.01 5.37
CA VAL B 145 24.96 -3.82 6.74
C VAL B 145 23.82 -3.23 7.58
N VAL B 146 23.14 -2.24 7.05
CA VAL B 146 21.97 -1.66 7.73
C VAL B 146 20.90 -2.70 8.01
N ARG B 147 20.58 -3.48 7.00
CA ARG B 147 19.57 -4.50 7.16
C ARG B 147 19.89 -5.39 8.34
N GLU B 148 21.14 -5.82 8.41
CA GLU B 148 21.57 -6.74 9.44
C GLU B 148 21.69 -6.03 10.81
N SER B 149 21.93 -4.72 10.78
CA SER B 149 22.03 -3.91 11.99
C SER B 149 20.66 -3.67 12.60
N GLU B 150 19.72 -3.25 11.78
CA GLU B 150 18.38 -3.04 12.26
C GLU B 150 17.77 -4.38 12.71
N ALA B 151 18.02 -5.45 11.98
CA ALA B 151 17.50 -6.75 12.35
C ALA B 151 18.05 -7.17 13.69
N ARG B 152 19.37 -7.05 13.86
CA ARG B 152 19.97 -7.50 15.10
C ARG B 152 19.51 -6.66 16.28
N LEU B 153 19.24 -5.39 16.03
CA LEU B 153 18.66 -4.57 17.07
C LEU B 153 17.31 -5.14 17.51
N GLN B 154 16.47 -5.46 16.53
CA GLN B 154 15.15 -5.97 16.83
C GLN B 154 15.25 -7.33 17.53
N VAL B 155 16.15 -8.21 17.09
CA VAL B 155 16.32 -9.48 17.74
C VAL B 155 16.80 -9.29 19.17
N SER B 156 17.65 -8.31 19.40
CA SER B 156 18.16 -8.00 20.76
C SER B 156 17.02 -7.53 21.64
N ARG B 157 16.15 -6.69 21.10
CA ARG B 157 14.96 -6.27 21.84
C ARG B 157 14.05 -7.48 22.13
N LEU B 158 13.83 -8.32 21.13
CA LEU B 158 13.00 -9.51 21.33
C LEU B 158 13.51 -10.39 22.46
N TYR B 159 14.82 -10.49 22.62
CA TYR B 159 15.42 -11.25 23.69
C TYR B 159 14.95 -10.79 25.07
N SER B 160 14.73 -9.48 25.20
CA SER B 160 14.18 -8.90 26.43
C SER B 160 12.67 -8.81 26.48
N MET B 161 12.00 -9.47 25.52
CA MET B 161 10.55 -9.46 25.47
C MET B 161 9.98 -10.85 25.80
N THR B 162 10.86 -11.79 26.14
CA THR B 162 10.45 -13.12 26.54
C THR B 162 11.45 -13.66 27.55
N GLU B 163 10.99 -14.60 28.37
CA GLU B 163 11.90 -15.42 29.19
C GLU B 163 11.94 -16.88 28.74
N ASP B 164 11.27 -17.18 27.64
CA ASP B 164 11.27 -18.53 27.10
C ASP B 164 12.64 -18.91 26.58
N GLU B 165 13.25 -19.91 27.18
CA GLU B 165 14.60 -20.26 26.80
C GLU B 165 14.68 -20.96 25.45
N GLY B 166 13.58 -21.55 24.97
CA GLY B 166 13.54 -22.08 23.62
C GLY B 166 13.53 -20.96 22.59
N VAL B 167 12.69 -19.97 22.83
CA VAL B 167 12.69 -18.80 21.97
C VAL B 167 14.07 -18.13 22.02
N ARG B 168 14.60 -17.92 23.22
CA ARG B 168 15.90 -17.31 23.34
C ARG B 168 17.03 -18.08 22.65
N ASP B 169 16.95 -19.42 22.66
CA ASP B 169 17.97 -20.21 21.98
C ASP B 169 17.99 -19.81 20.51
N MET B 170 16.81 -19.74 19.88
CA MET B 170 16.73 -19.32 18.48
C MET B 170 17.29 -17.92 18.31
N LEU B 171 16.87 -17.01 19.17
CA LEU B 171 17.32 -15.64 19.07
C LEU B 171 18.85 -15.51 19.19
N LYS B 172 19.42 -16.30 20.09
CA LYS B 172 20.87 -16.28 20.26
C LYS B 172 21.61 -16.72 19.00
N PHE B 173 21.05 -17.71 18.31
CA PHE B 173 21.59 -18.13 17.04
C PHE B 173 21.50 -17.01 16.02
N LEU B 174 20.33 -16.40 15.90
CA LEU B 174 20.17 -15.31 14.97
C LEU B 174 21.06 -14.12 15.29
N LEU B 175 21.28 -13.81 16.57
CA LEU B 175 22.21 -12.74 16.89
C LEU B 175 23.59 -13.00 16.32
N ALA B 176 24.04 -14.24 16.46
CA ALA B 176 25.36 -14.63 15.99
C ALA B 176 25.43 -14.56 14.48
N ARG B 177 24.43 -15.06 13.79
CA ARG B 177 24.42 -14.99 12.34
C ARG B 177 24.38 -13.55 11.84
N GLU B 178 23.63 -12.69 12.53
CA GLU B 178 23.59 -11.27 12.18
C GLU B 178 24.93 -10.59 12.44
N THR B 179 25.68 -11.03 13.44
CA THR B 179 27.06 -10.57 13.61
C THR B 179 27.90 -10.90 12.40
N GLN B 180 27.86 -12.17 12.00
CA GLN B 180 28.62 -12.60 10.84
C GLN B 180 28.21 -11.81 9.60
N HIS B 181 26.90 -11.64 9.41
CA HIS B 181 26.43 -10.96 8.21
C HIS B 181 26.84 -9.48 8.23
N GLN B 182 26.68 -8.81 9.36
CA GLN B 182 27.19 -7.44 9.49
C GLN B 182 28.67 -7.37 9.08
N LEU B 183 29.47 -8.26 9.65
CA LEU B 183 30.90 -8.23 9.39
C LEU B 183 31.28 -8.54 7.97
N GLN B 184 30.66 -9.56 7.38
CA GLN B 184 31.05 -9.93 6.02
C GLN B 184 30.69 -8.80 5.05
N PHE B 185 29.51 -8.18 5.27
CA PHE B 185 29.10 -7.08 4.40
C PHE B 185 29.95 -5.85 4.62
N MET B 186 30.42 -5.62 5.86
CA MET B 186 31.34 -4.52 6.10
C MET B 186 32.68 -4.75 5.38
N LYS B 187 33.17 -5.99 5.38
CA LYS B 187 34.41 -6.27 4.67
C LYS B 187 34.25 -6.03 3.17
N ALA B 188 33.14 -6.53 2.63
CA ALA B 188 32.86 -6.31 1.22
C ALA B 188 32.77 -4.82 0.92
N GLN B 189 32.05 -4.10 1.76
CA GLN B 189 31.91 -2.70 1.59
C GLN B 189 33.27 -1.98 1.56
N GLU B 190 34.15 -2.33 2.50
CA GLU B 190 35.46 -1.69 2.57
C GLU B 190 36.31 -1.99 1.37
N GLU B 191 36.25 -3.21 0.86
CA GLU B 191 37.04 -3.54 -0.33
C GLU B 191 36.51 -2.77 -1.54
N LEU B 192 35.20 -2.70 -1.66
CA LEU B 192 34.61 -1.97 -2.76
C LEU B 192 34.89 -0.47 -2.64
N GLU B 193 34.90 0.07 -1.42
CA GLU B 193 35.23 1.48 -1.22
C GLU B 193 36.67 1.77 -1.66
N GLU B 194 37.57 0.84 -1.39
CA GLU B 194 38.95 1.01 -1.81
C GLU B 194 39.06 1.07 -3.32
N LYS B 195 38.27 0.24 -4.01
CA LYS B 195 38.31 0.16 -5.45
C LYS B 195 37.63 1.34 -6.14
N TYR B 196 36.49 1.76 -5.61
CA TYR B 196 35.68 2.77 -6.29
C TYR B 196 35.63 4.14 -5.63
N GLY B 197 35.90 4.24 -4.33
CA GLY B 197 35.81 5.50 -3.60
C GLY B 197 34.92 5.42 -2.38
N ILE B 198 35.19 6.30 -1.42
CA ILE B 198 34.38 6.37 -0.22
C ILE B 198 33.05 7.08 -0.43
N ILE B 199 33.00 7.95 -1.42
CA ILE B 199 31.74 8.60 -1.76
C ILE B 199 31.05 7.79 -2.85
N VAL B 200 29.77 7.53 -2.69
CA VAL B 200 29.01 6.79 -3.71
C VAL B 200 28.22 7.74 -4.59
N PRO B 201 28.30 7.59 -5.91
CA PRO B 201 29.28 6.76 -6.61
C PRO B 201 30.61 7.52 -6.57
N GLY B 202 31.71 6.82 -6.75
CA GLY B 202 33.02 7.42 -6.56
C GLY B 202 33.58 8.17 -7.75
N ASP B 203 32.82 8.27 -8.83
CA ASP B 203 33.32 8.85 -10.08
C ASP B 203 32.60 10.14 -10.50
N MET B 204 32.19 10.96 -9.52
CA MET B 204 31.49 12.23 -9.80
C MET B 204 32.12 13.45 -9.11
N LYS B 205 33.33 13.32 -8.60
CA LYS B 205 33.96 14.41 -7.85
C LYS B 205 34.21 15.64 -8.72
N GLU B 206 34.54 15.40 -9.98
CA GLU B 206 34.82 16.48 -10.91
C GLU B 206 33.53 17.15 -11.42
N ILE B 207 32.39 16.50 -11.21
CA ILE B 207 31.10 16.99 -11.67
C ILE B 207 30.36 17.83 -10.61
N GLU B 208 30.41 17.39 -9.36
CA GLU B 208 29.72 18.11 -8.31
C GLU B 208 30.27 19.53 -8.06
N HIS B 209 29.44 20.39 -7.47
CA HIS B 209 29.85 21.73 -7.10
C HIS B 209 30.63 21.60 -5.79
N SER B 210 31.93 21.40 -5.91
CA SER B 210 32.82 21.08 -4.82
C SER B 210 32.79 22.07 -3.65
N GLU B 211 32.49 23.35 -3.92
CA GLU B 211 32.47 24.34 -2.85
C GLU B 211 31.47 23.97 -1.72
N PHE B 212 30.44 23.19 -2.04
CA PHE B 212 29.43 22.80 -1.06
C PHE B 212 29.58 21.40 -0.48
N SER B 213 30.62 20.70 -0.85
CA SER B 213 30.80 19.29 -0.52
C SER B 213 31.26 18.93 0.87
N HIS B 214 31.87 19.88 1.58
CA HIS B 214 32.40 19.64 2.91
C HIS B 214 31.94 20.67 3.94
N VAL B 215 30.86 21.37 3.62
CA VAL B 215 30.27 22.38 4.50
C VAL B 215 29.08 21.82 5.30
N LEU B 216 29.20 21.82 6.62
CA LEU B 216 28.12 21.46 7.51
C LEU B 216 27.25 22.69 7.60
N MET B 217 25.98 22.59 7.15
CA MET B 217 25.07 23.74 7.17
C MET B 217 24.11 23.65 8.35
N ASN B 218 24.16 24.69 9.18
CA ASN B 218 23.42 24.78 10.43
C ASN B 218 21.98 25.25 10.27
N PHE B 219 21.10 24.35 9.87
CA PHE B 219 19.71 24.69 9.62
C PHE B 219 18.82 24.69 10.84
N SER B 220 19.25 24.01 11.91
CA SER B 220 18.54 24.03 13.19
C SER B 220 19.40 24.76 14.21
N ASP B 221 18.74 25.53 15.07
CA ASP B 221 19.44 26.46 15.95
C ASP B 221 20.24 25.87 17.09
N GLY B 222 20.15 24.57 17.32
CA GLY B 222 21.05 23.94 18.24
C GLY B 222 22.49 24.13 17.76
N ASP B 223 23.45 24.08 18.67
CA ASP B 223 24.85 24.24 18.26
C ASP B 223 25.70 22.98 18.39
N GLY B 224 25.07 21.85 18.68
CA GLY B 224 25.82 20.63 18.80
C GLY B 224 26.65 20.27 17.58
N SER B 225 26.12 20.48 16.38
CA SER B 225 26.84 19.99 15.20
C SER B 225 28.11 20.79 14.89
N LYS B 226 28.28 21.92 15.57
CA LYS B 226 29.49 22.69 15.36
C LYS B 226 30.72 21.90 15.77
N ALA B 227 30.53 20.87 16.60
CA ALA B 227 31.62 19.98 16.97
C ALA B 227 32.26 19.25 15.80
N PHE B 228 31.55 19.15 14.67
CA PHE B 228 32.17 18.58 13.49
C PHE B 228 33.17 19.53 12.82
N GLU B 229 33.06 20.82 13.10
CA GLU B 229 33.93 21.79 12.43
C GLU B 229 35.38 21.46 12.68
N GLY B 230 36.15 21.40 11.60
CA GLY B 230 37.56 21.08 11.71
C GLY B 230 37.90 19.59 11.78
N GLN B 231 36.91 18.72 11.98
CA GLN B 231 37.23 17.30 11.98
C GLN B 231 37.55 16.81 10.56
N VAL B 232 38.43 15.85 10.44
CA VAL B 232 38.80 15.29 9.15
C VAL B 232 37.78 14.26 8.73
N ALA B 233 37.14 14.52 7.60
CA ALA B 233 36.16 13.60 7.05
C ALA B 233 36.87 12.38 6.44
N LYS B 234 36.10 11.34 6.13
CA LYS B 234 36.66 10.07 5.72
C LYS B 234 37.43 10.14 4.40
N ASP B 235 37.19 11.16 3.60
CA ASP B 235 37.94 11.36 2.35
C ASP B 235 39.21 12.20 2.54
N GLY B 236 39.52 12.56 3.79
CA GLY B 236 40.74 13.31 4.11
C GLY B 236 40.64 14.82 4.17
N GLU B 237 39.48 15.36 3.83
CA GLU B 237 39.26 16.80 3.85
C GLU B 237 38.48 17.18 5.11
N LYS B 238 38.85 18.29 5.75
CA LYS B 238 38.12 18.73 6.92
C LYS B 238 36.75 19.30 6.60
N PHE B 239 35.84 19.12 7.55
CA PHE B 239 34.57 19.81 7.47
C PHE B 239 34.73 21.29 7.81
N THR B 240 34.03 22.13 7.08
CA THR B 240 33.83 23.50 7.49
C THR B 240 32.40 23.60 8.01
N TYR B 241 32.05 24.74 8.56
CA TYR B 241 30.79 24.93 9.22
C TYR B 241 30.21 26.28 8.88
N GLN B 242 28.94 26.30 8.50
CA GLN B 242 28.22 27.51 8.13
C GLN B 242 27.09 27.71 9.12
N GLU B 243 27.26 28.69 10.01
CA GLU B 243 26.28 28.93 11.05
C GLU B 243 24.94 29.42 10.50
N ASN B 244 24.99 30.16 9.40
CA ASN B 244 23.80 30.74 8.83
C ASN B 244 23.72 30.44 7.34
N PRO B 245 23.17 29.29 6.99
CA PRO B 245 23.02 28.91 5.60
C PRO B 245 22.25 29.93 4.79
N GLU B 246 22.63 30.09 3.53
CA GLU B 246 21.98 31.07 2.72
C GLU B 246 21.15 30.47 1.61
N ALA B 247 20.05 31.14 1.32
CA ALA B 247 19.15 30.80 0.23
C ALA B 247 19.69 31.48 -1.03
N MET B 248 20.24 30.69 -1.92
CA MET B 248 20.91 31.17 -3.11
C MET B 248 20.10 31.07 -4.41
N GLY B 249 18.92 30.46 -4.38
CA GLY B 249 18.20 30.14 -5.62
C GLY B 249 17.09 31.03 -6.14
N GLY B 250 16.83 32.11 -5.43
CA GLY B 250 15.77 33.01 -5.82
C GLY B 250 14.36 32.50 -5.57
N ILE B 251 13.37 33.30 -5.91
CA ILE B 251 11.95 32.98 -5.70
C ILE B 251 11.40 32.53 -7.02
N PRO B 252 10.98 31.27 -7.10
CA PRO B 252 10.56 30.74 -8.40
C PRO B 252 9.17 31.18 -8.79
N HIS B 253 8.88 31.15 -10.08
CA HIS B 253 7.58 31.45 -10.59
C HIS B 253 7.34 30.61 -11.83
N ILE B 254 6.50 29.62 -11.68
CA ILE B 254 6.14 28.73 -12.75
C ILE B 254 5.02 29.39 -13.56
N LYS B 255 5.03 29.19 -14.88
CA LYS B 255 3.96 29.74 -15.69
C LYS B 255 2.59 29.16 -15.38
N PRO B 256 1.54 29.98 -15.33
CA PRO B 256 0.20 29.41 -15.22
C PRO B 256 -0.08 28.45 -16.36
N GLY B 257 -0.74 27.35 -16.06
CA GLY B 257 -1.08 26.35 -17.05
C GLY B 257 -2.16 26.77 -18.03
N ASP B 258 -2.24 25.98 -19.08
CA ASP B 258 -3.25 26.14 -20.10
C ASP B 258 -4.64 26.19 -19.50
N PRO B 259 -5.55 27.02 -20.01
CA PRO B 259 -6.94 27.06 -19.51
C PRO B 259 -7.66 25.74 -19.54
N ARG B 260 -7.27 24.82 -20.41
CA ARG B 260 -7.93 23.52 -20.50
C ARG B 260 -7.71 22.71 -19.22
N LEU B 261 -6.76 23.13 -18.37
CA LEU B 261 -6.54 22.46 -17.11
C LEU B 261 -7.41 23.00 -15.99
N HIS B 262 -7.98 24.18 -16.19
CA HIS B 262 -8.85 24.79 -15.18
C HIS B 262 -8.14 24.98 -13.87
N ASN B 263 -6.92 25.50 -13.93
CA ASN B 263 -6.11 25.74 -12.75
C ASN B 263 -6.45 27.09 -12.16
N HIS B 264 -7.60 27.17 -11.54
CA HIS B 264 -8.10 28.43 -10.99
C HIS B 264 -7.47 28.67 -9.62
N GLN B 265 -6.51 29.57 -9.60
CA GLN B 265 -5.65 29.79 -8.43
C GLN B 265 -5.74 31.20 -7.88
N GLY B 266 -6.69 31.98 -8.39
CA GLY B 266 -6.84 33.36 -7.98
C GLY B 266 -6.04 34.30 -8.84
N MET C 1 10.15 24.34 16.09
CA MET C 1 9.25 25.07 15.15
C MET C 1 10.07 25.43 13.90
N PHE C 2 9.40 25.62 12.77
CA PHE C 2 10.05 26.03 11.55
C PHE C 2 9.55 27.38 11.04
N LYS C 3 10.40 28.01 10.22
CA LYS C 3 10.04 29.18 9.44
C LYS C 3 10.51 28.96 8.01
N HIS C 4 9.87 29.65 7.11
CA HIS C 4 10.09 29.46 5.66
C HIS C 4 10.40 30.74 4.96
N THR C 5 11.35 30.70 4.03
CA THR C 5 11.58 31.81 3.12
C THR C 5 11.25 31.32 1.73
N ARG C 6 10.70 32.23 0.93
CA ARG C 6 10.36 31.89 -0.44
C ARG C 6 11.57 31.66 -1.32
N LYS C 7 12.73 32.13 -0.91
CA LYS C 7 13.97 31.91 -1.67
C LYS C 7 14.38 30.45 -1.52
N LEU C 8 14.67 29.83 -2.65
CA LEU C 8 15.14 28.45 -2.70
C LEU C 8 16.56 28.33 -2.16
N GLN C 9 16.91 27.19 -1.63
CA GLN C 9 18.27 27.02 -1.17
C GLN C 9 19.26 27.20 -2.31
N TYR C 10 18.93 26.67 -3.47
CA TYR C 10 19.81 26.74 -4.63
C TYR C 10 18.91 26.70 -5.87
N ASN C 11 19.46 27.12 -6.99
CA ASN C 11 18.77 27.15 -8.25
C ASN C 11 18.01 25.86 -8.57
N ALA C 12 16.77 25.99 -9.02
CA ALA C 12 15.98 24.83 -9.37
C ALA C 12 15.16 25.09 -10.63
N LYS C 13 15.73 25.80 -11.59
CA LYS C 13 15.04 26.09 -12.84
C LYS C 13 15.76 25.42 -14.00
N PRO C 14 15.03 24.69 -14.85
CA PRO C 14 15.65 24.08 -16.02
C PRO C 14 15.78 25.12 -17.13
N ASP C 15 16.69 24.87 -18.06
CA ASP C 15 16.82 25.77 -19.18
C ASP C 15 15.61 25.65 -20.07
N ARG C 16 15.05 24.45 -20.16
CA ARG C 16 13.89 24.23 -20.99
C ARG C 16 12.94 23.22 -20.35
N SER C 17 11.70 23.21 -20.80
CA SER C 17 10.74 22.25 -20.29
C SER C 17 11.13 20.86 -20.80
N ASP C 18 10.71 19.83 -20.06
CA ASP C 18 10.93 18.43 -20.44
C ASP C 18 10.09 17.59 -19.50
N PRO C 19 8.90 17.18 -19.92
CA PRO C 19 8.01 16.45 -18.99
C PRO C 19 8.42 15.03 -18.75
N ILE C 20 9.31 14.51 -19.59
CA ILE C 20 9.86 13.16 -19.34
C ILE C 20 10.86 13.24 -18.20
N MET C 21 11.69 14.28 -18.17
CA MET C 21 12.60 14.51 -17.07
C MET C 21 11.80 14.82 -15.80
N ALA C 22 10.69 15.53 -15.93
CA ALA C 22 9.84 15.78 -14.77
C ALA C 22 9.45 14.47 -14.12
N ARG C 23 9.02 13.53 -14.96
CA ARG C 23 8.65 12.22 -14.48
C ARG C 23 9.83 11.51 -13.78
N ARG C 24 10.99 11.54 -14.39
CA ARG C 24 12.16 10.93 -13.72
C ARG C 24 12.44 11.55 -12.36
N LEU C 25 12.32 12.86 -12.27
CA LEU C 25 12.62 13.57 -11.02
C LEU C 25 11.61 13.27 -9.93
N GLN C 26 10.47 12.72 -10.28
CA GLN C 26 9.54 12.25 -9.26
C GLN C 26 10.21 11.24 -8.34
N GLU C 27 11.23 10.54 -8.84
CA GLU C 27 11.94 9.62 -7.96
C GLU C 27 12.58 10.36 -6.78
N SER C 28 13.14 11.54 -7.07
CA SER C 28 13.82 12.32 -6.04
C SER C 28 12.85 12.99 -5.08
N LEU C 29 11.61 13.10 -5.50
CA LEU C 29 10.59 13.72 -4.67
C LEU C 29 9.83 12.68 -3.86
N GLY C 30 9.17 11.77 -4.55
CA GLY C 30 8.35 10.75 -3.92
C GLY C 30 8.87 9.34 -3.86
N GLY C 31 10.12 9.11 -4.26
CA GLY C 31 10.69 7.78 -4.30
C GLY C 31 11.27 7.28 -2.99
N GLN C 32 11.53 6.00 -2.97
CA GLN C 32 12.07 5.25 -1.83
C GLN C 32 13.22 5.96 -1.16
N TRP C 33 14.21 6.40 -1.96
CA TRP C 33 15.39 7.03 -1.41
C TRP C 33 15.46 8.53 -1.65
N GLY C 34 14.33 9.13 -2.00
CA GLY C 34 14.27 10.55 -2.32
C GLY C 34 14.34 11.47 -1.12
N GLU C 35 14.11 12.73 -1.44
CA GLU C 35 14.31 13.80 -0.48
C GLU C 35 13.29 13.76 0.65
N THR C 36 12.09 13.28 0.35
CA THR C 36 11.07 13.15 1.39
C THR C 36 11.46 12.09 2.36
N THR C 37 12.06 11.00 1.88
CA THR C 37 12.60 9.99 2.78
C THR C 37 13.68 10.57 3.69
N GLY C 38 14.60 11.34 3.10
CA GLY C 38 15.60 11.95 3.96
C GLY C 38 15.02 12.90 4.99
N MET C 39 14.15 13.77 4.53
CA MET C 39 13.52 14.76 5.40
C MET C 39 12.85 14.08 6.58
N MET C 40 11.99 13.12 6.31
CA MET C 40 11.23 12.47 7.36
C MET C 40 12.07 11.55 8.25
N SER C 41 13.06 10.88 7.68
CA SER C 41 13.94 10.07 8.48
C SER C 41 14.77 10.94 9.41
N PHE C 42 15.41 11.99 8.88
CA PHE C 42 16.32 12.73 9.74
C PHE C 42 15.56 13.52 10.80
N LEU C 43 14.40 14.06 10.45
CA LEU C 43 13.64 14.79 11.44
C LEU C 43 13.09 13.82 12.51
N SER C 44 12.57 12.66 12.09
CA SER C 44 12.00 11.74 13.09
C SER C 44 13.10 11.25 14.03
N GLN C 45 14.25 10.88 13.49
CA GLN C 45 15.37 10.47 14.32
C GLN C 45 15.80 11.60 15.25
N GLY C 46 15.85 12.80 14.70
CA GLY C 46 16.28 13.94 15.49
C GLY C 46 15.34 14.23 16.63
N TRP C 47 14.05 14.21 16.37
CA TRP C 47 13.07 14.42 17.40
C TRP C 47 13.11 13.33 18.45
N ALA C 48 13.48 12.11 18.06
CA ALA C 48 13.51 10.94 18.94
C ALA C 48 14.77 10.86 19.79
N SER C 49 15.86 11.52 19.39
CA SER C 49 17.09 11.38 20.15
C SER C 49 17.05 12.07 21.51
N THR C 50 17.56 11.34 22.48
CA THR C 50 17.73 11.86 23.83
C THR C 50 19.20 11.90 24.21
N GLY C 51 20.05 11.64 23.22
CA GLY C 51 21.48 11.51 23.42
C GLY C 51 22.29 12.74 23.08
N ALA C 52 23.51 12.50 22.62
CA ALA C 52 24.45 13.58 22.36
C ALA C 52 23.88 14.65 21.45
N GLU C 53 23.99 15.90 21.86
CA GLU C 53 23.54 16.99 21.03
C GLU C 53 24.30 17.09 19.72
N LYS C 54 25.54 16.61 19.66
CA LYS C 54 26.28 16.64 18.40
C LYS C 54 25.46 15.96 17.30
N TYR C 55 24.86 14.80 17.64
CA TYR C 55 24.11 14.02 16.65
C TYR C 55 22.68 14.46 16.53
N LYS C 56 22.03 14.80 17.64
CA LYS C 56 20.66 15.25 17.57
C LYS C 56 20.58 16.49 16.70
N ASP C 57 21.45 17.45 16.96
CA ASP C 57 21.47 18.66 16.15
C ASP C 57 21.82 18.36 14.70
N LEU C 58 22.75 17.45 14.45
CA LEU C 58 23.09 17.10 13.07
C LEU C 58 21.86 16.62 12.33
N LEU C 59 21.10 15.74 12.94
CA LEU C 59 19.88 15.21 12.31
C LEU C 59 18.86 16.28 12.03
N LEU C 60 18.65 17.19 12.97
CA LEU C 60 17.66 18.25 12.75
C LEU C 60 18.15 19.25 11.73
N ASP C 61 19.45 19.53 11.72
CA ASP C 61 20.00 20.40 10.70
C ASP C 61 19.74 19.78 9.32
N THR C 62 20.07 18.51 9.21
CA THR C 62 20.01 17.87 7.91
C THR C 62 18.58 17.65 7.45
N GLY C 63 17.73 17.20 8.36
CA GLY C 63 16.35 17.06 8.00
C GLY C 63 15.72 18.33 7.51
N THR C 64 16.07 19.44 8.17
CA THR C 64 15.57 20.74 7.77
C THR C 64 16.09 21.11 6.38
N GLU C 65 17.35 20.83 6.12
CA GLU C 65 17.92 21.06 4.79
C GLU C 65 17.17 20.21 3.74
N GLU C 66 16.87 18.97 4.08
CA GLU C 66 16.19 18.14 3.09
C GLU C 66 14.82 18.72 2.71
N MET C 67 14.16 19.44 3.61
CA MET C 67 12.90 20.07 3.25
C MET C 67 13.14 21.09 2.13
N ALA C 68 14.28 21.75 2.16
CA ALA C 68 14.63 22.69 1.10
C ALA C 68 14.79 21.95 -0.20
N HIS C 69 15.35 20.75 -0.13
CA HIS C 69 15.51 19.96 -1.34
C HIS C 69 14.16 19.46 -1.87
N VAL C 70 13.25 19.07 -0.96
CA VAL C 70 11.90 18.70 -1.39
C VAL C 70 11.29 19.90 -2.17
N GLU C 71 11.46 21.10 -1.63
CA GLU C 71 10.96 22.31 -2.27
C GLU C 71 11.59 22.51 -3.67
N MET C 72 12.89 22.35 -3.76
CA MET C 72 13.59 22.47 -5.04
C MET C 72 13.13 21.45 -6.06
N ILE C 73 12.99 20.20 -5.67
CA ILE C 73 12.56 19.21 -6.66
C ILE C 73 11.14 19.50 -7.11
N SER C 74 10.26 19.81 -6.18
CA SER C 74 8.90 20.14 -6.51
C SER C 74 8.84 21.30 -7.52
N THR C 75 9.69 22.31 -7.29
CA THR C 75 9.77 23.48 -8.14
C THR C 75 10.31 23.12 -9.52
N MET C 76 11.39 22.37 -9.55
CA MET C 76 11.97 21.94 -10.79
C MET C 76 10.97 21.14 -11.62
N ILE C 77 10.22 20.23 -10.99
CA ILE C 77 9.25 19.46 -11.71
C ILE C 77 8.19 20.37 -12.31
N GLY C 78 7.73 21.35 -11.54
CA GLY C 78 6.77 22.30 -12.04
C GLY C 78 7.28 23.04 -13.28
N TYR C 79 8.50 23.52 -13.23
CA TYR C 79 9.03 24.18 -14.40
C TYR C 79 9.12 23.21 -15.57
N LEU C 80 9.57 21.96 -15.29
CA LEU C 80 9.77 21.01 -16.39
C LEU C 80 8.48 20.65 -17.07
N LEU C 81 7.36 20.78 -16.37
CA LEU C 81 6.05 20.47 -16.91
C LEU C 81 5.41 21.62 -17.67
N GLU C 82 6.05 22.79 -17.69
CA GLU C 82 5.46 23.91 -18.38
C GLU C 82 5.18 23.59 -19.84
N ASP C 83 3.99 23.95 -20.28
CA ASP C 83 3.54 23.76 -21.67
C ASP C 83 3.57 22.30 -22.11
N ALA C 84 3.53 21.35 -21.20
CA ALA C 84 3.56 19.95 -21.59
C ALA C 84 2.33 19.57 -22.36
N PRO C 85 2.46 18.67 -23.33
CA PRO C 85 1.29 18.25 -24.11
C PRO C 85 0.35 17.32 -23.32
N PHE C 86 -0.94 17.51 -23.49
CA PHE C 86 -1.88 16.64 -22.79
C PHE C 86 -3.16 16.37 -23.54
N GLY C 87 -3.35 16.95 -24.72
CA GLY C 87 -4.55 16.65 -25.48
C GLY C 87 -4.45 17.01 -26.94
N PRO C 88 -5.54 16.74 -27.67
CA PRO C 88 -5.58 16.99 -29.11
C PRO C 88 -5.08 18.36 -29.57
N GLU C 89 -5.37 19.44 -28.86
CA GLU C 89 -4.91 20.78 -29.29
C GLU C 89 -3.39 20.86 -29.36
N ASP C 90 -2.72 20.17 -28.47
CA ASP C 90 -1.26 20.18 -28.49
C ASP C 90 -0.68 19.47 -29.69
N LEU C 91 -1.27 18.35 -30.04
CA LEU C 91 -0.74 17.66 -31.18
C LEU C 91 -0.97 18.47 -32.47
N LYS C 92 -2.01 19.30 -32.49
CA LYS C 92 -2.31 20.07 -33.71
C LYS C 92 -1.19 21.05 -34.04
N ARG C 93 -0.52 21.59 -33.02
CA ARG C 93 0.57 22.57 -33.19
C ARG C 93 1.94 21.94 -33.33
N ASP C 94 1.98 20.64 -32.98
CA ASP C 94 3.16 19.81 -33.12
C ASP C 94 2.86 18.31 -32.96
N PRO C 95 2.56 17.63 -34.06
CA PRO C 95 2.23 16.20 -34.03
C PRO C 95 3.33 15.26 -33.49
N SER C 96 4.57 15.72 -33.53
CA SER C 96 5.68 14.94 -32.98
C SER C 96 5.58 14.78 -31.45
N LEU C 97 4.66 15.49 -30.83
CA LEU C 97 4.51 15.43 -29.38
C LEU C 97 3.85 14.15 -28.89
N ALA C 98 3.34 13.31 -29.77
CA ALA C 98 2.76 12.04 -29.37
C ALA C 98 3.74 11.18 -28.58
N THR C 99 5.01 11.18 -28.96
CA THR C 99 6.00 10.39 -28.27
C THR C 99 6.20 10.89 -26.85
N THR C 100 6.28 12.20 -26.72
CA THR C 100 6.37 12.80 -25.40
C THR C 100 5.17 12.41 -24.55
N MET C 101 3.98 12.56 -25.10
CA MET C 101 2.78 12.18 -24.36
C MET C 101 2.82 10.76 -23.90
N ALA C 102 3.31 9.86 -24.75
CA ALA C 102 3.32 8.45 -24.39
C ALA C 102 4.21 8.18 -23.19
N GLY C 103 5.26 8.96 -23.01
CA GLY C 103 6.19 8.75 -21.89
C GLY C 103 5.83 9.53 -20.63
N MET C 104 4.88 10.45 -20.70
CA MET C 104 4.52 11.22 -19.52
C MET C 104 3.70 10.45 -18.52
N ASP C 105 3.69 10.94 -17.30
CA ASP C 105 2.78 10.43 -16.28
C ASP C 105 1.44 11.05 -16.56
N PRO C 106 0.42 10.27 -16.92
CA PRO C 106 -0.92 10.81 -17.19
C PRO C 106 -1.47 11.67 -16.08
N GLU C 107 -1.05 11.40 -14.85
CA GLU C 107 -1.58 12.16 -13.72
C GLU C 107 -0.99 13.53 -13.57
N HIS C 108 0.17 13.76 -14.16
CA HIS C 108 0.74 15.09 -14.05
C HIS C 108 -0.25 16.14 -14.57
N SER C 109 -0.89 15.90 -15.70
CA SER C 109 -1.91 16.79 -16.21
C SER C 109 -3.25 16.59 -15.54
N LEU C 110 -3.71 15.36 -15.55
CA LEU C 110 -5.09 15.04 -15.18
C LEU C 110 -5.39 15.29 -13.72
N VAL C 111 -4.49 14.84 -12.87
CA VAL C 111 -4.71 15.00 -11.43
C VAL C 111 -4.15 16.31 -10.90
N HIS C 112 -2.95 16.68 -11.32
CA HIS C 112 -2.23 17.79 -10.71
C HIS C 112 -2.15 19.09 -11.49
N GLY C 113 -2.70 19.12 -12.71
CA GLY C 113 -2.71 20.37 -13.46
C GLY C 113 -1.33 20.82 -13.90
N LEU C 114 -0.52 19.87 -14.28
CA LEU C 114 0.89 20.07 -14.65
C LEU C 114 1.71 20.59 -13.50
N ASN C 115 1.55 19.94 -12.35
CA ASN C 115 2.39 20.20 -11.19
C ASN C 115 2.86 18.86 -10.65
N ALA C 116 3.79 18.92 -9.73
CA ALA C 116 4.38 17.73 -9.16
C ALA C 116 3.39 16.93 -8.36
N SER C 117 3.62 15.63 -8.34
CA SER C 117 2.94 14.72 -7.42
C SER C 117 3.88 14.41 -6.27
N LEU C 118 3.39 13.64 -5.32
CA LEU C 118 4.24 13.10 -4.26
C LEU C 118 4.39 11.59 -4.48
N ASN C 119 4.37 11.18 -5.73
CA ASN C 119 4.58 9.79 -6.12
C ASN C 119 5.95 9.65 -6.79
N ASN C 120 6.39 8.40 -6.99
CA ASN C 120 7.60 8.13 -7.76
C ASN C 120 7.22 8.15 -9.26
N PRO C 121 8.16 7.89 -10.14
CA PRO C 121 7.86 7.95 -11.58
C PRO C 121 6.79 7.01 -12.09
N ASN C 122 6.53 5.96 -11.31
CA ASN C 122 5.52 4.98 -11.66
C ASN C 122 4.18 5.28 -11.04
N GLY C 123 4.06 6.39 -10.31
CA GLY C 123 2.81 6.71 -9.70
C GLY C 123 2.60 6.10 -8.33
N ALA C 124 3.64 5.47 -7.77
CA ALA C 124 3.46 4.83 -6.46
C ALA C 124 3.69 5.88 -5.41
N ALA C 125 2.72 6.01 -4.52
CA ALA C 125 2.79 7.03 -3.51
C ALA C 125 3.95 6.88 -2.56
N TRP C 126 4.58 7.99 -2.23
CA TRP C 126 5.56 7.96 -1.17
C TRP C 126 4.85 7.39 0.06
N ASN C 127 5.55 6.62 0.85
CA ASN C 127 4.98 6.12 2.08
C ASN C 127 6.03 6.01 3.18
N ALA C 128 5.57 6.01 4.41
CA ALA C 128 6.47 5.98 5.57
C ALA C 128 7.20 4.70 5.79
N GLY C 129 6.83 3.65 5.07
CA GLY C 129 7.60 2.42 5.07
C GLY C 129 9.02 2.65 4.57
N TYR C 130 9.28 3.76 3.89
CA TYR C 130 10.61 4.09 3.44
C TYR C 130 11.50 4.67 4.57
N VAL C 131 10.88 5.06 5.67
CA VAL C 131 11.56 5.75 6.74
C VAL C 131 11.98 4.84 7.89
N THR C 132 13.22 5.03 8.36
CA THR C 132 13.70 4.35 9.55
C THR C 132 14.05 5.36 10.68
N SER C 133 13.53 5.08 11.87
CA SER C 133 13.96 5.74 13.10
C SER C 133 13.79 4.68 14.19
N SER C 134 14.90 4.09 14.60
CA SER C 134 14.87 2.92 15.45
C SER C 134 15.13 3.17 16.91
N GLY C 135 15.65 4.34 17.25
CA GLY C 135 16.11 4.63 18.61
C GLY C 135 17.58 4.35 18.83
N ASN C 136 18.22 3.66 17.90
CA ASN C 136 19.65 3.34 18.01
C ASN C 136 20.36 4.06 16.85
N LEU C 137 21.20 5.04 17.17
CA LEU C 137 21.88 5.83 16.18
C LEU C 137 23.11 5.19 15.56
N VAL C 138 23.62 4.10 16.10
CA VAL C 138 24.68 3.39 15.40
C VAL C 138 24.02 2.81 14.15
N ALA C 139 22.89 2.14 14.35
CA ALA C 139 22.11 1.59 13.26
C ALA C 139 21.63 2.73 12.36
N ASP C 140 21.06 3.77 12.96
CA ASP C 140 20.40 4.75 12.11
C ASP C 140 21.37 5.65 11.32
N MET C 141 22.54 5.92 11.85
CA MET C 141 23.54 6.64 11.08
C MET C 141 23.99 5.80 9.91
N ARG C 142 24.10 4.50 10.09
CA ARG C 142 24.36 3.63 8.94
C ARG C 142 23.24 3.79 7.91
N PHE C 143 22.00 3.80 8.38
CA PHE C 143 20.87 4.01 7.46
C PHE C 143 21.00 5.33 6.76
N ASN C 144 21.39 6.36 7.49
CA ASN C 144 21.49 7.67 6.90
C ASN C 144 22.54 7.72 5.81
N VAL C 145 23.69 7.09 6.05
CA VAL C 145 24.70 7.00 5.01
C VAL C 145 24.12 6.31 3.79
N VAL C 146 23.38 5.22 3.98
CA VAL C 146 22.76 4.53 2.85
C VAL C 146 21.78 5.43 2.12
N ARG C 147 20.94 6.14 2.85
CA ARG C 147 19.99 7.04 2.21
C ARG C 147 20.74 8.00 1.28
N GLU C 148 21.81 8.59 1.78
CA GLU C 148 22.56 9.58 1.00
C GLU C 148 23.33 8.95 -0.14
N SER C 149 23.72 7.69 0.03
CA SER C 149 24.43 6.91 -0.98
C SER C 149 23.51 6.53 -2.15
N GLU C 150 22.36 5.96 -1.81
CA GLU C 150 21.38 5.60 -2.83
C GLU C 150 20.91 6.89 -3.52
N ALA C 151 20.66 7.96 -2.75
CA ALA C 151 20.20 9.19 -3.36
C ALA C 151 21.24 9.76 -4.33
N ARG C 152 22.50 9.78 -3.91
CA ARG C 152 23.55 10.32 -4.76
C ARG C 152 23.76 9.46 -6.02
N LEU C 153 23.60 8.17 -5.89
CA LEU C 153 23.63 7.28 -7.04
C LEU C 153 22.53 7.64 -8.02
N GLN C 154 21.33 7.88 -7.50
CA GLN C 154 20.21 8.25 -8.38
C GLN C 154 20.45 9.60 -9.03
N VAL C 155 20.94 10.56 -8.27
CA VAL C 155 21.24 11.90 -8.82
C VAL C 155 22.30 11.80 -9.92
N SER C 156 23.29 10.97 -9.67
CA SER C 156 24.35 10.75 -10.66
C SER C 156 23.77 10.18 -11.95
N ARG C 157 22.87 9.21 -11.83
CA ARG C 157 22.18 8.67 -12.98
C ARG C 157 21.34 9.76 -13.69
N LEU C 158 20.61 10.54 -12.91
CA LEU C 158 19.82 11.60 -13.50
C LEU C 158 20.66 12.58 -14.31
N TYR C 159 21.89 12.83 -13.86
CA TYR C 159 22.83 13.69 -14.57
C TYR C 159 23.07 13.20 -15.99
N SER C 160 23.05 11.88 -16.17
CA SER C 160 23.21 11.28 -17.49
C SER C 160 21.90 11.05 -18.22
N MET C 161 20.79 11.57 -17.68
CA MET C 161 19.48 11.40 -18.30
C MET C 161 18.97 12.71 -18.87
N THR C 162 19.80 13.75 -18.85
CA THR C 162 19.44 15.05 -19.41
C THR C 162 20.74 15.73 -19.84
N GLU C 163 20.64 16.68 -20.77
CA GLU C 163 21.76 17.53 -21.11
C GLU C 163 21.41 18.98 -20.74
N ASP C 164 20.27 19.18 -20.09
CA ASP C 164 19.85 20.51 -19.69
C ASP C 164 20.81 21.07 -18.62
N GLU C 165 21.46 22.18 -18.94
CA GLU C 165 22.44 22.73 -18.03
C GLU C 165 21.82 23.29 -16.74
N GLY C 166 20.58 23.75 -16.79
CA GLY C 166 19.87 24.23 -15.61
C GLY C 166 19.55 23.07 -14.68
N VAL C 167 19.07 21.98 -15.26
CA VAL C 167 18.80 20.78 -14.48
C VAL C 167 20.13 20.29 -13.89
N ARG C 168 21.16 20.22 -14.73
CA ARG C 168 22.44 19.73 -14.25
C ARG C 168 23.03 20.60 -13.16
N ASP C 169 22.80 21.92 -13.22
CA ASP C 169 23.33 22.82 -12.19
C ASP C 169 22.74 22.42 -10.83
N MET C 170 21.42 22.22 -10.80
CA MET C 170 20.77 21.79 -9.56
C MET C 170 21.33 20.44 -9.11
N LEU C 171 21.44 19.50 -10.03
CA LEU C 171 21.96 18.18 -9.69
C LEU C 171 23.38 18.24 -9.15
N LYS C 172 24.23 19.10 -9.71
CA LYS C 172 25.59 19.25 -9.24
C LYS C 172 25.64 19.78 -7.81
N PHE C 173 24.70 20.66 -7.44
CA PHE C 173 24.59 21.12 -6.08
C PHE C 173 24.17 19.96 -5.15
N LEU C 174 23.16 19.22 -5.58
CA LEU C 174 22.67 18.10 -4.79
C LEU C 174 23.77 17.03 -4.63
N LEU C 175 24.56 16.79 -5.66
CA LEU C 175 25.67 15.83 -5.55
C LEU C 175 26.61 16.26 -4.41
N ALA C 176 26.91 17.56 -4.36
CA ALA C 176 27.86 18.07 -3.37
C ALA C 176 27.25 17.97 -1.98
N ARG C 177 25.98 18.35 -1.85
CA ARG C 177 25.33 18.24 -0.54
C ARG C 177 25.26 16.78 -0.06
N GLU C 178 25.04 15.85 -0.99
CA GLU C 178 24.98 14.43 -0.66
C GLU C 178 26.36 13.91 -0.28
N THR C 179 27.41 14.47 -0.85
CA THR C 179 28.76 14.14 -0.38
C THR C 179 28.93 14.55 1.06
N GLN C 180 28.58 15.80 1.37
CA GLN C 180 28.69 16.28 2.74
C GLN C 180 27.86 15.42 3.67
N HIS C 181 26.63 15.12 3.28
CA HIS C 181 25.78 14.33 4.14
C HIS C 181 26.34 12.92 4.34
N GLN C 182 26.81 12.28 3.27
CA GLN C 182 27.44 10.97 3.44
C GLN C 182 28.59 11.07 4.45
N LEU C 183 29.45 12.07 4.27
CA LEU C 183 30.61 12.16 5.13
C LEU C 183 30.28 12.51 6.59
N GLN C 184 29.35 13.41 6.82
CA GLN C 184 29.02 13.77 8.21
C GLN C 184 28.38 12.60 8.92
N PHE C 185 27.55 11.83 8.22
CA PHE C 185 26.92 10.68 8.85
C PHE C 185 27.92 9.55 9.03
N MET C 186 28.88 9.41 8.12
CA MET C 186 29.96 8.44 8.32
C MET C 186 30.80 8.81 9.57
N LYS C 187 31.06 10.09 9.79
CA LYS C 187 31.83 10.49 10.96
C LYS C 187 31.04 10.18 12.23
N ALA C 188 29.76 10.54 12.25
CA ALA C 188 28.91 10.24 13.39
C ALA C 188 28.87 8.74 13.64
N GLN C 189 28.65 7.96 12.58
CA GLN C 189 28.64 6.52 12.69
C GLN C 189 29.90 6.00 13.33
N GLU C 190 31.04 6.47 12.88
CA GLU C 190 32.30 5.97 13.41
C GLU C 190 32.50 6.33 14.88
N GLU C 191 32.14 7.54 15.26
CA GLU C 191 32.26 7.93 16.66
C GLU C 191 31.34 7.07 17.52
N LEU C 192 30.13 6.78 17.02
CA LEU C 192 29.18 5.96 17.77
C LEU C 192 29.66 4.52 17.87
N GLU C 193 30.27 4.00 16.81
CA GLU C 193 30.83 2.65 16.81
C GLU C 193 31.96 2.55 17.83
N GLU C 194 32.74 3.63 17.94
CA GLU C 194 33.82 3.67 18.93
C GLU C 194 33.27 3.63 20.35
N LYS C 195 32.14 4.28 20.58
CA LYS C 195 31.53 4.29 21.91
C LYS C 195 30.79 2.99 22.26
N TYR C 196 30.07 2.41 21.30
CA TYR C 196 29.17 1.30 21.58
C TYR C 196 29.56 -0.04 21.01
N GLY C 197 30.40 -0.04 19.99
CA GLY C 197 30.83 -1.26 19.36
C GLY C 197 30.56 -1.27 17.86
N ILE C 198 31.35 -2.06 17.14
CA ILE C 198 31.17 -2.20 15.70
C ILE C 198 29.99 -3.05 15.34
N ILE C 199 29.55 -3.95 16.22
CA ILE C 199 28.35 -4.75 15.95
C ILE C 199 27.19 -4.06 16.62
N VAL C 200 26.07 -3.99 15.93
CA VAL C 200 24.89 -3.34 16.47
C VAL C 200 23.91 -4.39 16.94
N PRO C 201 23.40 -4.29 18.15
CA PRO C 201 23.84 -3.35 19.17
C PRO C 201 25.10 -3.95 19.77
N GLY C 202 25.89 -3.11 20.40
CA GLY C 202 27.20 -3.54 20.86
C GLY C 202 27.29 -4.25 22.19
N ASP C 203 26.14 -4.44 22.83
CA ASP C 203 26.09 -5.02 24.16
C ASP C 203 25.43 -6.38 24.26
N MET C 204 25.64 -7.22 23.26
CA MET C 204 25.07 -8.56 23.25
C MET C 204 26.08 -9.69 22.95
N LYS C 205 27.38 -9.40 22.98
CA LYS C 205 28.37 -10.41 22.62
C LYS C 205 28.35 -11.64 23.53
N GLU C 206 28.04 -11.43 24.81
CA GLU C 206 27.99 -12.54 25.76
C GLU C 206 26.69 -13.33 25.68
N ILE C 207 25.71 -12.79 24.97
CA ILE C 207 24.42 -13.45 24.84
C ILE C 207 24.33 -14.33 23.60
N GLU C 208 24.86 -13.83 22.47
CA GLU C 208 24.80 -14.60 21.23
C GLU C 208 25.56 -15.91 21.31
N HIS C 209 25.20 -16.85 20.42
CA HIS C 209 25.89 -18.12 20.31
C HIS C 209 27.15 -17.87 19.48
N SER C 210 28.24 -17.53 20.18
CA SER C 210 29.53 -17.14 19.61
C SER C 210 30.11 -18.06 18.57
N GLU C 211 29.88 -19.37 18.69
CA GLU C 211 30.48 -20.31 17.74
C GLU C 211 30.04 -20.04 16.28
N PHE C 212 28.91 -19.35 16.09
CA PHE C 212 28.42 -19.09 14.74
C PHE C 212 28.64 -17.66 14.27
N SER C 213 29.29 -16.84 15.08
CA SER C 213 29.39 -15.42 14.81
C SER C 213 30.39 -14.96 13.77
N HIS C 214 31.32 -15.84 13.39
CA HIS C 214 32.37 -15.48 12.43
C HIS C 214 32.54 -16.52 11.34
N VAL C 215 31.50 -17.32 11.12
CA VAL C 215 31.50 -18.39 10.10
C VAL C 215 30.77 -17.97 8.83
N LEU C 216 31.49 -17.95 7.74
CA LEU C 216 30.87 -17.71 6.45
C LEU C 216 30.28 -19.02 5.99
N MET C 217 28.97 -19.05 5.81
CA MET C 217 28.28 -20.28 5.45
C MET C 217 27.91 -20.30 3.97
N ASN C 218 28.49 -21.26 3.27
CA ASN C 218 28.38 -21.40 1.82
C ASN C 218 27.10 -22.05 1.33
N PHE C 219 26.00 -21.30 1.34
CA PHE C 219 24.72 -21.83 0.91
C PHE C 219 24.50 -21.90 -0.60
N SER C 220 25.28 -21.18 -1.38
CA SER C 220 25.22 -21.21 -2.84
C SER C 220 26.50 -21.84 -3.39
N ASP C 221 26.39 -22.66 -4.42
CA ASP C 221 27.54 -23.46 -4.86
C ASP C 221 28.69 -22.71 -5.54
N GLY C 222 28.55 -21.42 -5.76
CA GLY C 222 29.69 -20.65 -6.22
C GLY C 222 30.77 -20.68 -5.15
N ASP C 223 32.05 -20.54 -5.53
CA ASP C 223 33.08 -20.50 -4.49
C ASP C 223 33.70 -19.11 -4.27
N GLY C 224 33.08 -18.07 -4.81
CA GLY C 224 33.65 -16.75 -4.65
C GLY C 224 33.86 -16.33 -3.21
N SER C 225 32.90 -16.67 -2.35
CA SER C 225 32.94 -16.21 -0.98
C SER C 225 34.03 -16.83 -0.17
N LYS C 226 34.63 -17.91 -0.68
CA LYS C 226 35.76 -18.56 0.01
C LYS C 226 36.93 -17.58 0.14
N ALA C 227 36.98 -16.55 -0.70
CA ALA C 227 38.02 -15.54 -0.59
C ALA C 227 37.99 -14.77 0.71
N PHE C 228 36.87 -14.79 1.44
CA PHE C 228 36.81 -14.14 2.76
C PHE C 228 37.51 -14.98 3.87
N GLU C 229 37.70 -16.27 3.61
CA GLU C 229 38.25 -17.18 4.63
C GLU C 229 39.61 -16.69 5.06
N GLY C 230 39.79 -16.52 6.37
CA GLY C 230 41.06 -16.07 6.91
C GLY C 230 41.26 -14.59 6.95
N GLN C 231 40.37 -13.83 6.29
CA GLN C 231 40.46 -12.40 6.36
C GLN C 231 40.02 -11.94 7.73
N VAL C 232 40.60 -10.84 8.20
CA VAL C 232 40.30 -10.30 9.51
C VAL C 232 39.11 -9.37 9.38
N ALA C 233 38.07 -9.71 10.12
CA ALA C 233 36.86 -8.91 10.17
C ALA C 233 37.10 -7.65 10.97
N LYS C 234 36.12 -6.76 10.93
CA LYS C 234 36.30 -5.43 11.52
C LYS C 234 36.42 -5.45 13.04
N ASP C 235 35.96 -6.53 13.68
CA ASP C 235 36.08 -6.68 15.14
C ASP C 235 37.41 -7.35 15.55
N GLY C 236 38.26 -7.60 14.59
CA GLY C 236 39.58 -8.18 14.86
C GLY C 236 39.68 -9.67 14.83
N GLU C 237 38.58 -10.36 14.57
CA GLU C 237 38.59 -11.82 14.52
C GLU C 237 38.48 -12.27 13.05
N LYS C 238 39.16 -13.34 12.71
CA LYS C 238 39.13 -13.84 11.35
C LYS C 238 37.81 -14.55 11.03
N PHE C 239 37.41 -14.47 9.76
CA PHE C 239 36.33 -15.28 9.29
C PHE C 239 36.81 -16.71 9.10
N THR C 240 35.99 -17.67 9.51
CA THR C 240 36.15 -19.05 9.06
C THR C 240 35.14 -19.29 7.97
N TYR C 241 35.21 -20.46 7.36
CA TYR C 241 34.42 -20.78 6.19
C TYR C 241 33.89 -22.20 6.29
N GLN C 242 32.59 -22.38 6.04
CA GLN C 242 31.96 -23.67 6.09
C GLN C 242 31.41 -23.98 4.72
N GLU C 243 32.11 -24.85 3.99
CA GLU C 243 31.72 -25.22 2.64
C GLU C 243 30.34 -25.89 2.54
N ASN C 244 29.96 -26.65 3.57
CA ASN C 244 28.70 -27.36 3.61
C ASN C 244 27.94 -27.11 4.90
N PRO C 245 27.19 -26.02 4.94
CA PRO C 245 26.42 -25.69 6.15
C PRO C 245 25.48 -26.82 6.54
N GLU C 246 25.27 -26.98 7.83
CA GLU C 246 24.44 -28.06 8.30
C GLU C 246 23.11 -27.60 8.83
N ALA C 247 22.10 -28.43 8.59
CA ALA C 247 20.78 -28.21 9.19
C ALA C 247 20.79 -28.83 10.58
N MET C 248 20.74 -27.99 11.59
CA MET C 248 20.90 -28.43 12.98
C MET C 248 19.64 -28.45 13.84
N GLY C 249 18.52 -27.96 13.28
CA GLY C 249 17.30 -27.74 14.07
C GLY C 249 16.17 -28.76 14.10
N GLY C 250 16.35 -29.86 13.39
CA GLY C 250 15.31 -30.88 13.32
C GLY C 250 14.15 -30.52 12.39
N ILE C 251 13.27 -31.49 12.21
CA ILE C 251 12.06 -31.36 11.41
C ILE C 251 10.94 -30.93 12.35
N PRO C 252 10.35 -29.78 12.11
CA PRO C 252 9.31 -29.32 13.02
C PRO C 252 8.03 -30.11 12.88
N HIS C 253 7.24 -30.11 13.96
CA HIS C 253 5.96 -30.82 14.04
C HIS C 253 5.04 -30.00 14.92
N ILE C 254 4.36 -29.05 14.29
CA ILE C 254 3.43 -28.18 15.00
C ILE C 254 2.13 -28.94 15.27
N LYS C 255 1.50 -28.60 16.37
CA LYS C 255 0.28 -29.26 16.77
C LYS C 255 -0.94 -28.84 15.91
N PRO C 256 -1.76 -29.77 15.42
CA PRO C 256 -3.00 -29.38 14.76
C PRO C 256 -3.83 -28.49 15.66
N GLY C 257 -4.48 -27.51 15.05
CA GLY C 257 -5.34 -26.58 15.74
C GLY C 257 -6.70 -27.12 16.13
N ASP C 258 -7.37 -26.37 16.98
CA ASP C 258 -8.70 -26.65 17.44
C ASP C 258 -9.65 -26.80 16.26
N PRO C 259 -10.52 -27.81 16.29
CA PRO C 259 -11.53 -28.00 15.24
C PRO C 259 -12.38 -26.78 14.88
N ARG C 260 -12.55 -25.84 15.79
CA ARG C 260 -13.31 -24.64 15.48
C ARG C 260 -12.65 -23.84 14.36
N LEU C 261 -11.38 -24.13 14.07
CA LEU C 261 -10.69 -23.43 13.02
C LEU C 261 -10.90 -24.08 11.65
N HIS C 262 -11.38 -25.31 11.62
CA HIS C 262 -11.64 -26.03 10.39
C HIS C 262 -10.36 -26.15 9.54
N ASN C 263 -9.25 -26.46 10.21
CA ASN C 263 -7.98 -26.59 9.52
C ASN C 263 -7.85 -27.97 8.90
N HIS C 264 -8.63 -28.20 7.85
CA HIS C 264 -8.67 -29.50 7.18
C HIS C 264 -7.45 -29.61 6.25
N GLN C 265 -6.47 -30.39 6.69
CA GLN C 265 -5.20 -30.50 6.03
C GLN C 265 -4.83 -31.89 5.55
N GLY C 266 -5.77 -32.81 5.59
CA GLY C 266 -5.57 -34.17 5.19
C GLY C 266 -5.14 -35.06 6.32
N MET D 1 -30.76 -3.49 0.53
CA MET D 1 -30.40 -4.48 -0.54
C MET D 1 -30.40 -3.76 -1.87
N PHE D 2 -29.70 -4.30 -2.87
CA PHE D 2 -29.65 -3.69 -4.20
C PHE D 2 -30.19 -4.62 -5.28
N LYS D 3 -30.63 -4.04 -6.39
CA LYS D 3 -31.01 -4.78 -7.59
C LYS D 3 -30.32 -4.08 -8.76
N HIS D 4 -30.11 -4.83 -9.84
CA HIS D 4 -29.35 -4.32 -10.98
C HIS D 4 -30.13 -4.52 -12.28
N THR D 5 -30.03 -3.53 -13.17
CA THR D 5 -30.48 -3.67 -14.55
C THR D 5 -29.25 -3.55 -15.45
N ARG D 6 -29.24 -4.34 -16.51
CA ARG D 6 -28.18 -4.30 -17.49
C ARG D 6 -28.08 -2.99 -18.24
N LYS D 7 -29.17 -2.23 -18.27
CA LYS D 7 -29.18 -0.96 -18.91
C LYS D 7 -28.33 0.05 -18.10
N LEU D 8 -27.44 0.73 -18.82
CA LEU D 8 -26.61 1.75 -18.22
C LEU D 8 -27.42 2.97 -17.84
N GLN D 9 -26.97 3.73 -16.83
CA GLN D 9 -27.67 4.96 -16.48
C GLN D 9 -27.71 5.92 -17.68
N TYR D 10 -26.58 6.06 -18.36
CA TYR D 10 -26.44 6.95 -19.49
C TYR D 10 -25.40 6.33 -20.43
N ASN D 11 -25.38 6.78 -21.69
CA ASN D 11 -24.43 6.31 -22.68
C ASN D 11 -23.05 6.23 -22.16
N ALA D 12 -22.41 5.09 -22.45
CA ALA D 12 -21.01 4.87 -22.08
C ALA D 12 -20.24 4.22 -23.21
N LYS D 13 -20.60 4.54 -24.45
CA LYS D 13 -19.93 3.98 -25.60
C LYS D 13 -19.25 5.07 -26.40
N PRO D 14 -17.96 4.90 -26.68
CA PRO D 14 -17.23 5.87 -27.47
C PRO D 14 -17.53 5.65 -28.93
N ASP D 15 -17.27 6.66 -29.75
CA ASP D 15 -17.41 6.50 -31.19
C ASP D 15 -16.36 5.54 -31.70
N ARG D 16 -15.16 5.61 -31.11
CA ARG D 16 -14.07 4.75 -31.54
C ARG D 16 -13.11 4.37 -30.45
N SER D 17 -12.30 3.35 -30.74
CA SER D 17 -11.32 2.88 -29.77
C SER D 17 -10.22 3.89 -29.55
N ASP D 18 -9.65 3.84 -28.34
CA ASP D 18 -8.51 4.68 -27.98
C ASP D 18 -7.95 4.23 -26.63
N PRO D 19 -6.94 3.39 -26.65
CA PRO D 19 -6.41 2.78 -25.42
C PRO D 19 -5.65 3.73 -24.52
N ILE D 20 -5.26 4.87 -25.05
CA ILE D 20 -4.63 5.91 -24.26
C ILE D 20 -5.69 6.60 -23.43
N MET D 21 -6.84 6.89 -24.04
CA MET D 21 -7.95 7.44 -23.30
C MET D 21 -8.47 6.43 -22.27
N ALA D 22 -8.44 5.15 -22.59
CA ALA D 22 -8.84 4.14 -21.64
C ALA D 22 -7.97 4.27 -20.39
N ARG D 23 -6.66 4.38 -20.61
CA ARG D 23 -5.75 4.55 -19.49
C ARG D 23 -6.09 5.81 -18.64
N ARG D 24 -6.35 6.95 -19.31
CA ARG D 24 -6.72 8.16 -18.57
C ARG D 24 -7.98 7.92 -17.72
N LEU D 25 -8.99 7.29 -18.31
CA LEU D 25 -10.28 7.06 -17.65
C LEU D 25 -10.14 6.14 -16.47
N GLN D 26 -9.05 5.37 -16.38
CA GLN D 26 -8.85 4.62 -15.15
C GLN D 26 -8.78 5.52 -13.92
N GLU D 27 -8.44 6.79 -14.08
CA GLU D 27 -8.45 7.73 -12.96
C GLU D 27 -9.87 7.85 -12.39
N SER D 28 -10.88 7.89 -13.28
CA SER D 28 -12.28 8.01 -12.87
C SER D 28 -12.82 6.71 -12.28
N LEU D 29 -12.18 5.58 -12.56
CA LEU D 29 -12.66 4.29 -12.07
C LEU D 29 -11.92 3.96 -10.76
N GLY D 30 -10.62 3.87 -10.81
CA GLY D 30 -9.83 3.44 -9.67
C GLY D 30 -9.01 4.51 -8.97
N GLY D 31 -9.11 5.77 -9.36
CA GLY D 31 -8.32 6.83 -8.78
C GLY D 31 -8.83 7.37 -7.47
N GLN D 32 -7.96 8.16 -6.84
CA GLN D 32 -8.20 8.79 -5.56
C GLN D 32 -9.59 9.41 -5.48
N TRP D 33 -9.97 10.21 -6.48
CA TRP D 33 -11.24 10.94 -6.42
C TRP D 33 -12.27 10.42 -7.40
N GLY D 34 -12.09 9.19 -7.88
CA GLY D 34 -12.98 8.60 -8.86
C GLY D 34 -14.26 8.05 -8.29
N GLU D 35 -14.99 7.38 -9.17
CA GLU D 35 -16.35 6.94 -8.90
C GLU D 35 -16.42 5.89 -7.81
N THR D 36 -15.40 5.06 -7.70
CA THR D 36 -15.39 4.07 -6.63
C THR D 36 -15.23 4.76 -5.28
N THR D 37 -14.43 5.82 -5.22
CA THR D 37 -14.36 6.61 -3.99
C THR D 37 -15.69 7.22 -3.61
N GLY D 38 -16.40 7.77 -4.59
CA GLY D 38 -17.73 8.28 -4.29
C GLY D 38 -18.67 7.20 -3.82
N MET D 39 -18.74 6.12 -4.56
CA MET D 39 -19.59 5.02 -4.22
C MET D 39 -19.38 4.55 -2.79
N MET D 40 -18.13 4.25 -2.45
CA MET D 40 -17.86 3.71 -1.16
C MET D 40 -17.96 4.71 -0.01
N SER D 41 -17.64 5.96 -0.28
CA SER D 41 -17.75 6.99 0.73
C SER D 41 -19.22 7.27 1.05
N PHE D 42 -20.04 7.43 0.01
CA PHE D 42 -21.42 7.81 0.25
C PHE D 42 -22.19 6.65 0.86
N LEU D 43 -21.97 5.44 0.36
CA LEU D 43 -22.65 4.29 0.95
C LEU D 43 -22.23 4.10 2.41
N SER D 44 -20.93 4.12 2.69
CA SER D 44 -20.52 3.89 4.06
C SER D 44 -21.02 4.97 5.01
N GLN D 45 -21.00 6.22 4.57
CA GLN D 45 -21.54 7.27 5.40
C GLN D 45 -23.04 7.07 5.60
N GLY D 46 -23.74 6.70 4.53
CA GLY D 46 -25.17 6.42 4.60
C GLY D 46 -25.51 5.34 5.58
N TRP D 47 -24.77 4.24 5.51
CA TRP D 47 -25.04 3.12 6.40
C TRP D 47 -24.73 3.48 7.83
N ALA D 48 -23.76 4.37 8.07
CA ALA D 48 -23.35 4.78 9.40
C ALA D 48 -24.20 5.91 10.01
N SER D 49 -25.03 6.56 9.22
CA SER D 49 -25.82 7.64 9.77
C SER D 49 -27.00 7.17 10.60
N THR D 50 -27.13 7.79 11.75
CA THR D 50 -28.25 7.55 12.66
C THR D 50 -29.07 8.81 12.79
N GLY D 51 -28.78 9.80 11.96
CA GLY D 51 -29.33 11.13 12.05
C GLY D 51 -30.50 11.33 11.11
N ALA D 52 -30.67 12.56 10.69
CA ALA D 52 -31.84 12.90 9.90
C ALA D 52 -31.93 12.11 8.60
N GLU D 53 -33.13 11.68 8.29
CA GLU D 53 -33.37 10.89 7.11
C GLU D 53 -33.00 11.62 5.84
N LYS D 54 -33.18 12.94 5.83
CA LYS D 54 -32.88 13.72 4.65
C LYS D 54 -31.47 13.41 4.14
N TYR D 55 -30.55 13.36 5.08
CA TYR D 55 -29.13 13.20 4.74
C TYR D 55 -28.76 11.73 4.55
N LYS D 56 -29.30 10.87 5.37
CA LYS D 56 -29.02 9.46 5.23
C LYS D 56 -29.51 8.96 3.87
N ASP D 57 -30.73 9.38 3.50
CA ASP D 57 -31.30 8.96 2.22
C ASP D 57 -30.50 9.61 1.10
N LEU D 58 -30.14 10.88 1.22
CA LEU D 58 -29.32 11.50 0.18
C LEU D 58 -28.05 10.69 -0.10
N LEU D 59 -27.38 10.28 0.97
CA LEU D 59 -26.13 9.54 0.84
C LEU D 59 -26.34 8.21 0.15
N LEU D 60 -27.42 7.52 0.51
CA LEU D 60 -27.71 6.23 -0.09
C LEU D 60 -28.16 6.40 -1.54
N ASP D 61 -28.93 7.45 -1.82
CA ASP D 61 -29.31 7.73 -3.20
C ASP D 61 -28.05 7.92 -4.04
N THR D 62 -27.14 8.75 -3.54
CA THR D 62 -26.01 9.15 -4.34
C THR D 62 -25.01 8.03 -4.44
N GLY D 63 -24.73 7.34 -3.33
CA GLY D 63 -23.81 6.21 -3.42
C GLY D 63 -24.30 5.17 -4.41
N THR D 64 -25.60 4.92 -4.43
CA THR D 64 -26.19 3.97 -5.40
C THR D 64 -25.99 4.49 -6.82
N GLU D 65 -26.20 5.77 -7.03
CA GLU D 65 -25.96 6.36 -8.34
C GLU D 65 -24.48 6.20 -8.75
N GLU D 66 -23.57 6.40 -7.81
CA GLU D 66 -22.16 6.25 -8.16
C GLU D 66 -21.84 4.84 -8.64
N MET D 67 -22.52 3.84 -8.12
CA MET D 67 -22.31 2.49 -8.62
C MET D 67 -22.64 2.40 -10.11
N ALA D 68 -23.66 3.13 -10.55
CA ALA D 68 -23.95 3.18 -11.98
C ALA D 68 -22.82 3.82 -12.74
N HIS D 69 -22.18 4.82 -12.12
CA HIS D 69 -21.07 5.51 -12.80
C HIS D 69 -19.84 4.61 -12.86
N VAL D 70 -19.60 3.84 -11.81
CA VAL D 70 -18.54 2.83 -11.81
C VAL D 70 -18.76 1.87 -13.02
N GLU D 71 -19.99 1.40 -13.17
CA GLU D 71 -20.39 0.55 -14.30
C GLU D 71 -20.13 1.21 -15.64
N MET D 72 -20.52 2.47 -15.76
CA MET D 72 -20.28 3.25 -16.98
C MET D 72 -18.81 3.39 -17.34
N ILE D 73 -17.98 3.78 -16.38
CA ILE D 73 -16.59 3.99 -16.69
C ILE D 73 -15.96 2.63 -17.06
N SER D 74 -16.30 1.59 -16.33
CA SER D 74 -15.79 0.24 -16.62
C SER D 74 -16.11 -0.17 -18.05
N THR D 75 -17.35 0.09 -18.46
CA THR D 75 -17.85 -0.23 -19.78
C THR D 75 -17.16 0.59 -20.85
N MET D 76 -17.04 1.90 -20.61
CA MET D 76 -16.36 2.79 -21.56
C MET D 76 -14.93 2.36 -21.78
N ILE D 77 -14.23 2.03 -20.69
CA ILE D 77 -12.87 1.55 -20.81
C ILE D 77 -12.81 0.29 -21.69
N GLY D 78 -13.69 -0.67 -21.44
CA GLY D 78 -13.74 -1.86 -22.26
C GLY D 78 -13.92 -1.55 -23.74
N TYR D 79 -14.84 -0.66 -24.06
CA TYR D 79 -14.99 -0.30 -25.46
C TYR D 79 -13.72 0.35 -25.99
N LEU D 80 -13.13 1.26 -25.22
CA LEU D 80 -11.97 2.00 -25.68
C LEU D 80 -10.75 1.12 -25.92
N LEU D 81 -10.73 -0.04 -25.27
CA LEU D 81 -9.64 -1.01 -25.41
C LEU D 81 -9.82 -1.98 -26.56
N GLU D 82 -10.96 -1.90 -27.26
CA GLU D 82 -11.13 -2.82 -28.39
C GLU D 82 -10.02 -2.63 -29.41
N ASP D 83 -9.50 -3.75 -29.89
CA ASP D 83 -8.46 -3.76 -30.88
C ASP D 83 -7.15 -3.10 -30.48
N ALA D 84 -6.91 -2.89 -29.19
CA ALA D 84 -5.70 -2.24 -28.79
C ALA D 84 -4.51 -3.11 -29.09
N PRO D 85 -3.39 -2.50 -29.46
CA PRO D 85 -2.20 -3.30 -29.79
C PRO D 85 -1.53 -3.82 -28.53
N PHE D 86 -1.04 -5.05 -28.60
CA PHE D 86 -0.36 -5.64 -27.47
C PHE D 86 0.80 -6.59 -27.80
N GLY D 87 1.05 -6.88 -29.08
CA GLY D 87 2.17 -7.75 -29.36
C GLY D 87 2.69 -7.62 -30.76
N PRO D 88 3.66 -8.43 -31.08
CA PRO D 88 4.29 -8.40 -32.39
C PRO D 88 3.33 -8.49 -33.54
N GLU D 89 2.24 -9.25 -33.49
CA GLU D 89 1.32 -9.31 -34.63
C GLU D 89 0.78 -7.92 -34.91
N ASP D 90 0.51 -7.14 -33.87
CA ASP D 90 -0.02 -5.82 -34.10
C ASP D 90 1.01 -4.93 -34.73
N LEU D 91 2.26 -5.06 -34.30
CA LEU D 91 3.34 -4.28 -34.85
C LEU D 91 3.67 -4.68 -36.28
N LYS D 92 3.43 -5.96 -36.63
CA LYS D 92 3.68 -6.45 -37.99
C LYS D 92 2.67 -5.79 -38.91
N ARG D 93 1.46 -5.70 -38.42
CA ARG D 93 0.38 -5.08 -39.13
C ARG D 93 0.65 -3.59 -39.35
N ASP D 94 1.05 -2.91 -38.29
CA ASP D 94 1.20 -1.47 -38.32
C ASP D 94 2.28 -1.04 -37.33
N PRO D 95 3.51 -0.89 -37.80
CA PRO D 95 4.63 -0.51 -36.92
C PRO D 95 4.41 0.77 -36.16
N SER D 96 3.62 1.69 -36.70
CA SER D 96 3.35 2.94 -36.00
C SER D 96 2.65 2.71 -34.66
N LEU D 97 2.04 1.56 -34.46
CA LEU D 97 1.35 1.31 -33.20
C LEU D 97 2.30 1.25 -32.02
N ALA D 98 3.61 1.19 -32.25
CA ALA D 98 4.52 1.15 -31.12
C ALA D 98 4.32 2.38 -30.19
N THR D 99 4.00 3.55 -30.75
CA THR D 99 3.77 4.75 -29.94
C THR D 99 2.59 4.57 -29.01
N THR D 100 1.49 4.07 -29.58
CA THR D 100 0.30 3.74 -28.78
C THR D 100 0.64 2.74 -27.71
N MET D 101 1.32 1.66 -28.08
CA MET D 101 1.63 0.63 -27.10
C MET D 101 2.47 1.20 -25.97
N ALA D 102 3.41 2.07 -26.31
CA ALA D 102 4.30 2.69 -25.30
C ALA D 102 3.49 3.47 -24.26
N GLY D 103 2.38 4.10 -24.67
CA GLY D 103 1.58 4.86 -23.74
C GLY D 103 0.50 4.10 -23.01
N MET D 104 0.30 2.83 -23.36
CA MET D 104 -0.73 2.05 -22.72
C MET D 104 -0.32 1.56 -21.34
N ASP D 105 -1.30 1.11 -20.58
CA ASP D 105 -1.06 0.35 -19.35
C ASP D 105 -0.77 -1.09 -19.75
N PRO D 106 0.44 -1.60 -19.52
CA PRO D 106 0.75 -2.99 -19.89
C PRO D 106 -0.17 -4.03 -19.32
N GLU D 107 -0.80 -3.70 -18.20
CA GLU D 107 -1.64 -4.68 -17.55
C GLU D 107 -3.04 -4.76 -18.18
N HIS D 108 -3.43 -3.74 -18.94
CA HIS D 108 -4.72 -3.80 -19.60
C HIS D 108 -4.83 -5.07 -20.43
N SER D 109 -3.80 -5.36 -21.21
CA SER D 109 -3.77 -6.59 -21.99
C SER D 109 -3.38 -7.79 -21.15
N LEU D 110 -2.23 -7.68 -20.49
CA LEU D 110 -1.59 -8.85 -19.86
C LEU D 110 -2.41 -9.43 -18.71
N VAL D 111 -2.90 -8.55 -17.86
CA VAL D 111 -3.66 -8.99 -16.71
C VAL D 111 -5.13 -9.13 -16.99
N HIS D 112 -5.71 -8.14 -17.66
CA HIS D 112 -7.15 -8.08 -17.80
C HIS D 112 -7.75 -8.48 -19.15
N GLY D 113 -6.91 -8.83 -20.11
CA GLY D 113 -7.42 -9.24 -21.41
C GLY D 113 -8.16 -8.13 -22.16
N LEU D 114 -7.61 -6.93 -22.09
CA LEU D 114 -8.15 -5.69 -22.68
C LEU D 114 -9.51 -5.35 -22.10
N ASN D 115 -9.52 -5.35 -20.78
CA ASN D 115 -10.66 -4.91 -20.00
C ASN D 115 -10.16 -3.98 -18.91
N ALA D 116 -11.09 -3.31 -18.24
CA ALA D 116 -10.74 -2.36 -17.18
C ALA D 116 -10.10 -3.02 -15.99
N SER D 117 -9.25 -2.24 -15.32
CA SER D 117 -8.72 -2.58 -14.03
C SER D 117 -9.43 -1.74 -13.00
N LEU D 118 -9.15 -2.00 -11.72
CA LEU D 118 -9.67 -1.16 -10.64
C LEU D 118 -8.51 -0.34 -10.07
N ASN D 119 -7.56 0.00 -10.95
CA ASN D 119 -6.44 0.83 -10.62
C ASN D 119 -6.56 2.19 -11.27
N ASN D 120 -5.69 3.11 -10.89
CA ASN D 120 -5.59 4.40 -11.55
C ASN D 120 -4.74 4.24 -12.83
N PRO D 121 -4.48 5.31 -13.57
CA PRO D 121 -3.75 5.18 -14.83
C PRO D 121 -2.37 4.59 -14.71
N ASN D 122 -1.81 4.71 -13.52
CA ASN D 122 -0.45 4.21 -13.24
C ASN D 122 -0.41 2.88 -12.55
N GLY D 123 -1.55 2.20 -12.49
CA GLY D 123 -1.60 0.87 -11.92
C GLY D 123 -1.66 0.83 -10.42
N ALA D 124 -1.84 1.98 -9.79
CA ALA D 124 -1.96 2.00 -8.33
C ALA D 124 -3.36 1.57 -7.97
N ALA D 125 -3.47 0.53 -7.15
CA ALA D 125 -4.75 0.00 -6.76
C ALA D 125 -5.62 0.99 -6.03
N TRP D 126 -6.91 1.00 -6.39
CA TRP D 126 -7.86 1.73 -5.55
C TRP D 126 -7.79 1.16 -4.14
N ASN D 127 -7.82 2.03 -3.13
CA ASN D 127 -7.81 1.56 -1.78
C ASN D 127 -8.71 2.39 -0.90
N ALA D 128 -9.08 1.79 0.23
CA ALA D 128 -10.02 2.44 1.13
C ALA D 128 -9.47 3.64 1.86
N GLY D 129 -8.16 3.87 1.79
CA GLY D 129 -7.59 5.10 2.33
C GLY D 129 -8.11 6.32 1.62
N TYR D 130 -8.74 6.15 0.46
CA TYR D 130 -9.35 7.23 -0.27
C TYR D 130 -10.70 7.64 0.29
N VAL D 131 -11.27 6.81 1.16
CA VAL D 131 -12.65 6.98 1.64
C VAL D 131 -12.69 7.59 3.02
N THR D 132 -13.63 8.50 3.20
CA THR D 132 -13.91 9.10 4.49
C THR D 132 -15.34 8.83 4.93
N SER D 133 -15.47 8.34 6.15
CA SER D 133 -16.75 8.22 6.84
C SER D 133 -16.42 8.43 8.32
N SER D 134 -16.65 9.62 8.85
CA SER D 134 -16.15 9.97 10.19
C SER D 134 -17.17 9.88 11.28
N GLY D 135 -18.44 9.80 10.93
CA GLY D 135 -19.51 9.91 11.89
C GLY D 135 -20.06 11.32 12.07
N ASN D 136 -19.38 12.35 11.54
CA ASN D 136 -19.84 13.74 11.62
C ASN D 136 -20.10 14.19 10.20
N LEU D 137 -21.36 14.51 9.93
CA LEU D 137 -21.78 14.87 8.58
C LEU D 137 -21.54 16.32 8.24
N VAL D 138 -21.22 17.16 9.21
CA VAL D 138 -20.78 18.50 8.85
C VAL D 138 -19.44 18.35 8.12
N ALA D 139 -18.54 17.57 8.73
CA ALA D 139 -17.27 17.28 8.11
C ALA D 139 -17.45 16.48 6.83
N ASP D 140 -18.27 15.42 6.89
CA ASP D 140 -18.36 14.54 5.76
C ASP D 140 -19.07 15.16 4.56
N MET D 141 -20.06 16.00 4.78
CA MET D 141 -20.67 16.67 3.64
C MET D 141 -19.66 17.62 2.98
N ARG D 142 -18.79 18.23 3.76
CA ARG D 142 -17.68 19.00 3.18
C ARG D 142 -16.81 18.10 2.33
N PHE D 143 -16.52 16.91 2.85
CA PHE D 143 -15.73 15.92 2.10
C PHE D 143 -16.44 15.54 0.81
N ASN D 144 -17.77 15.40 0.86
CA ASN D 144 -18.51 14.93 -0.31
C ASN D 144 -18.49 16.02 -1.37
N VAL D 145 -18.56 17.26 -0.95
CA VAL D 145 -18.46 18.36 -1.91
C VAL D 145 -17.08 18.33 -2.56
N VAL D 146 -16.04 18.10 -1.75
CA VAL D 146 -14.69 17.97 -2.31
C VAL D 146 -14.59 16.82 -3.31
N ARG D 147 -15.11 15.67 -2.95
CA ARG D 147 -15.04 14.53 -3.85
C ARG D 147 -15.64 14.92 -5.22
N GLU D 148 -16.81 15.53 -5.20
CA GLU D 148 -17.49 15.88 -6.44
C GLU D 148 -16.78 17.02 -7.18
N SER D 149 -16.06 17.85 -6.44
CA SER D 149 -15.32 18.96 -7.04
C SER D 149 -14.08 18.46 -7.73
N GLU D 150 -13.30 17.65 -7.04
CA GLU D 150 -12.10 17.08 -7.63
C GLU D 150 -12.51 16.20 -8.83
N ALA D 151 -13.57 15.42 -8.68
CA ALA D 151 -14.01 14.56 -9.77
C ALA D 151 -14.39 15.41 -10.98
N ARG D 152 -15.21 16.42 -10.76
CA ARG D 152 -15.69 17.26 -11.88
C ARG D 152 -14.53 17.99 -12.54
N LEU D 153 -13.54 18.39 -11.77
CA LEU D 153 -12.31 18.96 -12.34
C LEU D 153 -11.63 17.94 -13.27
N GLN D 154 -11.49 16.70 -12.83
CA GLN D 154 -10.86 15.70 -13.66
C GLN D 154 -11.69 15.40 -14.90
N VAL D 155 -13.00 15.30 -14.76
CA VAL D 155 -13.87 15.05 -15.92
C VAL D 155 -13.74 16.22 -16.92
N SER D 156 -13.67 17.43 -16.40
CA SER D 156 -13.50 18.60 -17.25
C SER D 156 -12.19 18.50 -18.02
N ARG D 157 -11.13 18.07 -17.33
CA ARG D 157 -9.86 17.91 -17.99
C ARG D 157 -9.95 16.82 -19.06
N LEU D 158 -10.57 15.70 -18.71
CA LEU D 158 -10.74 14.64 -19.67
C LEU D 158 -11.45 15.08 -20.94
N TYR D 159 -12.39 15.98 -20.80
CA TYR D 159 -13.12 16.50 -21.95
C TYR D 159 -12.15 17.14 -22.97
N SER D 160 -11.10 17.76 -22.48
CA SER D 160 -10.09 18.38 -23.36
C SER D 160 -8.94 17.43 -23.71
N MET D 161 -9.10 16.16 -23.39
CA MET D 161 -8.07 15.17 -23.69
C MET D 161 -8.52 14.18 -24.77
N THR D 162 -9.69 14.44 -25.36
CA THR D 162 -10.22 13.65 -26.46
C THR D 162 -11.06 14.52 -27.35
N GLU D 163 -11.23 14.08 -28.59
CA GLU D 163 -12.18 14.65 -29.51
C GLU D 163 -13.30 13.68 -29.85
N ASP D 164 -13.36 12.55 -29.17
CA ASP D 164 -14.38 11.56 -29.43
C ASP D 164 -15.69 12.03 -28.84
N GLU D 165 -16.68 12.21 -29.70
CA GLU D 165 -17.91 12.78 -29.24
C GLU D 165 -18.77 11.82 -28.42
N GLY D 166 -18.54 10.52 -28.58
CA GLY D 166 -19.16 9.51 -27.75
C GLY D 166 -18.60 9.59 -26.34
N VAL D 167 -17.28 9.64 -26.21
CA VAL D 167 -16.70 9.83 -24.90
C VAL D 167 -17.20 11.15 -24.29
N ARG D 168 -17.20 12.21 -25.09
CA ARG D 168 -17.65 13.51 -24.58
C ARG D 168 -19.09 13.52 -24.14
N ASP D 169 -19.95 12.77 -24.83
CA ASP D 169 -21.32 12.70 -24.42
C ASP D 169 -21.43 12.15 -23.00
N MET D 170 -20.68 11.07 -22.73
CA MET D 170 -20.67 10.52 -21.38
C MET D 170 -20.14 11.55 -20.38
N LEU D 171 -19.04 12.20 -20.72
CA LEU D 171 -18.43 13.17 -19.84
C LEU D 171 -19.38 14.34 -19.55
N LYS D 172 -20.14 14.74 -20.56
CA LYS D 172 -21.08 15.82 -20.39
C LYS D 172 -22.21 15.49 -19.42
N PHE D 173 -22.64 14.24 -19.43
CA PHE D 173 -23.63 13.77 -18.46
C PHE D 173 -23.02 13.77 -17.07
N LEU D 174 -21.82 13.22 -16.94
CA LEU D 174 -21.15 13.20 -15.65
C LEU D 174 -20.88 14.59 -15.09
N LEU D 175 -20.47 15.53 -15.94
CA LEU D 175 -20.32 16.92 -15.48
C LEU D 175 -21.62 17.40 -14.83
N ALA D 176 -22.74 17.13 -15.47
CA ALA D 176 -24.03 17.59 -14.96
C ALA D 176 -24.39 16.92 -13.63
N ARG D 177 -24.21 15.62 -13.56
CA ARG D 177 -24.50 14.91 -12.32
C ARG D 177 -23.58 15.40 -11.21
N GLU D 178 -22.32 15.73 -11.54
CA GLU D 178 -21.38 16.26 -10.52
C GLU D 178 -21.78 17.67 -10.09
N THR D 179 -22.43 18.41 -10.97
CA THR D 179 -23.00 19.69 -10.56
C THR D 179 -24.09 19.47 -9.52
N GLN D 180 -25.00 18.57 -9.82
CA GLN D 180 -26.11 18.30 -8.91
C GLN D 180 -25.56 17.79 -7.57
N HIS D 181 -24.59 16.88 -7.67
CA HIS D 181 -24.04 16.33 -6.43
C HIS D 181 -23.30 17.39 -5.60
N GLN D 182 -22.49 18.22 -6.24
CA GLN D 182 -21.87 19.32 -5.54
C GLN D 182 -22.95 20.16 -4.82
N LEU D 183 -23.97 20.53 -5.58
CA LEU D 183 -25.00 21.40 -5.03
C LEU D 183 -25.78 20.76 -3.89
N GLN D 184 -26.19 19.51 -4.03
CA GLN D 184 -27.00 18.90 -3.00
C GLN D 184 -26.18 18.74 -1.71
N PHE D 185 -24.90 18.41 -1.86
CA PHE D 185 -24.04 18.27 -0.70
C PHE D 185 -23.73 19.61 -0.05
N MET D 186 -23.61 20.66 -0.87
CA MET D 186 -23.44 22.01 -0.33
C MET D 186 -24.68 22.42 0.49
N LYS D 187 -25.85 22.12 -0.02
CA LYS D 187 -27.10 22.43 0.70
C LYS D 187 -27.18 21.69 2.02
N ALA D 188 -26.86 20.40 2.00
CA ALA D 188 -26.82 19.61 3.24
C ALA D 188 -25.81 20.20 4.19
N GLN D 189 -24.61 20.52 3.67
CA GLN D 189 -23.55 21.09 4.48
C GLN D 189 -24.04 22.35 5.17
N GLU D 190 -24.67 23.25 4.41
CA GLU D 190 -25.09 24.53 4.96
C GLU D 190 -26.17 24.37 6.05
N GLU D 191 -27.08 23.43 5.85
CA GLU D 191 -28.12 23.15 6.86
C GLU D 191 -27.47 22.64 8.13
N LEU D 192 -26.54 21.71 7.95
CA LEU D 192 -25.85 21.15 9.08
C LEU D 192 -24.98 22.16 9.81
N GLU D 193 -24.36 23.06 9.07
CA GLU D 193 -23.57 24.13 9.68
C GLU D 193 -24.45 25.07 10.50
N GLU D 194 -25.65 25.34 10.01
CA GLU D 194 -26.57 26.18 10.75
C GLU D 194 -26.98 25.48 12.05
N LYS D 195 -27.15 24.17 11.99
CA LYS D 195 -27.55 23.41 13.19
C LYS D 195 -26.44 23.25 14.22
N TYR D 196 -25.24 22.92 13.77
CA TYR D 196 -24.17 22.58 14.67
C TYR D 196 -23.08 23.61 14.83
N GLY D 197 -22.91 24.48 13.84
CA GLY D 197 -21.86 25.48 13.84
C GLY D 197 -21.01 25.42 12.61
N ILE D 198 -20.40 26.55 12.30
CA ILE D 198 -19.53 26.64 11.15
C ILE D 198 -18.17 25.98 11.41
N ILE D 199 -17.74 25.86 12.66
CA ILE D 199 -16.51 25.18 12.95
C ILE D 199 -16.86 23.76 13.32
N VAL D 200 -16.10 22.80 12.78
CA VAL D 200 -16.33 21.39 13.08
C VAL D 200 -15.33 20.91 14.12
N PRO D 201 -15.77 20.25 15.18
CA PRO D 201 -17.15 20.12 15.60
C PRO D 201 -17.55 21.41 16.28
N GLY D 202 -18.84 21.66 16.28
CA GLY D 202 -19.33 22.95 16.74
C GLY D 202 -19.46 23.17 18.23
N ASP D 203 -19.17 22.15 19.03
CA ASP D 203 -19.40 22.18 20.47
C ASP D 203 -18.11 22.14 21.29
N MET D 204 -17.07 22.79 20.79
CA MET D 204 -15.76 22.82 21.42
C MET D 204 -15.19 24.21 21.66
N LYS D 205 -15.98 25.27 21.43
CA LYS D 205 -15.45 26.64 21.50
C LYS D 205 -14.95 27.07 22.88
N GLU D 206 -15.59 26.56 23.94
CA GLU D 206 -15.17 26.95 25.29
C GLU D 206 -14.02 26.12 25.76
N ILE D 207 -13.68 25.07 25.03
CA ILE D 207 -12.55 24.21 25.39
C ILE D 207 -11.24 24.70 24.75
N GLU D 208 -11.30 25.11 23.50
CA GLU D 208 -10.11 25.53 22.79
C GLU D 208 -9.47 26.77 23.42
N HIS D 209 -8.19 26.97 23.17
CA HIS D 209 -7.49 28.16 23.63
C HIS D 209 -7.84 29.29 22.65
N SER D 210 -8.91 30.01 22.97
CA SER D 210 -9.48 31.02 22.09
C SER D 210 -8.51 32.10 21.63
N GLU D 211 -7.51 32.44 22.41
CA GLU D 211 -6.57 33.49 22.03
C GLU D 211 -5.90 33.20 20.71
N PHE D 212 -5.82 31.92 20.32
CA PHE D 212 -5.13 31.56 19.09
C PHE D 212 -6.08 31.20 17.95
N SER D 213 -7.37 31.40 18.13
CA SER D 213 -8.36 30.85 17.19
C SER D 213 -8.64 31.70 15.94
N HIS D 214 -8.22 32.96 15.94
CA HIS D 214 -8.48 33.88 14.82
C HIS D 214 -7.22 34.62 14.41
N VAL D 215 -6.05 34.08 14.77
CA VAL D 215 -4.78 34.68 14.42
C VAL D 215 -4.18 34.02 13.20
N LEU D 216 -3.94 34.80 12.15
CA LEU D 216 -3.24 34.32 10.97
C LEU D 216 -1.75 34.40 11.31
N MET D 217 -1.05 33.26 11.29
CA MET D 217 0.37 33.21 11.68
C MET D 217 1.28 33.12 10.47
N ASN D 218 2.09 34.15 10.29
CA ASN D 218 2.96 34.30 9.13
C ASN D 218 4.24 33.51 9.19
N PHE D 219 4.17 32.22 8.88
CA PHE D 219 5.32 31.35 8.93
C PHE D 219 6.24 31.38 7.70
N SER D 220 5.73 31.88 6.58
CA SER D 220 6.49 32.02 5.35
C SER D 220 6.61 33.52 5.07
N ASP D 221 7.77 33.92 4.57
CA ASP D 221 8.10 35.35 4.49
C ASP D 221 7.40 36.16 3.40
N GLY D 222 6.63 35.53 2.52
CA GLY D 222 5.80 36.31 1.64
C GLY D 222 4.76 37.05 2.49
N ASP D 223 4.24 38.16 1.99
CA ASP D 223 3.25 38.87 2.79
C ASP D 223 1.88 38.87 2.19
N GLY D 224 1.63 37.99 1.23
CA GLY D 224 0.34 37.96 0.60
C GLY D 224 -0.79 37.71 1.58
N SER D 225 -0.56 36.88 2.59
CA SER D 225 -1.61 36.52 3.53
C SER D 225 -2.01 37.63 4.48
N LYS D 226 -1.25 38.72 4.51
CA LYS D 226 -1.61 39.86 5.36
C LYS D 226 -2.91 40.45 4.87
N ALA D 227 -3.33 40.16 3.63
CA ALA D 227 -4.62 40.62 3.11
C ALA D 227 -5.80 40.09 3.90
N PHE D 228 -5.63 38.99 4.61
CA PHE D 228 -6.72 38.50 5.45
C PHE D 228 -6.90 39.32 6.74
N GLU D 229 -5.88 40.04 7.15
CA GLU D 229 -5.96 40.84 8.39
C GLU D 229 -7.13 41.78 8.34
N GLY D 230 -7.95 41.74 9.38
CA GLY D 230 -9.12 42.60 9.47
C GLY D 230 -10.35 42.10 8.73
N GLN D 231 -10.21 41.08 7.89
CA GLN D 231 -11.41 40.54 7.23
C GLN D 231 -12.25 39.81 8.26
N VAL D 232 -13.56 39.85 8.05
CA VAL D 232 -14.49 39.15 8.93
C VAL D 232 -14.60 37.68 8.50
N ALA D 233 -14.24 36.78 9.42
CA ALA D 233 -14.30 35.34 9.20
C ALA D 233 -15.74 34.88 9.24
N LYS D 234 -15.99 33.64 8.83
CA LYS D 234 -17.35 33.16 8.66
C LYS D 234 -18.12 33.08 9.97
N ASP D 235 -17.42 33.05 11.10
CA ASP D 235 -18.09 32.99 12.40
C ASP D 235 -18.34 34.38 12.96
N GLY D 236 -18.06 35.42 12.18
CA GLY D 236 -18.32 36.80 12.56
C GLY D 236 -17.21 37.57 13.24
N GLU D 237 -16.11 36.90 13.54
CA GLU D 237 -14.99 37.55 14.19
C GLU D 237 -13.91 37.84 13.16
N LYS D 238 -13.24 38.97 13.31
CA LYS D 238 -12.19 39.36 12.38
C LYS D 238 -10.92 38.56 12.59
N PHE D 239 -10.20 38.33 11.50
CA PHE D 239 -8.85 37.79 11.63
C PHE D 239 -7.87 38.85 12.12
N THR D 240 -6.97 38.47 13.02
CA THR D 240 -5.79 39.26 13.34
C THR D 240 -4.62 38.61 12.63
N TYR D 241 -3.47 39.25 12.70
CA TYR D 241 -2.29 38.84 11.97
C TYR D 241 -1.05 38.95 12.80
N GLN D 242 -0.25 37.91 12.79
CA GLN D 242 0.99 37.89 13.53
C GLN D 242 2.14 37.73 12.57
N GLU D 243 2.89 38.81 12.37
CA GLU D 243 4.00 38.83 11.42
C GLU D 243 5.13 37.87 11.79
N ASN D 244 5.39 37.75 13.09
CA ASN D 244 6.44 36.90 13.57
C ASN D 244 5.92 35.93 14.63
N PRO D 245 5.42 34.78 14.21
CA PRO D 245 4.94 33.76 15.15
C PRO D 245 6.01 33.36 16.18
N GLU D 246 5.57 33.08 17.39
CA GLU D 246 6.52 32.77 18.46
C GLU D 246 6.52 31.32 18.81
N ALA D 247 7.67 30.80 19.14
CA ALA D 247 7.77 29.44 19.63
C ALA D 247 7.57 29.51 21.12
N MET D 248 6.48 28.95 21.59
CA MET D 248 6.06 29.07 22.99
C MET D 248 6.20 27.83 23.85
N GLY D 249 6.60 26.69 23.26
CA GLY D 249 6.57 25.43 23.96
C GLY D 249 7.84 24.92 24.60
N GLY D 250 8.92 25.67 24.51
CA GLY D 250 10.18 25.25 25.08
C GLY D 250 10.89 24.17 24.27
N ILE D 251 12.08 23.81 24.71
CA ILE D 251 12.86 22.78 24.08
C ILE D 251 12.59 21.48 24.78
N PRO D 252 12.06 20.51 24.07
CA PRO D 252 11.70 19.24 24.72
C PRO D 252 12.91 18.44 25.12
N HIS D 253 12.71 17.61 26.13
CA HIS D 253 13.75 16.76 26.67
C HIS D 253 13.08 15.47 27.16
N ILE D 254 13.00 14.48 26.29
CA ILE D 254 12.41 13.21 26.63
C ILE D 254 13.42 12.34 27.39
N LYS D 255 12.92 11.57 28.33
CA LYS D 255 13.77 10.71 29.13
C LYS D 255 14.38 9.57 28.32
N PRO D 256 15.69 9.36 28.40
CA PRO D 256 16.28 8.17 27.76
C PRO D 256 15.58 6.91 28.20
N GLY D 257 15.38 6.03 27.23
CA GLY D 257 14.69 4.78 27.45
C GLY D 257 15.44 3.68 28.16
N ASP D 258 14.70 2.66 28.56
CA ASP D 258 15.23 1.49 29.25
C ASP D 258 16.37 0.86 28.48
N PRO D 259 17.45 0.46 29.14
CA PRO D 259 18.59 -0.17 28.47
C PRO D 259 18.23 -1.42 27.63
N ARG D 260 17.15 -2.09 27.96
CA ARG D 260 16.72 -3.25 27.19
C ARG D 260 16.33 -2.88 25.77
N LEU D 261 16.15 -1.61 25.50
CA LEU D 261 15.87 -1.18 24.15
C LEU D 261 17.11 -0.93 23.30
N HIS D 262 18.27 -0.82 23.95
CA HIS D 262 19.52 -0.59 23.22
C HIS D 262 19.48 0.70 22.41
N ASN D 263 18.96 1.78 23.02
CA ASN D 263 18.81 3.05 22.35
C ASN D 263 20.11 3.84 22.46
N HIS D 264 21.11 3.37 21.74
CA HIS D 264 22.43 3.99 21.80
C HIS D 264 22.46 5.23 20.93
N GLN D 265 22.42 6.40 21.57
CA GLN D 265 22.26 7.66 20.86
C GLN D 265 23.40 8.63 21.11
N GLY D 266 24.45 8.14 21.74
CA GLY D 266 25.59 8.98 22.02
C GLY D 266 25.49 9.61 23.38
N MET E 1 13.21 27.98 1.18
CA MET E 1 14.10 27.23 2.16
C MET E 1 13.50 27.36 3.56
N PHE E 2 13.85 26.45 4.45
CA PHE E 2 13.36 26.46 5.82
C PHE E 2 14.49 26.57 6.82
N LYS E 3 14.18 27.10 7.99
CA LYS E 3 15.08 27.08 9.14
C LYS E 3 14.29 26.51 10.33
N HIS E 4 15.01 25.95 11.29
CA HIS E 4 14.37 25.30 12.42
C HIS E 4 14.90 25.86 13.74
N THR E 5 13.97 26.01 14.68
CA THR E 5 14.35 26.25 16.07
C THR E 5 13.92 25.06 16.93
N ARG E 6 14.74 24.75 17.93
CA ARG E 6 14.45 23.63 18.82
C ARG E 6 13.22 23.87 19.68
N LYS E 7 12.87 25.14 19.85
CA LYS E 7 11.68 25.50 20.60
C LYS E 7 10.41 25.07 19.86
N LEU E 8 9.52 24.37 20.56
CA LEU E 8 8.24 23.96 20.00
C LEU E 8 7.31 25.14 19.83
N GLN E 9 6.40 25.08 18.87
CA GLN E 9 5.44 26.13 18.73
C GLN E 9 4.62 26.34 20.01
N TYR E 10 4.20 25.25 20.62
CA TYR E 10 3.38 25.29 21.83
C TYR E 10 3.67 24.01 22.62
N ASN E 11 3.35 24.04 23.90
CA ASN E 11 3.59 22.91 24.76
C ASN E 11 3.15 21.60 24.16
N ALA E 12 4.02 20.59 24.29
CA ALA E 12 3.70 19.25 23.80
C ALA E 12 4.21 18.21 24.81
N LYS E 13 4.08 18.54 26.09
CA LYS E 13 4.52 17.64 27.16
C LYS E 13 3.35 17.24 28.01
N PRO E 14 3.16 15.95 28.21
CA PRO E 14 2.09 15.46 29.06
C PRO E 14 2.52 15.52 30.52
N ASP E 15 1.57 15.42 31.41
CA ASP E 15 1.90 15.33 32.82
C ASP E 15 2.48 13.96 33.12
N ARG E 16 1.86 12.93 32.52
CA ARG E 16 2.23 11.56 32.78
C ARG E 16 2.29 10.70 31.52
N SER E 17 2.96 9.60 31.65
CA SER E 17 3.09 8.66 30.57
C SER E 17 1.74 7.97 30.31
N ASP E 18 1.51 7.59 29.05
CA ASP E 18 0.29 6.89 28.69
C ASP E 18 0.47 6.33 27.28
N PRO E 19 0.97 5.10 27.19
CA PRO E 19 1.31 4.54 25.88
C PRO E 19 0.09 4.21 25.02
N ILE E 20 -1.08 4.11 25.61
CA ILE E 20 -2.31 3.93 24.86
C ILE E 20 -2.67 5.22 24.16
N MET E 21 -2.53 6.33 24.86
CA MET E 21 -2.77 7.62 24.26
C MET E 21 -1.72 7.90 23.21
N ALA E 22 -0.49 7.44 23.45
CA ALA E 22 0.54 7.58 22.41
C ALA E 22 0.09 6.95 21.09
N ARG E 23 -0.41 5.73 21.22
CA ARG E 23 -0.93 5.02 20.06
C ARG E 23 -2.09 5.80 19.39
N ARG E 24 -3.01 6.37 20.17
CA ARG E 24 -4.11 7.14 19.57
C ARG E 24 -3.57 8.30 18.80
N LEU E 25 -2.62 8.99 19.38
CA LEU E 25 -2.05 10.18 18.79
C LEU E 25 -1.29 9.91 17.50
N GLN E 26 -0.95 8.63 17.26
CA GLN E 26 -0.39 8.33 15.95
C GLN E 26 -1.36 8.67 14.80
N GLU E 27 -2.64 8.78 15.08
CA GLU E 27 -3.58 9.18 14.04
C GLU E 27 -3.23 10.61 13.61
N SER E 28 -2.92 11.46 14.57
CA SER E 28 -2.62 12.86 14.28
C SER E 28 -1.28 13.02 13.62
N LEU E 29 -0.38 12.05 13.79
CA LEU E 29 0.93 12.16 13.18
C LEU E 29 0.92 11.50 11.79
N GLY E 30 0.62 10.20 11.75
CA GLY E 30 0.68 9.41 10.53
C GLY E 30 -0.62 9.05 9.86
N GLY E 31 -1.75 9.55 10.36
CA GLY E 31 -3.04 9.19 9.82
C GLY E 31 -3.51 9.99 8.63
N GLN E 32 -4.54 9.46 8.01
CA GLN E 32 -5.20 10.02 6.83
C GLN E 32 -5.37 11.53 6.88
N TRP E 33 -5.93 12.01 7.99
CA TRP E 33 -6.24 13.44 8.11
C TRP E 33 -5.32 14.17 9.11
N GLY E 34 -4.19 13.56 9.42
CA GLY E 34 -3.29 14.14 10.40
C GLY E 34 -2.37 15.25 9.89
N GLU E 35 -1.45 15.62 10.75
CA GLU E 35 -0.63 16.80 10.54
C GLU E 35 0.30 16.63 9.36
N THR E 36 0.77 15.41 9.12
CA THR E 36 1.65 15.18 7.95
C THR E 36 0.85 15.40 6.67
N THR E 37 -0.41 14.98 6.69
CA THR E 37 -1.28 15.27 5.53
C THR E 37 -1.44 16.77 5.31
N GLY E 38 -1.62 17.51 6.39
CA GLY E 38 -1.77 18.96 6.29
C GLY E 38 -0.50 19.58 5.74
N MET E 39 0.61 19.22 6.38
CA MET E 39 1.89 19.72 5.98
C MET E 39 2.15 19.51 4.48
N MET E 40 2.02 18.26 4.00
CA MET E 40 2.36 17.96 2.64
C MET E 40 1.35 18.48 1.63
N SER E 41 0.09 18.54 2.03
CA SER E 41 -0.93 19.09 1.16
C SER E 41 -0.72 20.60 0.98
N PHE E 42 -0.57 21.31 2.09
CA PHE E 42 -0.52 22.76 1.97
C PHE E 42 0.80 23.20 1.34
N LEU E 43 1.92 22.55 1.68
CA LEU E 43 3.19 22.87 1.01
C LEU E 43 3.13 22.54 -0.47
N SER E 44 2.64 21.35 -0.85
CA SER E 44 2.62 21.00 -2.27
C SER E 44 1.73 21.95 -3.06
N GLN E 45 0.56 22.29 -2.52
CA GLN E 45 -0.32 23.25 -3.16
C GLN E 45 0.32 24.63 -3.23
N GLY E 46 0.99 25.00 -2.16
CA GLY E 46 1.63 26.31 -2.12
C GLY E 46 2.70 26.42 -3.15
N TRP E 47 3.50 25.38 -3.29
CA TRP E 47 4.58 25.41 -4.26
C TRP E 47 4.00 25.40 -5.67
N ALA E 48 2.87 24.73 -5.85
CA ALA E 48 2.25 24.58 -7.16
C ALA E 48 1.57 25.86 -7.63
N SER E 49 1.15 26.71 -6.72
CA SER E 49 0.35 27.85 -7.17
C SER E 49 1.14 28.85 -8.01
N THR E 50 0.49 29.30 -9.07
CA THR E 50 0.98 30.39 -9.91
C THR E 50 0.03 31.60 -9.84
N GLY E 51 -0.87 31.55 -8.87
CA GLY E 51 -1.94 32.52 -8.77
C GLY E 51 -1.74 33.56 -7.71
N ALA E 52 -2.85 34.02 -7.17
CA ALA E 52 -2.77 35.12 -6.22
C ALA E 52 -1.84 34.83 -5.04
N GLU E 53 -1.00 35.80 -4.72
CA GLU E 53 -0.08 35.66 -3.58
C GLU E 53 -0.84 35.53 -2.27
N LYS E 54 -2.01 36.12 -2.17
CA LYS E 54 -2.80 35.99 -0.94
C LYS E 54 -2.93 34.52 -0.55
N TYR E 55 -3.23 33.67 -1.54
CA TYR E 55 -3.48 32.25 -1.29
C TYR E 55 -2.23 31.41 -1.32
N LYS E 56 -1.30 31.72 -2.22
CA LYS E 56 -0.04 31.01 -2.26
C LYS E 56 0.70 31.15 -0.93
N ASP E 57 0.79 32.37 -0.43
CA ASP E 57 1.45 32.64 0.83
C ASP E 57 0.66 31.98 1.96
N LEU E 58 -0.66 32.05 1.95
CA LEU E 58 -1.43 31.41 3.00
C LEU E 58 -1.09 29.92 3.08
N LEU E 59 -0.99 29.28 1.92
CA LEU E 59 -0.71 27.88 1.90
C LEU E 59 0.68 27.58 2.46
N LEU E 60 1.68 28.39 2.09
CA LEU E 60 3.03 28.16 2.58
C LEU E 60 3.12 28.50 4.06
N ASP E 61 2.44 29.54 4.49
CA ASP E 61 2.36 29.87 5.90
C ASP E 61 1.85 28.65 6.67
N THR E 62 0.74 28.09 6.22
CA THR E 62 0.04 27.07 7.01
C THR E 62 0.80 25.75 6.90
N GLY E 63 1.30 25.43 5.72
CA GLY E 63 2.07 24.20 5.61
C GLY E 63 3.28 24.18 6.52
N THR E 64 3.92 25.34 6.63
CA THR E 64 5.06 25.49 7.49
C THR E 64 4.65 25.33 8.96
N GLU E 65 3.52 25.93 9.32
CA GLU E 65 2.98 25.74 10.66
C GLU E 65 2.68 24.26 10.93
N GLU E 66 2.14 23.56 9.94
CA GLU E 66 1.83 22.15 10.18
C GLU E 66 3.08 21.34 10.48
N MET E 67 4.22 21.71 9.91
CA MET E 67 5.48 21.06 10.27
C MET E 67 5.75 21.20 11.79
N ALA E 68 5.40 22.35 12.36
CA ALA E 68 5.54 22.54 13.80
C ALA E 68 4.65 21.57 14.54
N HIS E 69 3.49 21.32 13.97
CA HIS E 69 2.54 20.41 14.62
C HIS E 69 2.99 18.95 14.50
N VAL E 70 3.59 18.61 13.36
CA VAL E 70 4.19 17.29 13.21
C VAL E 70 5.25 17.09 14.31
N GLU E 71 6.07 18.12 14.53
CA GLU E 71 7.11 18.08 15.57
C GLU E 71 6.48 17.90 16.97
N MET E 72 5.41 18.67 17.24
CA MET E 72 4.71 18.59 18.52
C MET E 72 4.13 17.21 18.76
N ILE E 73 3.45 16.64 17.77
CA ILE E 73 2.84 15.34 18.03
C ILE E 73 3.93 14.29 18.23
N SER E 74 4.97 14.34 17.41
CA SER E 74 6.10 13.43 17.53
C SER E 74 6.69 13.51 18.91
N THR E 75 6.83 14.72 19.42
CA THR E 75 7.37 14.95 20.75
C THR E 75 6.43 14.43 21.83
N MET E 76 5.15 14.74 21.74
CA MET E 76 4.19 14.29 22.71
C MET E 76 4.20 12.78 22.79
N ILE E 77 4.25 12.11 21.64
CA ILE E 77 4.25 10.67 21.63
C ILE E 77 5.47 10.12 22.35
N GLY E 78 6.66 10.69 22.09
CA GLY E 78 7.85 10.30 22.79
C GLY E 78 7.71 10.42 24.31
N TYR E 79 7.14 11.53 24.76
CA TYR E 79 6.98 11.68 26.19
C TYR E 79 5.98 10.67 26.74
N LEU E 80 4.91 10.42 25.99
CA LEU E 80 3.85 9.52 26.44
C LEU E 80 4.32 8.07 26.52
N LEU E 81 5.40 7.74 25.79
CA LEU E 81 5.97 6.39 25.76
C LEU E 81 7.03 6.18 26.81
N GLU E 82 7.34 7.20 27.61
CA GLU E 82 8.34 7.02 28.65
C GLU E 82 7.87 5.92 29.60
N ASP E 83 8.80 5.04 29.94
CA ASP E 83 8.55 3.95 30.88
C ASP E 83 7.48 2.98 30.44
N ALA E 84 7.12 2.96 29.16
CA ALA E 84 6.08 2.07 28.73
C ALA E 84 6.49 0.62 28.88
N PRO E 85 5.57 -0.27 29.20
CA PRO E 85 5.93 -1.67 29.38
C PRO E 85 6.12 -2.39 28.06
N PHE E 86 7.11 -3.28 28.02
CA PHE E 86 7.35 -4.04 26.80
C PHE E 86 7.92 -5.44 26.99
N GLY E 87 8.10 -5.89 28.23
CA GLY E 87 8.64 -7.20 28.43
C GLY E 87 8.45 -7.73 29.82
N PRO E 88 8.96 -8.94 30.06
CA PRO E 88 8.80 -9.59 31.35
C PRO E 88 9.22 -8.76 32.55
N GLU E 89 10.25 -7.95 32.46
CA GLU E 89 10.66 -7.17 33.62
C GLU E 89 9.55 -6.20 34.03
N ASP E 90 8.82 -5.65 33.06
CA ASP E 90 7.74 -4.75 33.39
C ASP E 90 6.59 -5.47 34.03
N LEU E 91 6.29 -6.67 33.57
CA LEU E 91 5.23 -7.45 34.17
C LEU E 91 5.58 -7.91 35.57
N LYS E 92 6.86 -8.15 35.82
CA LYS E 92 7.30 -8.47 37.18
C LYS E 92 7.09 -7.24 38.08
N ARG E 93 7.40 -6.08 37.56
CA ARG E 93 7.21 -4.86 38.32
C ARG E 93 5.74 -4.65 38.66
N ASP E 94 4.87 -4.83 37.68
CA ASP E 94 3.43 -4.57 37.83
C ASP E 94 2.65 -5.46 36.86
N PRO E 95 2.18 -6.61 37.34
CA PRO E 95 1.48 -7.55 36.45
C PRO E 95 0.28 -6.95 35.74
N SER E 96 -0.30 -5.91 36.32
CA SER E 96 -1.48 -5.28 35.72
C SER E 96 -1.16 -4.59 34.41
N LEU E 97 0.13 -4.38 34.17
CA LEU E 97 0.55 -3.77 32.91
C LEU E 97 0.30 -4.66 31.69
N ALA E 98 -0.04 -5.92 31.88
CA ALA E 98 -0.37 -6.75 30.72
C ALA E 98 -1.47 -6.11 29.87
N THR E 99 -2.42 -5.46 30.53
CA THR E 99 -3.50 -4.79 29.82
C THR E 99 -2.99 -3.67 28.94
N THR E 100 -2.13 -2.86 29.54
CA THR E 100 -1.53 -1.77 28.80
C THR E 100 -0.77 -2.33 27.61
N MET E 101 0.05 -3.37 27.84
CA MET E 101 0.83 -3.93 26.76
C MET E 101 -0.07 -4.41 25.62
N ALA E 102 -1.18 -5.04 26.00
CA ALA E 102 -2.11 -5.57 24.98
C ALA E 102 -2.62 -4.45 24.08
N GLY E 103 -2.84 -3.26 24.65
CA GLY E 103 -3.33 -2.16 23.86
C GLY E 103 -2.34 -1.33 23.14
N MET E 104 -1.06 -1.54 23.41
CA MET E 104 -0.02 -0.77 22.77
C MET E 104 0.22 -1.21 21.33
N ASP E 105 0.91 -0.35 20.60
CA ASP E 105 1.47 -0.72 19.30
C ASP E 105 2.75 -1.51 19.54
N PRO E 106 2.82 -2.79 19.19
CA PRO E 106 4.04 -3.56 19.42
C PRO E 106 5.27 -2.93 18.82
N GLU E 107 5.11 -2.17 17.74
CA GLU E 107 6.28 -1.59 17.07
C GLU E 107 6.81 -0.36 17.78
N HIS E 108 6.01 0.26 18.65
CA HIS E 108 6.56 1.40 19.38
C HIS E 108 7.85 1.00 20.10
N SER E 109 7.83 -0.13 20.79
CA SER E 109 9.03 -0.60 21.48
C SER E 109 10.00 -1.29 20.52
N LEU E 110 9.48 -2.27 19.79
CA LEU E 110 10.33 -3.16 19.02
C LEU E 110 11.08 -2.51 17.86
N VAL E 111 10.37 -1.68 17.11
CA VAL E 111 10.94 -1.02 15.97
C VAL E 111 11.57 0.31 16.33
N HIS E 112 10.87 1.10 17.14
CA HIS E 112 11.27 2.50 17.34
C HIS E 112 11.95 2.83 18.68
N GLY E 113 12.07 1.85 19.55
CA GLY E 113 12.73 2.10 20.84
C GLY E 113 11.94 3.03 21.75
N LEU E 114 10.62 2.86 21.76
CA LEU E 114 9.66 3.70 22.47
C LEU E 114 9.72 5.15 22.00
N ASN E 115 9.61 5.31 20.69
CA ASN E 115 9.52 6.60 20.05
C ASN E 115 8.42 6.51 19.01
N ALA E 116 8.03 7.65 18.48
CA ALA E 116 6.96 7.73 17.50
C ALA E 116 7.33 7.03 16.22
N SER E 117 6.27 6.55 15.58
CA SER E 117 6.32 6.06 14.20
C SER E 117 5.68 7.08 13.29
N LEU E 118 5.76 6.83 11.98
CA LEU E 118 5.05 7.65 11.02
C LEU E 118 3.88 6.87 10.44
N ASN E 119 3.32 5.99 11.27
CA ASN E 119 2.14 5.24 10.94
C ASN E 119 0.93 5.76 11.74
N ASN E 120 -0.25 5.27 11.37
CA ASN E 120 -1.44 5.54 12.14
C ASN E 120 -1.51 4.56 13.34
N PRO E 121 -2.54 4.60 14.17
CA PRO E 121 -2.59 3.71 15.34
C PRO E 121 -2.57 2.21 15.02
N ASN E 122 -2.89 1.87 13.77
CA ASN E 122 -2.90 0.50 13.35
C ASN E 122 -1.66 0.09 12.58
N GLY E 123 -0.65 0.94 12.57
CA GLY E 123 0.60 0.61 11.93
C GLY E 123 0.55 0.80 10.42
N ALA E 124 -0.49 1.42 9.89
CA ALA E 124 -0.56 1.68 8.45
C ALA E 124 0.26 2.92 8.16
N ALA E 125 1.21 2.81 7.25
CA ALA E 125 2.10 3.86 6.94
C ALA E 125 1.40 5.07 6.35
N TRP E 126 1.79 6.25 6.79
CA TRP E 126 1.36 7.47 6.12
C TRP E 126 1.75 7.34 4.65
N ASN E 127 0.88 7.75 3.73
CA ASN E 127 1.23 7.71 2.33
C ASN E 127 0.65 8.91 1.60
N ALA E 128 1.24 9.21 0.46
CA ALA E 128 0.90 10.40 -0.32
C ALA E 128 -0.47 10.34 -0.94
N GLY E 129 -1.09 9.17 -0.94
CA GLY E 129 -2.46 9.04 -1.36
C GLY E 129 -3.42 9.85 -0.52
N TYR E 130 -2.99 10.28 0.66
CA TYR E 130 -3.79 11.13 1.51
C TYR E 130 -3.74 12.60 1.08
N VAL E 131 -2.82 12.97 0.21
CA VAL E 131 -2.61 14.37 -0.16
C VAL E 131 -3.31 14.72 -1.45
N THR E 132 -3.84 15.94 -1.48
CA THR E 132 -4.43 16.50 -2.68
C THR E 132 -3.77 17.81 -3.04
N SER E 133 -3.33 17.91 -4.30
CA SER E 133 -2.88 19.15 -4.90
C SER E 133 -3.25 19.03 -6.37
N SER E 134 -4.32 19.69 -6.77
CA SER E 134 -4.88 19.47 -8.07
C SER E 134 -4.56 20.52 -9.09
N GLY E 135 -4.08 21.68 -8.65
CA GLY E 135 -3.93 22.81 -9.54
C GLY E 135 -5.10 23.78 -9.50
N ASN E 136 -6.25 23.38 -8.96
CA ASN E 136 -7.44 24.26 -8.86
C ASN E 136 -7.66 24.53 -7.39
N LEU E 137 -7.55 25.79 -6.98
CA LEU E 137 -7.67 26.13 -5.57
C LEU E 137 -9.07 26.32 -5.09
N VAL E 138 -10.05 26.41 -5.98
CA VAL E 138 -11.44 26.38 -5.52
C VAL E 138 -11.66 24.97 -4.93
N ALA E 139 -11.27 23.95 -5.68
CA ALA E 139 -11.35 22.60 -5.19
C ALA E 139 -10.45 22.40 -3.98
N ASP E 140 -9.21 22.80 -4.10
CA ASP E 140 -8.26 22.47 -3.06
C ASP E 140 -8.51 23.24 -1.75
N MET E 141 -9.01 24.47 -1.82
CA MET E 141 -9.38 25.15 -0.58
C MET E 141 -10.55 24.43 0.09
N ARG E 142 -11.48 23.87 -0.68
CA ARG E 142 -12.51 23.00 -0.09
C ARG E 142 -11.83 21.80 0.60
N PHE E 143 -10.90 21.14 -0.09
CA PHE E 143 -10.16 20.06 0.53
C PHE E 143 -9.47 20.51 1.83
N ASN E 144 -8.87 21.68 1.81
CA ASN E 144 -8.13 22.15 2.99
C ASN E 144 -9.08 22.36 4.17
N VAL E 145 -10.25 22.89 3.89
CA VAL E 145 -11.23 23.00 4.96
C VAL E 145 -11.60 21.63 5.48
N VAL E 146 -11.79 20.66 4.59
CA VAL E 146 -12.09 19.30 5.04
C VAL E 146 -10.96 18.73 5.90
N ARG E 147 -9.71 18.93 5.49
CA ARG E 147 -8.57 18.42 6.22
C ARG E 147 -8.61 18.96 7.66
N GLU E 148 -8.88 20.25 7.79
CA GLU E 148 -8.89 20.88 9.09
C GLU E 148 -10.12 20.52 9.91
N SER E 149 -11.18 20.14 9.23
CA SER E 149 -12.44 19.73 9.86
C SER E 149 -12.30 18.33 10.43
N GLU E 150 -11.81 17.42 9.61
CA GLU E 150 -11.64 16.05 10.03
C GLU E 150 -10.59 16.04 11.16
N ALA E 151 -9.52 16.81 10.99
CA ALA E 151 -8.50 16.89 12.03
C ALA E 151 -9.07 17.41 13.35
N ARG E 152 -9.83 18.49 13.30
CA ARG E 152 -10.36 19.05 14.52
C ARG E 152 -11.36 18.10 15.18
N LEU E 153 -12.13 17.36 14.37
CA LEU E 153 -13.01 16.32 14.90
C LEU E 153 -12.21 15.28 15.67
N GLN E 154 -11.12 14.81 15.06
CA GLN E 154 -10.28 13.83 15.75
C GLN E 154 -9.64 14.38 17.03
N VAL E 155 -9.15 15.61 16.97
CA VAL E 155 -8.55 16.23 18.16
C VAL E 155 -9.62 16.37 19.25
N SER E 156 -10.84 16.74 18.87
CA SER E 156 -11.96 16.82 19.81
C SER E 156 -12.22 15.48 20.48
N ARG E 157 -12.17 14.43 19.70
CA ARG E 157 -12.37 13.09 20.24
C ARG E 157 -11.22 12.75 21.19
N LEU E 158 -10.00 13.03 20.76
CA LEU E 158 -8.84 12.79 21.61
C LEU E 158 -8.95 13.49 22.96
N TYR E 159 -9.60 14.65 22.97
CA TYR E 159 -9.74 15.38 24.22
C TYR E 159 -10.55 14.56 25.24
N SER E 160 -11.48 13.77 24.73
CA SER E 160 -12.33 12.92 25.59
C SER E 160 -11.70 11.53 25.79
N MET E 161 -10.47 11.34 25.33
CA MET E 161 -9.80 10.07 25.46
C MET E 161 -8.68 10.12 26.48
N THR E 162 -8.55 11.26 27.17
CA THR E 162 -7.57 11.43 28.22
C THR E 162 -8.07 12.45 29.23
N GLU E 163 -7.50 12.44 30.42
CA GLU E 163 -7.73 13.48 31.41
C GLU E 163 -6.41 14.19 31.73
N ASP E 164 -5.32 13.85 31.06
CA ASP E 164 -4.03 14.43 31.31
C ASP E 164 -4.06 15.91 30.93
N GLU E 165 -3.76 16.77 31.89
CA GLU E 165 -3.89 18.20 31.63
C GLU E 165 -2.83 18.75 30.69
N GLY E 166 -1.66 18.11 30.63
CA GLY E 166 -0.64 18.50 29.68
C GLY E 166 -1.04 18.12 28.26
N VAL E 167 -1.53 16.89 28.11
CA VAL E 167 -2.03 16.47 26.79
C VAL E 167 -3.18 17.41 26.37
N ARG E 168 -4.11 17.65 27.27
CA ARG E 168 -5.23 18.51 26.95
C ARG E 168 -4.80 19.93 26.58
N ASP E 169 -3.75 20.43 27.22
CA ASP E 169 -3.27 21.79 26.91
C ASP E 169 -2.85 21.82 25.44
N MET E 170 -2.09 20.82 25.01
CA MET E 170 -1.69 20.77 23.60
C MET E 170 -2.89 20.69 22.70
N LEU E 171 -3.82 19.81 23.05
CA LEU E 171 -5.01 19.63 22.25
C LEU E 171 -5.81 20.91 22.14
N LYS E 172 -5.92 21.65 23.25
CA LYS E 172 -6.66 22.91 23.22
C LYS E 172 -6.02 23.93 22.30
N PHE E 173 -4.70 23.92 22.21
CA PHE E 173 -4.00 24.80 21.28
C PHE E 173 -4.29 24.37 19.84
N LEU E 174 -4.19 23.07 19.59
CA LEU E 174 -4.48 22.55 18.23
C LEU E 174 -5.93 22.83 17.82
N LEU E 175 -6.88 22.67 18.73
CA LEU E 175 -8.26 23.00 18.41
C LEU E 175 -8.38 24.43 17.89
N ALA E 176 -7.70 25.34 18.60
CA ALA E 176 -7.77 26.74 18.22
C ALA E 176 -7.11 27.01 16.89
N ARG E 177 -5.95 26.41 16.65
CA ARG E 177 -5.30 26.59 15.34
C ARG E 177 -6.13 26.01 14.24
N GLU E 178 -6.80 24.89 14.49
CA GLU E 178 -7.65 24.27 13.50
C GLU E 178 -8.90 25.13 13.22
N THR E 179 -9.38 25.85 14.22
CA THR E 179 -10.44 26.82 14.00
C THR E 179 -9.95 27.90 13.04
N GLN E 180 -8.79 28.45 13.32
CA GLN E 180 -8.22 29.48 12.45
C GLN E 180 -8.04 28.94 11.04
N HIS E 181 -7.49 27.74 10.93
CA HIS E 181 -7.23 27.19 9.61
C HIS E 181 -8.52 26.91 8.88
N GLN E 182 -9.52 26.33 9.56
CA GLN E 182 -10.83 26.18 8.90
C GLN E 182 -11.32 27.53 8.36
N LEU E 183 -11.27 28.55 9.20
CA LEU E 183 -11.82 29.83 8.82
C LEU E 183 -11.05 30.48 7.68
N GLN E 184 -9.72 30.47 7.73
CA GLN E 184 -8.98 31.16 6.69
C GLN E 184 -9.18 30.44 5.34
N PHE E 185 -9.26 29.12 5.36
CA PHE E 185 -9.46 28.38 4.13
C PHE E 185 -10.88 28.60 3.62
N MET E 186 -11.86 28.73 4.52
CA MET E 186 -13.21 29.06 4.10
C MET E 186 -13.28 30.44 3.44
N LYS E 187 -12.57 31.40 4.00
CA LYS E 187 -12.57 32.73 3.38
C LYS E 187 -11.95 32.67 1.98
N ALA E 188 -10.80 32.00 1.87
CA ALA E 188 -10.13 31.84 0.57
C ALA E 188 -11.10 31.16 -0.41
N GLN E 189 -11.73 30.08 0.06
CA GLN E 189 -12.68 29.35 -0.75
C GLN E 189 -13.75 30.27 -1.29
N GLU E 190 -14.36 31.05 -0.40
CA GLU E 190 -15.44 31.90 -0.82
C GLU E 190 -15.00 32.97 -1.83
N GLU E 191 -13.84 33.56 -1.59
CA GLU E 191 -13.31 34.54 -2.54
C GLU E 191 -13.07 33.91 -3.90
N LEU E 192 -12.49 32.72 -3.90
CA LEU E 192 -12.30 32.03 -5.14
C LEU E 192 -13.60 31.63 -5.82
N GLU E 193 -14.62 31.20 -5.07
CA GLU E 193 -15.92 30.91 -5.65
C GLU E 193 -16.53 32.15 -6.28
N GLU E 194 -16.34 33.29 -5.63
CA GLU E 194 -16.85 34.55 -6.17
C GLU E 194 -16.17 34.88 -7.51
N LYS E 195 -14.87 34.57 -7.63
CA LYS E 195 -14.13 34.84 -8.85
C LYS E 195 -14.46 33.85 -9.98
N TYR E 196 -14.55 32.58 -9.65
CA TYR E 196 -14.62 31.52 -10.65
C TYR E 196 -15.94 30.79 -10.79
N GLY E 197 -16.74 30.81 -9.74
CA GLY E 197 -18.00 30.10 -9.75
C GLY E 197 -18.16 29.18 -8.58
N ILE E 198 -19.40 28.91 -8.21
CA ILE E 198 -19.68 27.97 -7.12
C ILE E 198 -19.52 26.51 -7.53
N ILE E 199 -19.63 26.22 -8.82
CA ILE E 199 -19.41 24.86 -9.27
C ILE E 199 -17.97 24.74 -9.73
N VAL E 200 -17.29 23.67 -9.35
CA VAL E 200 -15.92 23.46 -9.79
C VAL E 200 -15.86 22.48 -10.94
N PRO E 201 -15.16 22.81 -12.01
CA PRO E 201 -14.61 24.13 -12.32
C PRO E 201 -15.74 25.01 -12.80
N GLY E 202 -15.57 26.32 -12.72
CA GLY E 202 -16.67 27.24 -12.97
C GLY E 202 -16.95 27.58 -14.42
N ASP E 203 -16.13 27.09 -15.32
CA ASP E 203 -16.23 27.42 -16.74
C ASP E 203 -16.63 26.30 -17.69
N MET E 204 -17.55 25.46 -17.23
CA MET E 204 -18.07 24.35 -18.01
C MET E 204 -19.62 24.29 -18.08
N LYS E 205 -20.32 25.35 -17.69
CA LYS E 205 -21.77 25.31 -17.65
C LYS E 205 -22.39 25.11 -19.02
N GLU E 206 -21.74 25.62 -20.05
CA GLU E 206 -22.27 25.47 -21.41
C GLU E 206 -21.83 24.17 -22.08
N ILE E 207 -20.99 23.41 -21.41
CA ILE E 207 -20.58 22.10 -21.95
C ILE E 207 -21.42 20.97 -21.36
N GLU E 208 -21.69 21.02 -20.06
CA GLU E 208 -22.43 19.93 -19.43
C GLU E 208 -23.87 19.75 -19.99
N HIS E 209 -24.44 18.55 -19.81
CA HIS E 209 -25.83 18.29 -20.18
C HIS E 209 -26.73 18.89 -19.08
N SER E 210 -27.04 20.17 -19.25
CA SER E 210 -27.75 20.97 -18.24
C SER E 210 -29.04 20.37 -17.70
N GLU E 211 -29.76 19.62 -18.52
CA GLU E 211 -31.02 19.00 -18.13
C GLU E 211 -30.89 18.16 -16.85
N PHE E 212 -29.70 17.59 -16.61
CA PHE E 212 -29.53 16.69 -15.47
C PHE E 212 -28.76 17.35 -14.32
N SER E 213 -28.51 18.64 -14.41
CA SER E 213 -27.67 19.32 -13.44
C SER E 213 -28.30 19.71 -12.11
N HIS E 214 -29.62 19.70 -12.01
CA HIS E 214 -30.30 20.12 -10.79
C HIS E 214 -31.38 19.14 -10.39
N VAL E 215 -31.30 17.89 -10.86
CA VAL E 215 -32.25 16.85 -10.52
C VAL E 215 -31.74 15.93 -9.44
N LEU E 216 -32.44 15.87 -8.32
CA LEU E 216 -32.08 14.90 -7.30
C LEU E 216 -32.69 13.57 -7.71
N MET E 217 -31.85 12.56 -7.91
CA MET E 217 -32.28 11.25 -8.37
C MET E 217 -32.38 10.25 -7.22
N ASN E 218 -33.60 9.79 -6.98
CA ASN E 218 -33.92 8.94 -5.87
C ASN E 218 -33.61 7.47 -6.13
N PHE E 219 -32.33 7.10 -5.98
CA PHE E 219 -31.89 5.76 -6.24
C PHE E 219 -32.12 4.78 -5.10
N SER E 220 -32.35 5.31 -3.90
CA SER E 220 -32.68 4.50 -2.72
C SER E 220 -34.12 4.82 -2.29
N ASP E 221 -34.85 3.81 -1.83
CA ASP E 221 -36.29 3.95 -1.61
C ASP E 221 -36.76 4.77 -0.41
N GLY E 222 -35.85 5.26 0.40
CA GLY E 222 -36.29 6.18 1.44
C GLY E 222 -36.76 7.46 0.78
N ASP E 223 -37.59 8.23 1.49
CA ASP E 223 -38.09 9.47 0.95
C ASP E 223 -37.56 10.70 1.63
N GLY E 224 -36.55 10.54 2.48
CA GLY E 224 -36.02 11.70 3.15
C GLY E 224 -35.48 12.77 2.23
N SER E 225 -34.84 12.35 1.14
CA SER E 225 -34.22 13.33 0.27
C SER E 225 -35.20 14.15 -0.56
N LYS E 226 -36.47 13.75 -0.58
CA LYS E 226 -37.49 14.57 -1.24
C LYS E 226 -37.61 15.94 -0.59
N ALA E 227 -37.14 16.09 0.64
CA ALA E 227 -37.16 17.40 1.27
C ALA E 227 -36.33 18.44 0.50
N PHE E 228 -35.40 18.00 -0.33
CA PHE E 228 -34.64 18.93 -1.15
C PHE E 228 -35.49 19.48 -2.30
N GLU E 229 -36.56 18.80 -2.68
CA GLU E 229 -37.37 19.22 -3.84
C GLU E 229 -37.89 20.63 -3.64
N GLY E 230 -37.60 21.51 -4.59
CA GLY E 230 -38.08 22.89 -4.49
C GLY E 230 -37.20 23.80 -3.66
N GLN E 231 -36.20 23.24 -2.97
CA GLN E 231 -35.28 24.09 -2.26
C GLN E 231 -34.35 24.78 -3.28
N VAL E 232 -33.87 25.97 -2.94
CA VAL E 232 -33.01 26.73 -3.83
C VAL E 232 -31.57 26.33 -3.57
N ALA E 233 -30.90 25.91 -4.63
CA ALA E 233 -29.48 25.53 -4.56
C ALA E 233 -28.60 26.77 -4.51
N LYS E 234 -27.32 26.56 -4.21
CA LYS E 234 -26.42 27.66 -3.99
C LYS E 234 -26.22 28.52 -5.22
N ASP E 235 -26.50 27.97 -6.42
CA ASP E 235 -26.38 28.76 -7.65
C ASP E 235 -27.67 29.50 -8.01
N GLY E 236 -28.66 29.44 -7.13
CA GLY E 236 -29.91 30.17 -7.29
C GLY E 236 -31.03 29.44 -8.00
N GLU E 237 -30.75 28.23 -8.50
CA GLU E 237 -31.74 27.41 -9.17
C GLU E 237 -32.29 26.34 -8.22
N LYS E 238 -33.57 26.02 -8.35
CA LYS E 238 -34.19 25.04 -7.47
C LYS E 238 -33.83 23.61 -7.86
N PHE E 239 -33.77 22.74 -6.86
CA PHE E 239 -33.68 21.32 -7.13
C PHE E 239 -35.01 20.78 -7.59
N THR E 240 -34.98 19.92 -8.60
CA THR E 240 -36.13 19.10 -8.93
C THR E 240 -35.84 17.70 -8.38
N TYR E 241 -36.82 16.82 -8.48
CA TYR E 241 -36.75 15.51 -7.86
C TYR E 241 -37.34 14.47 -8.77
N GLN E 242 -36.61 13.37 -8.93
CA GLN E 242 -37.06 12.26 -9.74
C GLN E 242 -37.16 11.02 -8.86
N GLU E 243 -38.39 10.59 -8.58
CA GLU E 243 -38.66 9.47 -7.70
C GLU E 243 -38.15 8.14 -8.26
N ASN E 244 -38.17 8.01 -9.59
CA ASN E 244 -37.78 6.80 -10.30
C ASN E 244 -36.80 7.08 -11.43
N PRO E 245 -35.52 7.16 -11.08
CA PRO E 245 -34.50 7.43 -12.09
C PRO E 245 -34.53 6.41 -13.22
N GLU E 246 -34.21 6.85 -14.42
CA GLU E 246 -34.26 5.98 -15.56
C GLU E 246 -32.89 5.59 -16.08
N ALA E 247 -32.82 4.37 -16.58
CA ALA E 247 -31.61 3.89 -17.25
C ALA E 247 -31.70 4.24 -18.73
N MET E 248 -30.91 5.21 -19.13
CA MET E 248 -30.99 5.74 -20.50
C MET E 248 -29.89 5.29 -21.48
N GLY E 249 -28.93 4.50 -21.02
CA GLY E 249 -27.73 4.20 -21.81
C GLY E 249 -27.65 2.93 -22.63
N GLY E 250 -28.68 2.12 -22.56
CA GLY E 250 -28.71 0.86 -23.29
C GLY E 250 -27.87 -0.25 -22.63
N ILE E 251 -27.94 -1.43 -23.21
CA ILE E 251 -27.20 -2.59 -22.73
C ILE E 251 -25.93 -2.73 -23.55
N PRO E 252 -24.78 -2.58 -22.92
CA PRO E 252 -23.54 -2.59 -23.69
C PRO E 252 -23.14 -3.96 -24.15
N HIS E 253 -22.36 -3.96 -25.21
CA HIS E 253 -21.79 -5.19 -25.75
C HIS E 253 -20.44 -4.87 -26.35
N ILE E 254 -19.39 -5.30 -25.68
CA ILE E 254 -18.05 -5.06 -26.16
C ILE E 254 -17.67 -6.22 -27.09
N LYS E 255 -16.83 -5.92 -28.06
CA LYS E 255 -16.37 -6.91 -28.99
C LYS E 255 -15.44 -7.93 -28.33
N PRO E 256 -15.63 -9.23 -28.56
CA PRO E 256 -14.69 -10.22 -28.06
C PRO E 256 -13.27 -9.92 -28.57
N GLY E 257 -12.31 -10.10 -27.67
CA GLY E 257 -10.94 -9.76 -27.95
C GLY E 257 -10.14 -10.81 -28.74
N ASP E 258 -8.99 -10.42 -29.21
CA ASP E 258 -8.08 -11.25 -30.01
C ASP E 258 -7.85 -12.56 -29.29
N PRO E 259 -7.90 -13.70 -30.00
CA PRO E 259 -7.63 -14.99 -29.39
C PRO E 259 -6.29 -15.11 -28.69
N ARG E 260 -5.30 -14.28 -29.04
CA ARG E 260 -4.03 -14.31 -28.33
C ARG E 260 -4.17 -13.91 -26.86
N LEU E 261 -5.31 -13.36 -26.48
CA LEU E 261 -5.56 -13.01 -25.08
C LEU E 261 -6.18 -14.15 -24.31
N HIS E 262 -6.67 -15.16 -25.02
CA HIS E 262 -7.25 -16.33 -24.38
C HIS E 262 -8.39 -15.96 -23.45
N ASN E 263 -9.26 -15.07 -23.92
CA ASN E 263 -10.40 -14.59 -23.16
C ASN E 263 -11.58 -15.56 -23.27
N HIS E 264 -11.44 -16.73 -22.64
CA HIS E 264 -12.44 -17.78 -22.79
C HIS E 264 -13.60 -17.51 -21.83
N GLN E 265 -14.70 -17.01 -22.38
CA GLN E 265 -15.81 -16.50 -21.59
C GLN E 265 -17.10 -17.25 -21.83
N GLY E 266 -17.02 -18.35 -22.57
CA GLY E 266 -18.20 -19.12 -22.89
C GLY E 266 -18.86 -18.67 -24.18
N MET F 1 -27.32 -0.28 -14.40
CA MET F 1 -27.67 0.68 -13.33
C MET F 1 -28.19 -0.11 -12.11
N PHE F 2 -28.08 0.48 -10.92
CA PHE F 2 -28.57 -0.12 -9.71
C PHE F 2 -29.65 0.71 -9.01
N LYS F 3 -30.45 0.02 -8.21
CA LYS F 3 -31.38 0.64 -7.30
C LYS F 3 -31.24 0.00 -5.95
N HIS F 4 -31.64 0.75 -4.93
CA HIS F 4 -31.44 0.32 -3.56
C HIS F 4 -32.73 0.39 -2.75
N THR F 5 -32.90 -0.59 -1.89
CA THR F 5 -33.93 -0.56 -0.86
C THR F 5 -33.27 -0.54 0.50
N ARG F 6 -33.84 0.20 1.44
CA ARG F 6 -33.30 0.28 2.78
C ARG F 6 -33.39 -1.05 3.54
N LYS F 7 -34.27 -1.94 3.10
CA LYS F 7 -34.40 -3.21 3.76
C LYS F 7 -33.21 -4.10 3.43
N LEU F 8 -32.63 -4.65 4.48
CA LEU F 8 -31.51 -5.57 4.34
C LEU F 8 -31.93 -6.86 3.68
N GLN F 9 -30.98 -7.51 2.99
CA GLN F 9 -31.29 -8.80 2.39
C GLN F 9 -31.74 -9.81 3.46
N TYR F 10 -31.04 -9.79 4.58
CA TYR F 10 -31.35 -10.68 5.68
C TYR F 10 -30.92 -10.00 6.97
N ASN F 11 -31.42 -10.49 8.10
CA ASN F 11 -31.12 -9.93 9.41
C ASN F 11 -29.64 -9.68 9.61
N ALA F 12 -29.28 -8.48 10.10
CA ALA F 12 -27.90 -8.17 10.44
C ALA F 12 -27.85 -7.41 11.75
N LYS F 13 -28.56 -7.91 12.75
CA LYS F 13 -28.59 -7.22 14.03
C LYS F 13 -28.21 -8.17 15.12
N PRO F 14 -27.29 -7.78 15.98
CA PRO F 14 -26.90 -8.66 17.07
C PRO F 14 -27.79 -8.54 18.27
N ASP F 15 -27.75 -9.52 19.14
CA ASP F 15 -28.55 -9.42 20.37
C ASP F 15 -27.92 -8.44 21.36
N ARG F 16 -26.61 -8.31 21.31
CA ARG F 16 -25.92 -7.40 22.21
C ARG F 16 -24.72 -6.79 21.51
N SER F 17 -24.23 -5.69 22.06
CA SER F 17 -23.06 -5.07 21.52
C SER F 17 -21.81 -5.88 21.86
N ASP F 18 -20.78 -5.72 21.03
CA ASP F 18 -19.50 -6.41 21.24
C ASP F 18 -18.48 -5.83 20.26
N PRO F 19 -17.68 -4.88 20.72
CA PRO F 19 -16.75 -4.18 19.82
C PRO F 19 -15.57 -5.04 19.40
N ILE F 20 -15.31 -6.12 20.11
CA ILE F 20 -14.25 -7.05 19.74
C ILE F 20 -14.71 -7.89 18.53
N MET F 21 -15.94 -8.33 18.58
CA MET F 21 -16.56 -9.00 17.44
C MET F 21 -16.69 -8.03 16.26
N ALA F 22 -17.01 -6.77 16.52
CA ALA F 22 -17.03 -5.77 15.44
C ALA F 22 -15.68 -5.73 14.72
N ARG F 23 -14.60 -5.71 15.49
CA ARG F 23 -13.29 -5.72 14.89
C ARG F 23 -13.08 -6.99 14.06
N ARG F 24 -13.48 -8.14 14.57
CA ARG F 24 -13.29 -9.39 13.79
C ARG F 24 -14.06 -9.33 12.47
N LEU F 25 -15.27 -8.80 12.51
CA LEU F 25 -16.11 -8.75 11.33
C LEU F 25 -15.60 -7.77 10.29
N GLN F 26 -14.65 -6.92 10.66
CA GLN F 26 -14.03 -6.08 9.65
C GLN F 26 -13.34 -6.95 8.59
N GLU F 27 -12.96 -8.18 8.94
CA GLU F 27 -12.35 -9.06 7.97
C GLU F 27 -13.34 -9.30 6.83
N SER F 28 -14.61 -9.51 7.17
CA SER F 28 -15.64 -9.76 6.17
C SER F 28 -16.04 -8.56 5.36
N LEU F 29 -15.71 -7.38 5.88
CA LEU F 29 -16.04 -6.13 5.17
C LEU F 29 -14.87 -5.68 4.31
N GLY F 30 -13.74 -5.40 4.96
CA GLY F 30 -12.56 -4.89 4.28
C GLY F 30 -11.39 -5.81 4.06
N GLY F 31 -11.55 -7.10 4.36
CA GLY F 31 -10.45 -8.02 4.23
C GLY F 31 -10.29 -8.60 2.85
N GLN F 32 -9.16 -9.27 2.71
CA GLN F 32 -8.71 -9.89 1.47
C GLN F 32 -9.79 -10.69 0.78
N TRP F 33 -10.46 -11.57 1.54
CA TRP F 33 -11.48 -12.45 0.99
C TRP F 33 -12.91 -12.08 1.36
N GLY F 34 -13.10 -10.84 1.82
CA GLY F 34 -14.37 -10.35 2.27
C GLY F 34 -15.35 -9.97 1.19
N GLU F 35 -16.47 -9.42 1.64
CA GLU F 35 -17.61 -9.19 0.76
C GLU F 35 -17.30 -8.12 -0.29
N THR F 36 -16.48 -7.15 0.05
CA THR F 36 -16.09 -6.12 -0.92
C THR F 36 -15.28 -6.76 -2.06
N THR F 37 -14.41 -7.69 -1.71
CA THR F 37 -13.68 -8.43 -2.74
C THR F 37 -14.63 -9.19 -3.66
N GLY F 38 -15.62 -9.87 -3.08
CA GLY F 38 -16.59 -10.56 -3.92
C GLY F 38 -17.34 -9.60 -4.82
N MET F 39 -17.90 -8.56 -4.20
CA MET F 39 -18.64 -7.55 -4.95
C MET F 39 -17.84 -7.01 -6.13
N MET F 40 -16.62 -6.55 -5.89
CA MET F 40 -15.86 -5.92 -6.95
C MET F 40 -15.33 -6.89 -7.98
N SER F 41 -14.99 -8.08 -7.54
CA SER F 41 -14.55 -9.13 -8.49
C SER F 41 -15.69 -9.57 -9.41
N PHE F 42 -16.84 -9.91 -8.83
CA PHE F 42 -17.90 -10.45 -9.67
C PHE F 42 -18.48 -9.37 -10.59
N LEU F 43 -18.64 -8.16 -10.08
CA LEU F 43 -19.09 -7.07 -10.95
C LEU F 43 -18.10 -6.74 -12.06
N SER F 44 -16.82 -6.62 -11.73
CA SER F 44 -15.84 -6.32 -12.77
C SER F 44 -15.76 -7.42 -13.83
N GLN F 45 -15.77 -8.68 -13.42
CA GLN F 45 -15.77 -9.78 -14.36
C GLN F 45 -17.05 -9.75 -15.20
N GLY F 46 -18.18 -9.50 -14.54
CA GLY F 46 -19.47 -9.45 -15.22
C GLY F 46 -19.50 -8.37 -16.27
N TRP F 47 -18.98 -7.20 -15.94
CA TRP F 47 -18.97 -6.09 -16.89
C TRP F 47 -18.01 -6.37 -18.02
N ALA F 48 -16.93 -7.10 -17.75
CA ALA F 48 -15.94 -7.42 -18.77
C ALA F 48 -16.34 -8.54 -19.73
N SER F 49 -17.27 -9.40 -19.35
CA SER F 49 -17.59 -10.53 -20.21
C SER F 49 -18.28 -10.14 -21.51
N THR F 50 -17.79 -10.74 -22.58
CA THR F 50 -18.40 -10.65 -23.90
C THR F 50 -18.94 -11.99 -24.33
N GLY F 51 -19.00 -12.93 -23.40
CA GLY F 51 -19.33 -14.31 -23.69
C GLY F 51 -20.72 -14.71 -23.33
N ALA F 52 -20.87 -15.97 -22.98
CA ALA F 52 -22.17 -16.53 -22.70
C ALA F 52 -22.93 -15.77 -21.65
N GLU F 53 -24.18 -15.47 -21.96
CA GLU F 53 -25.03 -14.78 -21.00
C GLU F 53 -25.24 -15.55 -19.73
N LYS F 54 -25.21 -16.86 -19.79
CA LYS F 54 -25.40 -17.68 -18.59
C LYS F 54 -24.42 -17.23 -17.51
N TYR F 55 -23.17 -17.03 -17.89
CA TYR F 55 -22.13 -16.67 -16.92
C TYR F 55 -22.05 -15.17 -16.68
N LYS F 56 -22.24 -14.35 -17.71
CA LYS F 56 -22.22 -12.91 -17.51
C LYS F 56 -23.32 -12.51 -16.53
N ASP F 57 -24.51 -13.05 -16.74
CA ASP F 57 -25.63 -12.78 -15.83
C ASP F 57 -25.35 -13.36 -14.44
N LEU F 58 -24.84 -14.57 -14.35
CA LEU F 58 -24.50 -15.11 -13.04
C LEU F 58 -23.58 -14.17 -12.27
N LEU F 59 -22.56 -13.65 -12.93
CA LEU F 59 -21.61 -12.77 -12.24
C LEU F 59 -22.28 -11.48 -11.78
N LEU F 60 -23.15 -10.91 -12.60
CA LEU F 60 -23.77 -9.67 -12.21
C LEU F 60 -24.84 -9.91 -11.14
N ASP F 61 -25.53 -11.04 -11.23
CA ASP F 61 -26.46 -11.42 -10.18
C ASP F 61 -25.68 -11.47 -8.83
N THR F 62 -24.55 -12.16 -8.83
CA THR F 62 -23.85 -12.43 -7.60
C THR F 62 -23.14 -11.20 -7.07
N GLY F 63 -22.51 -10.44 -7.97
CA GLY F 63 -21.88 -9.19 -7.53
C GLY F 63 -22.86 -8.25 -6.90
N THR F 64 -24.05 -8.19 -7.46
CA THR F 64 -25.09 -7.35 -6.89
C THR F 64 -25.52 -7.88 -5.51
N GLU F 65 -25.69 -9.19 -5.39
CA GLU F 65 -25.96 -9.78 -4.08
C GLU F 65 -24.87 -9.41 -3.09
N GLU F 66 -23.61 -9.50 -3.50
CA GLU F 66 -22.53 -9.21 -2.55
C GLU F 66 -22.62 -7.80 -2.02
N MET F 67 -23.12 -6.87 -2.82
CA MET F 67 -23.31 -5.51 -2.31
C MET F 67 -24.28 -5.51 -1.13
N ALA F 68 -25.29 -6.38 -1.18
CA ALA F 68 -26.19 -6.53 -0.03
C ALA F 68 -25.44 -7.05 1.17
N HIS F 69 -24.47 -7.93 0.95
CA HIS F 69 -23.70 -8.45 2.06
C HIS F 69 -22.75 -7.41 2.65
N VAL F 70 -22.15 -6.59 1.79
CA VAL F 70 -21.36 -5.46 2.27
C VAL F 70 -22.23 -4.61 3.20
N GLU F 71 -23.46 -4.33 2.78
CA GLU F 71 -24.38 -3.52 3.56
C GLU F 71 -24.66 -4.20 4.91
N MET F 72 -24.93 -5.50 4.87
CA MET F 72 -25.19 -6.26 6.09
C MET F 72 -24.02 -6.23 7.07
N ILE F 73 -22.81 -6.49 6.57
CA ILE F 73 -21.67 -6.49 7.48
C ILE F 73 -21.43 -5.09 8.07
N SER F 74 -21.56 -4.06 7.23
CA SER F 74 -21.40 -2.70 7.70
C SER F 74 -22.42 -2.39 8.81
N THR F 75 -23.63 -2.86 8.62
CA THR F 75 -24.71 -2.63 9.58
C THR F 75 -24.45 -3.38 10.87
N MET F 76 -24.10 -4.64 10.77
CA MET F 76 -23.80 -5.45 11.94
C MET F 76 -22.68 -4.80 12.74
N ILE F 77 -21.61 -4.33 12.08
CA ILE F 77 -20.53 -3.73 12.80
C ILE F 77 -21.02 -2.49 13.52
N GLY F 78 -21.85 -1.66 12.88
CA GLY F 78 -22.37 -0.47 13.55
C GLY F 78 -23.17 -0.82 14.81
N TYR F 79 -24.00 -1.83 14.71
CA TYR F 79 -24.75 -2.27 15.88
C TYR F 79 -23.77 -2.77 16.96
N LEU F 80 -22.80 -3.58 16.55
CA LEU F 80 -21.86 -4.13 17.52
C LEU F 80 -21.04 -3.09 18.25
N LEU F 81 -20.84 -1.92 17.64
CA LEU F 81 -20.06 -0.85 18.22
C LEU F 81 -20.89 0.09 19.09
N GLU F 82 -22.19 -0.17 19.25
CA GLU F 82 -22.97 0.67 20.14
C GLU F 82 -22.40 0.62 21.56
N ASP F 83 -22.26 1.80 22.16
CA ASP F 83 -21.84 1.92 23.54
C ASP F 83 -20.44 1.41 23.82
N ALA F 84 -19.62 1.23 22.79
CA ALA F 84 -18.27 0.73 23.00
C ALA F 84 -17.44 1.72 23.80
N PRO F 85 -16.54 1.22 24.62
CA PRO F 85 -15.74 2.13 25.44
C PRO F 85 -14.62 2.79 24.65
N PHE F 86 -14.34 4.05 24.97
CA PHE F 86 -13.29 4.74 24.29
C PHE F 86 -12.53 5.79 25.10
N GLY F 87 -12.90 6.04 26.34
CA GLY F 87 -12.19 7.04 27.11
C GLY F 87 -12.40 6.91 28.60
N PRO F 88 -11.80 7.84 29.34
CA PRO F 88 -11.88 7.79 30.81
C PRO F 88 -13.27 7.67 31.40
N GLU F 89 -14.27 8.28 30.81
CA GLU F 89 -15.61 8.17 31.38
C GLU F 89 -16.08 6.72 31.41
N ASP F 90 -15.72 5.97 30.37
CA ASP F 90 -16.10 4.59 30.32
C ASP F 90 -15.40 3.79 31.38
N LEU F 91 -14.12 4.09 31.63
CA LEU F 91 -13.40 3.36 32.65
C LEU F 91 -13.91 3.73 34.05
N LYS F 92 -14.44 4.93 34.23
CA LYS F 92 -15.02 5.32 35.52
C LYS F 92 -16.25 4.45 35.77
N ARG F 93 -17.04 4.19 34.73
CA ARG F 93 -18.22 3.35 34.81
C ARG F 93 -17.87 1.89 35.12
N ASP F 94 -16.81 1.38 34.51
CA ASP F 94 -16.41 -0.01 34.69
C ASP F 94 -14.94 -0.16 34.32
N PRO F 95 -14.04 -0.14 35.29
CA PRO F 95 -12.61 -0.22 34.99
C PRO F 95 -12.21 -1.44 34.18
N SER F 96 -12.98 -2.52 34.24
CA SER F 96 -12.66 -3.71 33.47
C SER F 96 -12.79 -3.48 31.96
N LEU F 97 -13.43 -2.39 31.57
CA LEU F 97 -13.57 -2.04 30.15
C LEU F 97 -12.19 -1.74 29.54
N ALA F 98 -11.15 -1.57 30.35
CA ALA F 98 -9.82 -1.37 29.78
C ALA F 98 -9.43 -2.56 28.90
N THR F 99 -9.86 -3.77 29.28
CA THR F 99 -9.54 -4.97 28.52
C THR F 99 -10.20 -4.90 27.15
N THR F 100 -11.48 -4.52 27.16
CA THR F 100 -12.21 -4.32 25.92
C THR F 100 -11.54 -3.26 25.08
N MET F 101 -11.21 -2.11 25.67
CA MET F 101 -10.57 -1.09 24.92
C MET F 101 -9.27 -1.58 24.27
N ALA F 102 -8.48 -2.35 25.02
CA ALA F 102 -7.20 -2.79 24.52
C ALA F 102 -7.36 -3.64 23.27
N GLY F 103 -8.44 -4.40 23.18
CA GLY F 103 -8.67 -5.25 22.05
C GLY F 103 -9.39 -4.62 20.87
N MET F 104 -9.87 -3.40 21.03
CA MET F 104 -10.59 -2.72 19.97
C MET F 104 -9.65 -2.13 18.91
N ASP F 105 -10.22 -1.83 17.78
CA ASP F 105 -9.52 -1.02 16.79
C ASP F 105 -9.62 0.44 17.20
N PRO F 106 -8.50 1.08 17.54
CA PRO F 106 -8.52 2.47 18.00
C PRO F 106 -9.24 3.41 17.06
N GLU F 107 -9.22 3.06 15.78
CA GLU F 107 -9.81 3.97 14.80
C GLU F 107 -11.34 3.84 14.72
N HIS F 108 -11.90 2.76 15.26
CA HIS F 108 -13.33 2.64 15.24
C HIS F 108 -13.98 3.88 15.87
N SER F 109 -13.48 4.26 17.05
CA SER F 109 -13.94 5.46 17.74
C SER F 109 -13.38 6.74 17.16
N LEU F 110 -12.05 6.80 17.08
CA LEU F 110 -11.37 8.04 16.78
C LEU F 110 -11.66 8.56 15.36
N VAL F 111 -11.59 7.63 14.39
CA VAL F 111 -11.77 8.01 12.99
C VAL F 111 -13.21 7.99 12.55
N HIS F 112 -13.93 6.96 12.95
CA HIS F 112 -15.26 6.68 12.43
C HIS F 112 -16.43 6.94 13.35
N GLY F 113 -16.16 7.39 14.55
CA GLY F 113 -17.25 7.68 15.48
C GLY F 113 -18.05 6.45 15.90
N LEU F 114 -17.35 5.36 16.10
CA LEU F 114 -17.90 4.05 16.42
C LEU F 114 -18.80 3.53 15.32
N ASN F 115 -18.22 3.54 14.13
CA ASN F 115 -18.86 2.98 12.93
C ASN F 115 -17.82 2.16 12.19
N ALA F 116 -18.29 1.39 11.24
CA ALA F 116 -17.43 0.51 10.45
C ALA F 116 -16.40 1.29 9.65
N SER F 117 -15.25 0.64 9.45
CA SER F 117 -14.23 1.09 8.51
C SER F 117 -14.33 0.23 7.26
N LEU F 118 -13.56 0.56 6.24
CA LEU F 118 -13.41 -0.30 5.08
C LEU F 118 -12.02 -0.97 5.12
N ASN F 119 -11.53 -1.21 6.33
CA ASN F 119 -10.29 -1.89 6.58
C ASN F 119 -10.55 -3.29 7.13
N ASN F 120 -9.49 -4.09 7.21
CA ASN F 120 -9.55 -5.36 7.89
C ASN F 120 -9.40 -5.14 9.42
N PRO F 121 -9.39 -6.19 10.22
CA PRO F 121 -9.30 -6.00 11.67
C PRO F 121 -8.07 -5.27 12.12
N ASN F 122 -7.03 -5.26 11.29
CA ASN F 122 -5.79 -4.58 11.66
C ASN F 122 -5.60 -3.25 11.02
N GLY F 123 -6.67 -2.71 10.45
CA GLY F 123 -6.61 -1.37 9.88
C GLY F 123 -5.98 -1.32 8.51
N ALA F 124 -5.74 -2.48 7.89
CA ALA F 124 -5.19 -2.47 6.54
C ALA F 124 -6.32 -2.20 5.57
N ALA F 125 -6.17 -1.16 4.75
CA ALA F 125 -7.24 -0.76 3.87
C ALA F 125 -7.55 -1.83 2.83
N TRP F 126 -8.83 -2.02 2.54
CA TRP F 126 -9.19 -2.85 1.40
C TRP F 126 -8.57 -2.24 0.18
N ASN F 127 -8.09 -3.07 -0.72
CA ASN F 127 -7.51 -2.54 -1.94
C ASN F 127 -7.82 -3.45 -3.12
N ALA F 128 -7.72 -2.86 -4.30
CA ALA F 128 -8.06 -3.60 -5.52
C ALA F 128 -7.11 -4.71 -5.86
N GLY F 129 -5.96 -4.77 -5.21
CA GLY F 129 -5.10 -5.89 -5.43
C GLY F 129 -5.74 -7.20 -4.99
N TYR F 130 -6.82 -7.13 -4.21
CA TYR F 130 -7.54 -8.33 -3.79
C TYR F 130 -8.41 -8.90 -4.89
N VAL F 131 -8.66 -8.10 -5.92
CA VAL F 131 -9.61 -8.42 -6.96
C VAL F 131 -8.97 -9.03 -8.20
N THR F 132 -9.62 -10.04 -8.76
CA THR F 132 -9.19 -10.65 -10.02
C THR F 132 -10.33 -10.56 -11.06
N SER F 133 -9.97 -10.02 -12.21
CA SER F 133 -10.80 -10.07 -13.41
C SER F 133 -9.80 -10.13 -14.56
N SER F 134 -9.63 -11.32 -15.13
CA SER F 134 -8.57 -11.56 -16.09
C SER F 134 -8.98 -11.58 -17.54
N GLY F 135 -10.28 -11.72 -17.79
CA GLY F 135 -10.79 -11.93 -19.12
C GLY F 135 -11.04 -13.38 -19.47
N ASN F 136 -10.46 -14.28 -18.69
CA ASN F 136 -10.65 -15.71 -18.90
C ASN F 136 -11.51 -16.28 -17.77
N LEU F 137 -12.72 -16.75 -18.09
CA LEU F 137 -13.63 -17.20 -17.05
C LEU F 137 -13.39 -18.60 -16.55
N VAL F 138 -12.62 -19.41 -17.26
CA VAL F 138 -12.23 -20.67 -16.71
C VAL F 138 -11.38 -20.39 -15.49
N ALA F 139 -10.42 -19.48 -15.66
CA ALA F 139 -9.59 -19.04 -14.55
C ALA F 139 -10.42 -18.31 -13.51
N ASP F 140 -11.25 -17.38 -13.94
CA ASP F 140 -11.92 -16.54 -12.97
C ASP F 140 -13.03 -17.25 -12.21
N MET F 141 -13.69 -18.24 -12.81
CA MET F 141 -14.66 -19.02 -12.04
C MET F 141 -13.93 -19.81 -10.98
N ARG F 142 -12.73 -20.31 -11.28
CA ARG F 142 -11.93 -20.94 -10.24
C ARG F 142 -11.66 -19.96 -9.11
N PHE F 143 -11.30 -18.73 -9.48
CA PHE F 143 -11.05 -17.71 -8.48
C PHE F 143 -12.32 -17.48 -7.65
N ASN F 144 -13.47 -17.43 -8.32
CA ASN F 144 -14.71 -17.16 -7.62
C ASN F 144 -15.05 -18.25 -6.61
N VAL F 145 -14.78 -19.48 -6.99
CA VAL F 145 -14.96 -20.58 -6.05
C VAL F 145 -14.05 -20.37 -4.83
N VAL F 146 -12.80 -20.01 -5.10
CA VAL F 146 -11.86 -19.74 -4.01
C VAL F 146 -12.34 -18.61 -3.11
N ARG F 147 -12.79 -17.52 -3.71
CA ARG F 147 -13.29 -16.40 -2.93
C ARG F 147 -14.37 -16.87 -1.96
N GLU F 148 -15.31 -17.63 -2.48
CA GLU F 148 -16.43 -18.09 -1.66
C GLU F 148 -16.00 -19.15 -0.64
N SER F 149 -14.94 -19.89 -0.95
CA SER F 149 -14.39 -20.93 -0.06
C SER F 149 -13.63 -20.30 1.10
N GLU F 150 -12.77 -19.34 0.82
CA GLU F 150 -12.06 -18.64 1.87
C GLU F 150 -13.04 -17.84 2.73
N ALA F 151 -14.02 -17.19 2.10
CA ALA F 151 -14.99 -16.44 2.85
C ALA F 151 -15.78 -17.35 3.76
N ARG F 152 -16.24 -18.47 3.23
CA ARG F 152 -17.06 -19.35 4.06
C ARG F 152 -16.24 -19.93 5.20
N LEU F 153 -14.97 -20.17 4.97
CA LEU F 153 -14.09 -20.61 6.05
C LEU F 153 -14.03 -19.55 7.14
N GLN F 154 -13.92 -18.30 6.74
CA GLN F 154 -13.80 -17.22 7.73
C GLN F 154 -15.14 -17.06 8.48
N VAL F 155 -16.26 -17.15 7.76
CA VAL F 155 -17.55 -17.03 8.39
C VAL F 155 -17.74 -18.16 9.36
N SER F 156 -17.28 -19.34 8.99
CA SER F 156 -17.40 -20.50 9.87
C SER F 156 -16.58 -20.26 11.15
N ARG F 157 -15.39 -19.71 11.01
CA ARG F 157 -14.58 -19.37 12.18
C ARG F 157 -15.29 -18.34 13.05
N LEU F 158 -15.81 -17.30 12.39
CA LEU F 158 -16.53 -16.29 13.13
C LEU F 158 -17.69 -16.84 13.96
N TYR F 159 -18.34 -17.86 13.44
CA TYR F 159 -19.45 -18.49 14.16
C TYR F 159 -19.01 -19.02 15.53
N SER F 160 -17.76 -19.48 15.61
CA SER F 160 -17.19 -20.00 16.84
C SER F 160 -16.49 -18.92 17.68
N MET F 161 -16.58 -17.68 17.21
CA MET F 161 -15.95 -16.55 17.91
C MET F 161 -16.95 -15.65 18.62
N THR F 162 -18.20 -16.10 18.63
CA THR F 162 -19.28 -15.39 19.32
C THR F 162 -20.29 -16.41 19.80
N GLU F 163 -21.05 -16.04 20.81
CA GLU F 163 -22.22 -16.79 21.26
C GLU F 163 -23.49 -15.99 21.03
N ASP F 164 -23.37 -14.85 20.37
CA ASP F 164 -24.52 -14.01 20.12
C ASP F 164 -25.39 -14.61 19.03
N GLU F 165 -26.64 -14.95 19.38
CA GLU F 165 -27.47 -15.65 18.42
C GLU F 165 -27.97 -14.76 17.27
N GLY F 166 -28.02 -13.45 17.49
CA GLY F 166 -28.31 -12.52 16.43
C GLY F 166 -27.16 -12.46 15.43
N VAL F 167 -25.94 -12.34 15.93
CA VAL F 167 -24.78 -12.42 15.04
C VAL F 167 -24.80 -13.76 14.28
N ARG F 168 -25.04 -14.85 15.01
CA ARG F 168 -25.01 -16.16 14.39
C ARG F 168 -26.13 -16.32 13.37
N ASP F 169 -27.29 -15.72 13.61
CA ASP F 169 -28.34 -15.80 12.60
C ASP F 169 -27.83 -15.24 11.25
N MET F 170 -27.20 -14.07 11.27
CA MET F 170 -26.64 -13.50 10.07
C MET F 170 -25.60 -14.42 9.47
N LEU F 171 -24.70 -14.92 10.30
CA LEU F 171 -23.65 -15.82 9.80
C LEU F 171 -24.22 -17.07 9.15
N LYS F 172 -25.27 -17.63 9.74
CA LYS F 172 -25.87 -18.84 9.19
C LYS F 172 -26.46 -18.60 7.81
N PHE F 173 -27.01 -17.39 7.60
CA PHE F 173 -27.51 -17.04 6.28
C PHE F 173 -26.37 -16.93 5.27
N LEU F 174 -25.30 -16.24 5.68
CA LEU F 174 -24.15 -16.06 4.79
C LEU F 174 -23.49 -17.41 4.48
N LEU F 175 -23.43 -18.31 5.44
CA LEU F 175 -22.88 -19.66 5.18
C LEU F 175 -23.67 -20.30 4.04
N ALA F 176 -25.00 -20.21 4.12
CA ALA F 176 -25.84 -20.81 3.09
C ALA F 176 -25.61 -20.15 1.75
N ARG F 177 -25.60 -18.82 1.71
CA ARG F 177 -25.39 -18.14 0.43
C ARG F 177 -24.03 -18.47 -0.14
N GLU F 178 -23.04 -18.63 0.72
CA GLU F 178 -21.70 -19.01 0.23
C GLU F 178 -21.68 -20.44 -0.27
N THR F 179 -22.51 -21.32 0.29
CA THR F 179 -22.69 -22.65 -0.29
C THR F 179 -23.22 -22.55 -1.71
N GLN F 180 -24.29 -21.78 -1.87
CA GLN F 180 -24.85 -21.61 -3.19
C GLN F 180 -23.84 -21.03 -4.15
N HIS F 181 -23.12 -20.01 -3.69
CA HIS F 181 -22.17 -19.38 -4.57
C HIS F 181 -21.02 -20.31 -4.95
N GLN F 182 -20.47 -21.04 -3.97
CA GLN F 182 -19.47 -22.05 -4.30
C GLN F 182 -20.02 -23.00 -5.38
N LEU F 183 -21.22 -23.51 -5.17
CA LEU F 183 -21.76 -24.53 -6.09
C LEU F 183 -22.02 -23.96 -7.48
N GLN F 184 -22.66 -22.80 -7.55
CA GLN F 184 -22.93 -22.23 -8.88
C GLN F 184 -21.67 -21.91 -9.65
N PHE F 185 -20.64 -21.42 -8.97
CA PHE F 185 -19.39 -21.14 -9.64
C PHE F 185 -18.68 -22.42 -10.04
N MET F 186 -18.80 -23.46 -9.23
CA MET F 186 -18.24 -24.77 -9.62
C MET F 186 -18.93 -25.32 -10.87
N LYS F 187 -20.24 -25.17 -10.97
CA LYS F 187 -20.95 -25.61 -12.16
C LYS F 187 -20.48 -24.83 -13.38
N ALA F 188 -20.37 -23.51 -13.24
CA ALA F 188 -19.94 -22.69 -14.34
C ALA F 188 -18.55 -23.14 -14.75
N GLN F 189 -17.69 -23.29 -13.75
CA GLN F 189 -16.34 -23.72 -13.97
C GLN F 189 -16.25 -24.98 -14.76
N GLU F 190 -17.03 -25.96 -14.35
CA GLU F 190 -17.01 -27.27 -15.01
C GLU F 190 -17.51 -27.18 -16.45
N GLU F 191 -18.54 -26.39 -16.67
CA GLU F 191 -19.03 -26.26 -18.04
C GLU F 191 -17.98 -25.59 -18.92
N LEU F 192 -17.29 -24.58 -18.38
CA LEU F 192 -16.28 -23.88 -19.14
C LEU F 192 -15.09 -24.78 -19.41
N GLU F 193 -14.76 -25.62 -18.46
CA GLU F 193 -13.66 -26.58 -18.63
C GLU F 193 -14.01 -27.58 -19.73
N GLU F 194 -15.27 -28.00 -19.75
CA GLU F 194 -15.77 -28.95 -20.77
C GLU F 194 -15.64 -28.28 -22.15
N LYS F 195 -15.82 -26.97 -22.24
CA LYS F 195 -15.76 -26.31 -23.52
C LYS F 195 -14.32 -25.99 -23.95
N TYR F 196 -13.51 -25.49 -23.02
CA TYR F 196 -12.21 -24.98 -23.39
C TYR F 196 -11.04 -25.84 -22.99
N GLY F 197 -11.24 -26.70 -22.01
CA GLY F 197 -10.16 -27.54 -21.52
C GLY F 197 -9.95 -27.47 -20.03
N ILE F 198 -9.42 -28.54 -19.47
CA ILE F 198 -9.14 -28.58 -18.03
C ILE F 198 -7.90 -27.75 -17.65
N ILE F 199 -6.96 -27.53 -18.58
CA ILE F 199 -5.81 -26.68 -18.27
C ILE F 199 -6.13 -25.25 -18.78
N VAL F 200 -5.79 -24.24 -17.99
CA VAL F 200 -6.04 -22.87 -18.39
C VAL F 200 -4.76 -22.25 -18.88
N PRO F 201 -4.76 -21.62 -20.04
CA PRO F 201 -5.83 -21.66 -21.05
C PRO F 201 -5.75 -22.98 -21.78
N GLY F 202 -6.84 -23.37 -22.40
CA GLY F 202 -6.91 -24.70 -22.98
C GLY F 202 -6.32 -24.92 -24.35
N ASP F 203 -5.82 -23.85 -24.94
CA ASP F 203 -5.39 -23.87 -26.33
C ASP F 203 -3.88 -23.64 -26.49
N MET F 204 -3.11 -24.20 -25.56
CA MET F 204 -1.65 -24.06 -25.58
C MET F 204 -0.93 -25.39 -25.47
N LYS F 205 -1.65 -26.50 -25.60
CA LYS F 205 -1.03 -27.81 -25.40
C LYS F 205 0.08 -28.10 -26.41
N GLU F 206 -0.10 -27.61 -27.64
CA GLU F 206 0.89 -27.86 -28.67
C GLU F 206 2.06 -26.87 -28.64
N ILE F 207 1.99 -25.88 -27.76
CA ILE F 207 3.05 -24.90 -27.64
C ILE F 207 3.97 -25.24 -26.45
N GLU F 208 3.38 -25.67 -25.33
CA GLU F 208 4.19 -25.94 -24.14
C GLU F 208 5.18 -27.09 -24.37
N HIS F 209 6.24 -27.12 -23.57
CA HIS F 209 7.21 -28.22 -23.63
C HIS F 209 6.62 -29.42 -22.87
N SER F 210 5.92 -30.27 -23.61
CA SER F 210 5.13 -31.36 -23.04
C SER F 210 5.87 -32.30 -22.14
N GLU F 211 7.16 -32.47 -22.39
CA GLU F 211 7.94 -33.44 -21.64
C GLU F 211 7.92 -33.13 -20.15
N PHE F 212 7.73 -31.85 -19.78
CA PHE F 212 7.73 -31.48 -18.38
C PHE F 212 6.34 -31.24 -17.80
N SER F 213 5.31 -31.52 -18.56
CA SER F 213 3.95 -31.17 -18.14
C SER F 213 3.28 -32.07 -17.13
N HIS F 214 3.81 -33.28 -16.93
CA HIS F 214 3.19 -34.24 -16.03
C HIS F 214 4.20 -34.86 -15.05
N VAL F 215 5.33 -34.17 -14.85
CA VAL F 215 6.38 -34.63 -13.96
C VAL F 215 6.32 -33.93 -12.61
N LEU F 216 6.07 -34.72 -11.57
CA LEU F 216 6.14 -34.23 -10.19
C LEU F 216 7.60 -34.11 -9.83
N MET F 217 8.07 -32.89 -9.52
CA MET F 217 9.48 -32.66 -9.25
C MET F 217 9.72 -32.45 -7.76
N ASN F 218 10.51 -33.35 -7.20
CA ASN F 218 10.80 -33.43 -5.78
C ASN F 218 11.86 -32.50 -5.28
N PHE F 219 11.50 -31.24 -5.06
CA PHE F 219 12.47 -30.25 -4.63
C PHE F 219 12.72 -30.19 -3.15
N SER F 220 11.83 -30.78 -2.35
CA SER F 220 11.98 -30.87 -0.90
C SER F 220 12.18 -32.31 -0.53
N ASP F 221 12.99 -32.57 0.49
CA ASP F 221 13.41 -33.96 0.75
C ASP F 221 12.43 -34.89 1.40
N GLY F 222 11.25 -34.41 1.76
CA GLY F 222 10.21 -35.32 2.15
C GLY F 222 9.75 -36.18 0.97
N ASP F 223 9.24 -37.37 1.25
CA ASP F 223 8.76 -38.21 0.16
C ASP F 223 7.27 -38.35 0.05
N GLY F 224 6.53 -37.51 0.74
CA GLY F 224 5.11 -37.58 0.70
C GLY F 224 4.54 -37.45 -0.70
N SER F 225 5.12 -36.59 -1.51
CA SER F 225 4.55 -36.36 -2.83
C SER F 225 4.73 -37.50 -3.80
N LYS F 226 5.58 -38.46 -3.45
CA LYS F 226 5.73 -39.63 -4.31
C LYS F 226 4.43 -40.40 -4.44
N ALA F 227 3.49 -40.19 -3.52
CA ALA F 227 2.19 -40.83 -3.63
C ALA F 227 1.41 -40.44 -4.86
N PHE F 228 1.75 -39.30 -5.45
CA PHE F 228 1.10 -38.91 -6.68
C PHE F 228 1.59 -39.72 -7.88
N GLU F 229 2.77 -40.31 -7.76
CA GLU F 229 3.35 -41.06 -8.90
C GLU F 229 2.43 -42.14 -9.40
N GLY F 230 2.15 -42.12 -10.68
CA GLY F 230 1.25 -43.11 -11.27
C GLY F 230 -0.23 -42.81 -11.16
N GLN F 231 -0.62 -41.82 -10.36
CA GLN F 231 -2.01 -41.42 -10.35
C GLN F 231 -2.38 -40.76 -11.67
N VAL F 232 -3.63 -40.90 -12.09
CA VAL F 232 -4.10 -40.32 -13.34
C VAL F 232 -4.56 -38.89 -13.06
N ALA F 233 -3.92 -37.95 -13.75
CA ALA F 233 -4.30 -36.55 -13.61
C ALA F 233 -5.64 -36.29 -14.30
N LYS F 234 -6.18 -35.10 -14.06
CA LYS F 234 -7.51 -34.78 -14.54
C LYS F 234 -7.61 -34.75 -16.07
N ASP F 235 -6.50 -34.58 -16.76
CA ASP F 235 -6.51 -34.62 -18.23
C ASP F 235 -6.31 -36.01 -18.78
N GLY F 236 -6.27 -37.02 -17.91
CA GLY F 236 -6.21 -38.41 -18.36
C GLY F 236 -4.83 -39.03 -18.45
N GLU F 237 -3.82 -38.24 -18.25
CA GLU F 237 -2.45 -38.69 -18.30
C GLU F 237 -1.90 -38.86 -16.89
N LYS F 238 -1.08 -39.89 -16.67
CA LYS F 238 -0.51 -40.15 -15.36
C LYS F 238 0.62 -39.20 -15.00
N PHE F 239 0.75 -38.92 -13.71
CA PHE F 239 1.90 -38.21 -13.22
C PHE F 239 3.10 -39.15 -13.20
N THR F 240 4.26 -38.65 -13.59
CA THR F 240 5.51 -39.29 -13.32
C THR F 240 6.16 -38.54 -12.18
N TYR F 241 7.28 -39.06 -11.69
CA TYR F 241 7.91 -38.51 -10.51
C TYR F 241 9.43 -38.45 -10.70
N GLN F 242 10.02 -37.31 -10.38
CA GLN F 242 11.45 -37.15 -10.46
C GLN F 242 12.01 -36.88 -9.07
N GLU F 243 12.71 -37.86 -8.50
CA GLU F 243 13.24 -37.75 -7.15
C GLU F 243 14.30 -36.65 -7.04
N ASN F 244 15.05 -36.46 -8.10
CA ASN F 244 16.13 -35.47 -8.13
C ASN F 244 16.07 -34.54 -9.33
N PRO F 245 15.29 -33.47 -9.20
CA PRO F 245 15.14 -32.52 -10.29
C PRO F 245 16.49 -31.98 -10.76
N GLU F 246 16.59 -31.73 -12.04
CA GLU F 246 17.83 -31.27 -12.63
C GLU F 246 17.78 -29.82 -12.98
N ALA F 247 18.91 -29.16 -12.79
CA ALA F 247 19.09 -27.78 -13.23
C ALA F 247 19.59 -27.85 -14.66
N MET F 248 18.74 -27.46 -15.60
CA MET F 248 19.02 -27.61 -17.02
C MET F 248 19.40 -26.33 -17.74
N GLY F 249 19.36 -25.18 -17.08
CA GLY F 249 19.46 -23.92 -17.81
C GLY F 249 20.78 -23.17 -17.85
N GLY F 250 21.82 -23.76 -17.30
CA GLY F 250 23.10 -23.10 -17.31
C GLY F 250 23.29 -22.01 -16.25
N ILE F 251 24.48 -21.44 -16.19
CA ILE F 251 24.80 -20.39 -15.24
C ILE F 251 24.70 -19.06 -15.97
N PRO F 252 23.79 -18.20 -15.53
CA PRO F 252 23.64 -16.93 -16.22
C PRO F 252 24.83 -16.01 -16.10
N HIS F 253 24.94 -15.14 -17.10
CA HIS F 253 26.07 -14.22 -17.23
C HIS F 253 25.61 -13.01 -18.02
N ILE F 254 25.03 -12.06 -17.33
CA ILE F 254 24.47 -10.88 -17.94
C ILE F 254 25.56 -9.84 -18.20
N LYS F 255 25.42 -9.10 -19.27
CA LYS F 255 26.37 -8.09 -19.67
C LYS F 255 26.37 -6.94 -18.70
N PRO F 256 27.51 -6.51 -18.18
CA PRO F 256 27.51 -5.32 -17.35
C PRO F 256 26.91 -4.10 -18.02
N GLY F 257 26.27 -3.27 -17.23
CA GLY F 257 25.61 -2.06 -17.73
C GLY F 257 26.56 -0.99 -18.16
N ASP F 258 26.00 -0.04 -18.89
CA ASP F 258 26.70 1.13 -19.34
C ASP F 258 27.30 1.86 -18.14
N PRO F 259 28.51 2.38 -18.29
CA PRO F 259 29.13 3.15 -17.20
C PRO F 259 28.32 4.33 -16.65
N ARG F 260 27.43 4.91 -17.45
CA ARG F 260 26.60 6.00 -16.96
C ARG F 260 25.68 5.58 -15.80
N LEU F 261 25.52 4.28 -15.61
CA LEU F 261 24.70 3.77 -14.52
C LEU F 261 25.46 3.67 -13.18
N HIS F 262 26.78 3.70 -13.24
CA HIS F 262 27.62 3.59 -12.05
C HIS F 262 27.35 2.29 -11.28
N ASN F 263 27.27 1.19 -12.02
CA ASN F 263 27.02 -0.11 -11.45
C ASN F 263 28.30 -0.73 -10.96
N HIS F 264 28.84 -0.16 -9.89
CA HIS F 264 30.10 -0.63 -9.34
C HIS F 264 29.90 -1.90 -8.52
N GLN F 265 30.30 -3.03 -9.08
CA GLN F 265 30.01 -4.35 -8.53
C GLN F 265 31.26 -5.17 -8.22
N GLY F 266 32.42 -4.57 -8.36
CA GLY F 266 33.68 -5.24 -8.09
C GLY F 266 34.27 -5.91 -9.31
MN MN3 G . 6.29 -21.08 -11.63
MN MN3 H . 3.80 -23.23 -10.58
CA CA I . 9.37 -34.08 -1.68
O O J . 5.40 -22.96 -11.97
O1 MES K . -17.39 16.63 31.67
C2 MES K . -17.83 15.57 30.85
C3 MES K . -17.91 16.05 29.41
N4 MES K . -18.96 17.09 29.34
C5 MES K . -18.67 18.18 30.31
C6 MES K . -18.33 17.70 31.72
C7 MES K . -19.15 17.75 28.02
C8 MES K . -18.82 16.92 26.78
S MES K . -20.15 16.98 25.55
O1S MES K . -21.36 16.38 26.10
O2S MES K . -20.41 18.36 25.15
O3S MES K . -19.71 16.23 24.37
NA NA L . 23.12 -4.78 -18.03
NA NA M . 11.96 7.00 26.67
MN MN3 N . 18.62 -13.79 9.16
MN MN3 O . 21.40 -12.02 8.07
CA CA P . 29.13 -19.91 -2.22
O O Q . 20.78 -13.58 9.50
MN MN3 R . 18.91 16.24 -0.27
MN MN3 S . 21.11 14.79 2.01
CA CA T . 22.44 23.25 14.43
O O U . 20.89 16.21 0.46
MN MN3 V . -20.31 10.00 -10.41
MN MN3 W . -21.30 12.28 -7.98
CA CA X . -34.34 8.24 -1.66
O O Y . -21.51 11.65 -10.03
MN MN3 Z . -2.15 21.33 12.65
MN MN3 AA . -4.16 23.21 10.56
CA CA BA . 3.44 34.89 4.82
O O CA . -3.30 23.02 12.49
O1 MES DA . 20.64 -7.96 35.89
C2 MES DA . 20.37 -9.34 35.90
C3 MES DA . 19.15 -9.64 36.77
N4 MES DA . 19.31 -9.04 38.11
C5 MES DA . 19.69 -7.62 38.03
C6 MES DA . 20.94 -7.48 37.18
C7 MES DA . 18.18 -9.22 39.05
C8 MES DA . 16.83 -9.64 38.46
S MES DA . 15.61 -8.33 38.59
O1S MES DA . 15.58 -7.83 39.98
O2S MES DA . 16.01 -7.23 37.69
O3S MES DA . 14.27 -8.81 38.23
O1 MES EA . 4.00 12.19 40.47
C2 MES EA . 4.90 11.10 40.37
C3 MES EA . 4.86 10.61 38.90
N4 MES EA . 3.46 10.19 38.61
C5 MES EA . 2.49 11.26 38.82
C6 MES EA . 2.64 11.92 40.18
C7 MES EA . 3.16 9.59 37.31
C8 MES EA . 4.27 8.70 36.79
S MES EA . 3.77 7.93 35.23
O1S MES EA . 2.40 7.44 35.35
O2S MES EA . 3.91 9.00 34.24
O3S MES EA . 4.75 6.87 34.98
MN MN3 FA . -21.40 -12.74 0.43
MN MN3 GA . -20.93 -15.02 -2.08
CA CA HA . -30.18 -12.42 -13.72
O O IA . -22.05 -14.49 -0.44
O1 MES JA . -44.87 -5.34 11.20
C2 MES JA . -43.69 -6.07 11.47
C3 MES JA . -42.51 -5.22 10.98
N4 MES JA . -42.60 -5.09 9.52
C5 MES JA . -43.94 -4.63 9.08
C6 MES JA . -45.11 -5.25 9.82
C7 MES JA . -41.61 -4.22 8.82
C8 MES JA . -40.30 -3.84 9.52
S MES JA . -39.26 -2.75 8.46
O1S MES JA . -39.04 -3.41 7.18
O2S MES JA . -39.99 -1.49 8.22
O3S MES JA . -38.00 -2.55 9.21
O1 MES KA . -22.21 -28.28 21.04
C2 MES KA . -21.59 -28.64 19.83
C3 MES KA . -20.31 -27.84 19.68
N4 MES KA . -20.63 -26.39 19.71
C5 MES KA . -21.46 -25.99 20.86
C6 MES KA . -22.66 -26.95 20.98
C7 MES KA . -19.40 -25.60 19.52
C8 MES KA . -19.47 -24.21 20.14
S MES KA . -18.19 -23.10 19.50
O1S MES KA . -17.12 -23.05 20.51
O2S MES KA . -17.71 -23.63 18.21
O3S MES KA . -18.74 -21.75 19.34
#